data_2BYR
#
_entry.id   2BYR
#
_cell.length_a   67.267
_cell.length_b   135.776
_cell.length_c   147.286
_cell.angle_alpha   90.00
_cell.angle_beta   99.46
_cell.angle_gamma   90.00
#
_symmetry.space_group_name_H-M   'P 1 21 1'
#
loop_
_entity.id
_entity.type
_entity.pdbx_description
1 polymer 'ACETYLCHOLINE-BINDING PROTEIN'
2 non-polymer METHYLLYCACONITINE
3 water water
#
_entity_poly.entity_id   1
_entity_poly.type   'polypeptide(L)'
_entity_poly.pdbx_seq_one_letter_code
;YKDDDDKLHSQANLMRLKSDLFNRSPMYPGPTKDDPLTVTLGFTLQDIVKADSSTNEVDLVYYEQQRWKLNSLMWDPNEY
GNITDFRTSAADIWTPDITAYSSTRPVQVLSPQIAVVTHDGSVMFIPAQRLSFMCDPTGVDSEEGATCAVKFGSWVYSGF
EIDLKTDTDQVDLSSYYASSKYEILSATQTRQVQHYSCCPEPYIDVNLVVKFRERRAGNGFFRNLFD
;
_entity_poly.pdbx_strand_id   A,B,C,D,E,F,G,H,I,J
#
loop_
_chem_comp.id
_chem_comp.type
_chem_comp.name
_chem_comp.formula
MLK non-polymer METHYLLYCACONITINE 'C37 H50 N2 O10'
#
# COMPACT_ATOMS: atom_id res chain seq x y z
N ASP A 4 -43.50 -8.04 44.12
CA ASP A 4 -42.15 -7.40 44.34
C ASP A 4 -41.01 -8.42 44.27
N ASP A 5 -41.10 -9.46 45.10
CA ASP A 5 -40.15 -10.60 45.09
C ASP A 5 -39.61 -10.98 43.71
N ASP A 6 -40.50 -11.05 42.72
CA ASP A 6 -40.13 -11.42 41.36
C ASP A 6 -39.10 -10.44 40.73
N LYS A 7 -39.03 -9.22 41.25
CA LYS A 7 -37.94 -8.28 40.91
C LYS A 7 -36.61 -8.76 41.47
N LEU A 8 -36.64 -9.37 42.65
CA LEU A 8 -35.44 -9.99 43.24
C LEU A 8 -34.92 -11.09 42.31
N HIS A 9 -35.85 -11.86 41.74
CA HIS A 9 -35.49 -12.99 40.88
C HIS A 9 -34.88 -12.54 39.53
N SER A 10 -35.47 -11.52 38.90
CA SER A 10 -34.95 -11.02 37.63
C SER A 10 -33.59 -10.33 37.80
N GLN A 11 -33.38 -9.70 38.97
CA GLN A 11 -32.06 -9.23 39.38
C GLN A 11 -31.09 -10.40 39.46
N ALA A 12 -31.51 -11.41 40.23
CA ALA A 12 -30.69 -12.62 40.41
C ALA A 12 -30.35 -13.24 39.06
N ASN A 13 -31.33 -13.27 38.16
CA ASN A 13 -31.11 -13.83 36.82
C ASN A 13 -30.02 -13.08 36.05
N LEU A 14 -30.09 -11.74 36.06
CA LEU A 14 -29.14 -10.91 35.34
C LEU A 14 -27.75 -10.98 35.97
N MET A 15 -27.71 -10.97 37.30
CA MET A 15 -26.45 -11.17 38.01
C MET A 15 -25.80 -12.48 37.58
N ARG A 16 -26.60 -13.55 37.48
CA ARG A 16 -26.09 -14.86 37.09
C ARG A 16 -25.64 -14.88 35.63
N LEU A 17 -26.42 -14.26 34.76
CA LEU A 17 -26.05 -14.15 33.36
C LEU A 17 -24.70 -13.43 33.17
N LYS A 18 -24.50 -12.33 33.87
CA LYS A 18 -23.25 -11.60 33.76
C LYS A 18 -22.10 -12.44 34.31
N SER A 19 -22.33 -13.08 35.45
CA SER A 19 -21.35 -13.99 36.06
C SER A 19 -20.95 -15.13 35.12
N ASP A 20 -21.94 -15.76 34.49
CA ASP A 20 -21.68 -16.84 33.53
C ASP A 20 -20.83 -16.36 32.36
N LEU A 21 -21.17 -15.20 31.82
CA LEU A 21 -20.48 -14.68 30.64
C LEU A 21 -19.08 -14.17 30.95
N PHE A 22 -18.88 -13.53 32.10
CA PHE A 22 -17.63 -12.81 32.37
C PHE A 22 -16.65 -13.45 33.37
N ASN A 23 -17.15 -14.29 34.27
CA ASN A 23 -16.29 -14.91 35.31
C ASN A 23 -16.18 -16.42 35.23
N ARG A 24 -17.13 -17.04 34.53
CA ARG A 24 -17.19 -18.50 34.40
C ARG A 24 -16.89 -18.85 32.97
N SER A 25 -15.95 -18.09 32.40
CA SER A 25 -15.56 -18.18 31.00
C SER A 25 -14.36 -17.27 30.78
N PRO A 26 -13.35 -17.74 30.01
CA PRO A 26 -12.17 -16.89 29.76
C PRO A 26 -12.46 -15.72 28.81
N MET A 27 -11.72 -14.62 28.96
CA MET A 27 -11.93 -13.40 28.15
C MET A 27 -11.55 -13.63 26.67
N TYR A 28 -12.50 -13.35 25.78
CA TYR A 28 -12.31 -13.45 24.32
C TYR A 28 -11.01 -12.74 23.92
N PRO A 29 -10.07 -13.47 23.31
CA PRO A 29 -8.73 -12.95 23.05
C PRO A 29 -8.64 -12.04 21.83
N GLY A 30 -9.79 -11.70 21.24
CA GLY A 30 -9.81 -10.95 20.00
C GLY A 30 -9.89 -11.90 18.80
N PRO A 31 -10.08 -11.34 17.61
CA PRO A 31 -10.20 -12.14 16.39
C PRO A 31 -8.86 -12.65 15.86
N THR A 32 -8.93 -13.64 14.97
CA THR A 32 -7.77 -14.16 14.29
C THR A 32 -8.12 -14.37 12.83
N LYS A 33 -7.15 -14.79 12.03
CA LYS A 33 -7.40 -15.19 10.65
C LYS A 33 -8.40 -16.35 10.57
N ASP A 34 -8.35 -17.27 11.54
CA ASP A 34 -9.27 -18.41 11.60
C ASP A 34 -10.65 -18.06 12.12
N ASP A 35 -10.73 -16.98 12.89
CA ASP A 35 -11.97 -16.60 13.55
C ASP A 35 -12.15 -15.08 13.39
N PRO A 36 -12.37 -14.63 12.13
CA PRO A 36 -12.51 -13.21 11.85
C PRO A 36 -13.78 -12.59 12.40
N LEU A 37 -13.81 -11.26 12.43
CA LEU A 37 -14.90 -10.50 13.03
C LEU A 37 -15.28 -9.36 12.11
N THR A 38 -16.58 -9.18 11.90
CA THR A 38 -17.09 -8.04 11.17
C THR A 38 -17.53 -7.00 12.18
N VAL A 39 -17.01 -5.79 12.02
CA VAL A 39 -17.42 -4.64 12.82
C VAL A 39 -18.08 -3.64 11.89
N THR A 40 -19.33 -3.30 12.18
CA THR A 40 -20.03 -2.30 11.40
C THR A 40 -19.88 -0.93 12.06
N LEU A 41 -19.53 0.07 11.26
CA LEU A 41 -19.20 1.42 11.73
C LEU A 41 -20.12 2.42 11.08
N GLY A 42 -20.63 3.34 11.88
CA GLY A 42 -21.43 4.47 11.43
C GLY A 42 -21.06 5.71 12.22
N PHE A 43 -21.14 6.87 11.58
CA PHE A 43 -20.85 8.12 12.26
C PHE A 43 -22.08 8.98 12.31
N THR A 44 -22.24 9.67 13.43
CA THR A 44 -23.26 10.66 13.60
C THR A 44 -22.54 11.90 14.06
N LEU A 45 -22.84 13.00 13.41
CA LEU A 45 -22.09 14.22 13.58
C LEU A 45 -22.90 15.23 14.39
N GLN A 46 -22.34 15.68 15.52
CA GLN A 46 -23.00 16.67 16.38
C GLN A 46 -22.61 18.09 16.06
N ASP A 47 -21.31 18.35 15.95
CA ASP A 47 -20.80 19.72 15.91
C ASP A 47 -19.36 19.81 15.43
N ILE A 48 -19.09 20.74 14.53
CA ILE A 48 -17.72 21.17 14.28
C ILE A 48 -17.52 22.33 15.22
N VAL A 49 -16.63 22.15 16.20
CA VAL A 49 -16.46 23.14 17.25
C VAL A 49 -15.53 24.25 16.80
N LYS A 50 -14.43 23.85 16.18
CA LYS A 50 -13.34 24.77 15.91
C LYS A 50 -12.70 24.41 14.59
N ALA A 51 -12.40 25.41 13.77
CA ALA A 51 -11.55 25.25 12.60
C ALA A 51 -10.39 26.22 12.69
N ASP A 52 -9.21 25.68 12.99
CA ASP A 52 -8.01 26.48 13.28
C ASP A 52 -7.08 26.53 12.07
N SER A 53 -7.09 27.65 11.34
CA SER A 53 -6.26 27.79 10.15
C SER A 53 -4.81 28.18 10.45
N SER A 54 -4.48 28.39 11.72
CA SER A 54 -3.10 28.65 12.13
C SER A 54 -2.32 27.34 12.29
N THR A 55 -3.00 26.25 12.66
CA THR A 55 -2.37 24.93 12.77
C THR A 55 -2.93 23.85 11.83
N ASN A 56 -3.99 24.19 11.09
CA ASN A 56 -4.74 23.23 10.27
C ASN A 56 -5.21 22.01 11.08
N GLU A 57 -5.88 22.32 12.18
CA GLU A 57 -6.57 21.34 13.02
C GLU A 57 -8.03 21.74 13.10
N VAL A 58 -8.92 20.74 13.03
CA VAL A 58 -10.34 20.97 13.18
C VAL A 58 -10.86 20.07 14.29
N ASP A 59 -11.74 20.62 15.13
CA ASP A 59 -12.35 19.87 16.23
C ASP A 59 -13.79 19.49 15.96
N LEU A 60 -14.07 18.21 16.15
CA LEU A 60 -15.31 17.56 15.78
C LEU A 60 -15.88 16.82 16.99
N VAL A 61 -17.19 16.93 17.20
CA VAL A 61 -17.91 16.12 18.17
C VAL A 61 -18.87 15.20 17.40
N TYR A 62 -18.84 13.90 17.71
CA TYR A 62 -19.54 12.90 16.94
C TYR A 62 -19.76 11.62 17.74
N TYR A 63 -20.78 10.84 17.36
CA TYR A 63 -21.05 9.51 17.90
C TYR A 63 -20.51 8.53 16.86
N GLU A 64 -19.75 7.56 17.32
CA GLU A 64 -19.21 6.51 16.48
C GLU A 64 -19.92 5.20 16.84
N GLN A 65 -20.86 4.77 16.01
CA GLN A 65 -21.63 3.57 16.31
C GLN A 65 -20.87 2.30 15.89
N GLN A 66 -20.61 1.40 16.84
CA GLN A 66 -19.87 0.17 16.59
C GLN A 66 -20.71 -1.05 16.92
N ARG A 67 -20.86 -1.97 15.96
CA ARG A 67 -21.59 -3.22 16.19
C ARG A 67 -20.76 -4.42 15.75
N TRP A 68 -20.78 -5.46 16.59
CA TRP A 68 -20.19 -6.75 16.23
C TRP A 68 -20.93 -7.87 16.94
N LYS A 69 -20.57 -9.11 16.66
CA LYS A 69 -21.28 -10.25 17.21
C LYS A 69 -20.32 -11.36 17.57
N LEU A 70 -20.45 -11.87 18.79
CA LEU A 70 -19.60 -12.93 19.30
C LEU A 70 -20.44 -14.12 19.74
N ASN A 71 -20.00 -15.32 19.35
CA ASN A 71 -20.66 -16.54 19.81
C ASN A 71 -20.57 -16.70 21.33
N SER A 72 -19.46 -16.25 21.90
CA SER A 72 -19.23 -16.39 23.34
C SER A 72 -20.09 -15.48 24.21
N LEU A 73 -20.81 -14.53 23.61
CA LEU A 73 -21.75 -13.65 24.33
C LEU A 73 -23.19 -14.07 24.11
N MET A 74 -23.40 -15.22 23.50
CA MET A 74 -24.75 -15.77 23.29
C MET A 74 -25.28 -16.42 24.53
N TRP A 75 -26.59 -16.29 24.74
CA TRP A 75 -27.30 -17.08 25.73
C TRP A 75 -28.73 -17.30 25.27
N ASP A 76 -29.38 -18.29 25.89
CA ASP A 76 -30.80 -18.57 25.69
C ASP A 76 -31.60 -17.79 26.75
N PRO A 77 -32.42 -16.81 26.33
CA PRO A 77 -33.25 -16.05 27.28
C PRO A 77 -34.07 -16.92 28.23
N ASN A 78 -34.61 -18.04 27.75
CA ASN A 78 -35.37 -18.96 28.60
C ASN A 78 -34.62 -19.45 29.83
N GLU A 79 -33.30 -19.59 29.70
CA GLU A 79 -32.44 -19.99 30.82
C GLU A 79 -32.23 -18.90 31.86
N TYR A 80 -32.61 -17.66 31.54
CA TYR A 80 -32.26 -16.51 32.38
C TYR A 80 -33.41 -15.53 32.57
N GLY A 81 -34.59 -16.07 32.86
CA GLY A 81 -35.74 -15.23 33.17
C GLY A 81 -36.23 -14.37 32.02
N ASN A 82 -35.98 -14.84 30.80
CA ASN A 82 -36.42 -14.16 29.56
C ASN A 82 -35.74 -12.80 29.32
N ILE A 83 -34.52 -12.66 29.84
CA ILE A 83 -33.70 -11.50 29.56
C ILE A 83 -33.17 -11.60 28.12
N THR A 84 -33.40 -10.56 27.33
CA THR A 84 -32.98 -10.55 25.92
C THR A 84 -31.80 -9.62 25.66
N ASP A 85 -31.55 -8.69 26.57
CA ASP A 85 -30.34 -7.90 26.52
C ASP A 85 -29.95 -7.33 27.87
N PHE A 86 -28.75 -6.78 27.95
CA PHE A 86 -28.35 -6.04 29.14
C PHE A 86 -27.30 -4.99 28.82
N ARG A 87 -27.11 -4.10 29.79
CA ARG A 87 -26.08 -3.07 29.71
C ARG A 87 -24.90 -3.50 30.54
N THR A 88 -23.71 -3.15 30.10
CA THR A 88 -22.52 -3.51 30.85
C THR A 88 -21.40 -2.54 30.51
N SER A 89 -20.55 -2.28 31.49
CA SER A 89 -19.39 -1.43 31.29
C SER A 89 -18.56 -2.01 30.14
N ALA A 90 -18.08 -1.14 29.25
CA ALA A 90 -17.28 -1.56 28.11
C ALA A 90 -16.02 -2.31 28.52
N ALA A 91 -15.54 -2.03 29.73
CA ALA A 91 -14.35 -2.68 30.24
C ALA A 91 -14.58 -4.16 30.60
N ASP A 92 -15.84 -4.59 30.70
CA ASP A 92 -16.17 -6.00 30.96
C ASP A 92 -16.06 -6.90 29.72
N ILE A 93 -15.94 -6.29 28.55
CA ILE A 93 -15.96 -7.01 27.29
C ILE A 93 -14.83 -6.55 26.39
N TRP A 94 -14.55 -7.36 25.38
CA TRP A 94 -13.62 -6.97 24.33
C TRP A 94 -14.29 -5.87 23.51
N THR A 95 -13.49 -4.89 23.08
CA THR A 95 -13.97 -3.87 22.16
C THR A 95 -12.92 -3.70 21.07
N PRO A 96 -13.33 -3.31 19.88
CA PRO A 96 -12.35 -3.15 18.80
C PRO A 96 -11.48 -1.89 18.97
N ASP A 97 -10.29 -1.93 18.39
CA ASP A 97 -9.28 -0.85 18.51
C ASP A 97 -9.42 0.18 17.38
N ILE A 98 -10.65 0.64 17.14
CA ILE A 98 -10.90 1.54 16.03
C ILE A 98 -10.32 2.90 16.37
N THR A 99 -9.59 3.48 15.44
CA THR A 99 -8.78 4.68 15.68
C THR A 99 -8.95 5.64 14.53
N ALA A 100 -9.04 6.93 14.83
CA ALA A 100 -8.88 7.96 13.80
C ALA A 100 -7.42 8.02 13.44
N TYR A 101 -7.08 7.84 12.17
CA TYR A 101 -5.68 7.78 11.80
C TYR A 101 -4.97 9.13 11.74
N SER A 102 -5.72 10.21 11.66
CA SER A 102 -5.09 11.51 11.47
C SER A 102 -5.43 12.47 12.63
N SER A 103 -5.63 11.91 13.82
CA SER A 103 -5.83 12.75 14.99
C SER A 103 -4.53 13.48 15.32
N THR A 104 -4.67 14.65 15.93
CA THR A 104 -3.52 15.44 16.36
C THR A 104 -3.45 15.54 17.88
N ARG A 105 -4.51 15.13 18.56
CA ARG A 105 -4.52 15.10 20.03
C ARG A 105 -5.22 13.85 20.46
N PRO A 106 -4.98 13.41 21.71
CA PRO A 106 -5.76 12.27 22.20
C PRO A 106 -7.24 12.57 22.18
N VAL A 107 -8.01 11.58 21.75
CA VAL A 107 -9.44 11.65 21.69
C VAL A 107 -10.01 11.83 23.09
N GLN A 108 -11.02 12.68 23.23
CA GLN A 108 -11.63 12.95 24.52
C GLN A 108 -13.01 12.33 24.51
N VAL A 109 -13.28 11.42 25.45
CA VAL A 109 -14.56 10.73 25.43
C VAL A 109 -15.56 11.55 26.24
N LEU A 110 -16.76 11.68 25.67
CA LEU A 110 -17.81 12.52 26.25
C LEU A 110 -18.96 11.73 26.86
N SER A 111 -19.06 10.44 26.56
CA SER A 111 -20.15 9.59 27.06
C SER A 111 -19.65 8.51 28.00
N PRO A 112 -20.54 8.00 28.86
CA PRO A 112 -20.25 6.79 29.63
C PRO A 112 -19.87 5.65 28.73
N GLN A 113 -18.91 4.85 29.14
CA GLN A 113 -18.45 3.77 28.29
C GLN A 113 -19.15 2.48 28.70
N ILE A 114 -20.33 2.31 28.12
CA ILE A 114 -21.23 1.26 28.46
C ILE A 114 -21.79 0.76 27.15
N ALA A 115 -21.89 -0.55 27.03
CA ALA A 115 -22.35 -1.21 25.80
C ALA A 115 -23.65 -1.95 26.09
N VAL A 116 -24.34 -2.35 25.04
CA VAL A 116 -25.56 -3.13 25.14
C VAL A 116 -25.33 -4.45 24.45
N VAL A 117 -25.50 -5.54 25.19
CA VAL A 117 -25.28 -6.88 24.68
C VAL A 117 -26.64 -7.55 24.52
N THR A 118 -26.83 -8.24 23.39
CA THR A 118 -28.08 -8.91 23.07
C THR A 118 -27.86 -10.42 23.03
N HIS A 119 -28.92 -11.18 23.29
CA HIS A 119 -28.83 -12.64 23.47
C HIS A 119 -28.25 -13.42 22.28
N ASP A 120 -28.35 -12.88 21.07
CA ASP A 120 -27.66 -13.46 19.89
C ASP A 120 -26.15 -13.19 19.87
N GLY A 121 -25.64 -12.47 20.86
CA GLY A 121 -24.21 -12.21 20.95
C GLY A 121 -23.78 -10.89 20.34
N SER A 122 -24.73 -10.10 19.86
CA SER A 122 -24.40 -8.82 19.26
C SER A 122 -24.21 -7.76 20.33
N VAL A 123 -23.22 -6.91 20.11
CA VAL A 123 -22.86 -5.86 21.02
C VAL A 123 -23.03 -4.57 20.27
N MET A 124 -23.55 -3.57 20.96
CA MET A 124 -23.72 -2.22 20.46
C MET A 124 -22.98 -1.29 21.39
N PHE A 125 -22.00 -0.56 20.85
CA PHE A 125 -21.21 0.37 21.64
C PHE A 125 -21.11 1.71 20.91
N ILE A 126 -21.58 2.78 21.55
CA ILE A 126 -21.70 4.09 20.90
C ILE A 126 -21.02 5.19 21.72
N PRO A 127 -19.68 5.28 21.64
CA PRO A 127 -18.92 6.33 22.29
C PRO A 127 -19.04 7.70 21.62
N ALA A 128 -19.39 8.72 22.39
CA ALA A 128 -19.35 10.10 21.91
C ALA A 128 -17.95 10.65 22.18
N GLN A 129 -17.35 11.26 21.16
CA GLN A 129 -15.96 11.71 21.23
C GLN A 129 -15.77 13.13 20.71
N ARG A 130 -14.82 13.84 21.29
CA ARG A 130 -14.28 15.06 20.68
C ARG A 130 -12.88 14.75 20.14
N LEU A 131 -12.74 14.92 18.82
CA LEU A 131 -11.55 14.62 18.09
C LEU A 131 -11.00 15.88 17.45
N SER A 132 -9.68 16.09 17.61
CA SER A 132 -8.93 17.05 16.81
C SER A 132 -8.18 16.28 15.73
N PHE A 133 -8.29 16.72 14.48
CA PHE A 133 -7.64 16.01 13.38
C PHE A 133 -7.05 16.97 12.34
N MET A 134 -6.18 16.45 11.48
CA MET A 134 -5.51 17.24 10.46
C MET A 134 -6.49 17.66 9.38
N CYS A 135 -6.58 18.97 9.17
CA CYS A 135 -7.53 19.51 8.24
C CYS A 135 -7.21 20.97 7.92
N ASP A 136 -7.02 21.27 6.64
CA ASP A 136 -6.84 22.64 6.14
C ASP A 136 -8.20 23.25 5.83
N PRO A 137 -8.65 24.24 6.62
CA PRO A 137 -9.97 24.82 6.44
C PRO A 137 -10.05 25.99 5.44
N THR A 138 -9.12 26.06 4.50
CA THR A 138 -9.17 27.09 3.46
C THR A 138 -10.46 26.93 2.66
N GLY A 139 -11.15 28.04 2.41
CA GLY A 139 -12.43 28.04 1.68
C GLY A 139 -13.65 27.92 2.57
N VAL A 140 -13.46 27.80 3.88
CA VAL A 140 -14.58 27.65 4.80
C VAL A 140 -15.39 28.95 4.87
N ASP A 141 -14.73 30.09 4.65
CA ASP A 141 -15.41 31.38 4.60
C ASP A 141 -16.03 31.68 3.22
N SER A 142 -16.16 30.67 2.36
CA SER A 142 -16.73 30.84 1.02
C SER A 142 -17.96 29.95 0.84
N GLU A 143 -18.61 30.08 -0.31
CA GLU A 143 -19.80 29.32 -0.62
C GLU A 143 -19.51 27.85 -0.91
N GLU A 144 -18.30 27.55 -1.38
CA GLU A 144 -17.90 26.17 -1.70
C GLU A 144 -17.53 25.43 -0.43
N GLY A 145 -16.99 26.16 0.54
CA GLY A 145 -16.61 25.58 1.82
C GLY A 145 -15.24 24.92 1.77
N ALA A 146 -14.91 24.25 2.86
CA ALA A 146 -13.69 23.48 2.96
C ALA A 146 -14.06 22.02 2.96
N THR A 147 -13.14 21.18 2.53
CA THR A 147 -13.33 19.75 2.54
C THR A 147 -12.25 19.13 3.40
N CYS A 148 -12.66 18.29 4.33
CA CYS A 148 -11.69 17.54 5.09
C CYS A 148 -12.08 16.07 5.19
N ALA A 149 -11.06 15.24 5.35
CA ALA A 149 -11.22 13.81 5.36
C ALA A 149 -10.46 13.23 6.53
N VAL A 150 -11.05 12.23 7.17
CA VAL A 150 -10.34 11.46 8.17
C VAL A 150 -10.71 9.98 8.06
N LYS A 151 -9.69 9.12 8.15
CA LYS A 151 -9.87 7.69 8.03
C LYS A 151 -9.91 7.03 9.39
N PHE A 152 -10.76 6.02 9.50
CA PHE A 152 -10.92 5.28 10.75
C PHE A 152 -10.72 3.81 10.48
N GLY A 153 -10.10 3.11 11.42
CA GLY A 153 -9.97 1.67 11.29
C GLY A 153 -9.15 1.10 12.42
N SER A 154 -8.93 -0.20 12.37
CA SER A 154 -8.15 -0.88 13.39
C SER A 154 -6.71 -0.38 13.34
N TRP A 155 -6.11 -0.22 14.51
CA TRP A 155 -4.71 0.10 14.57
C TRP A 155 -3.83 -1.11 14.25
N VAL A 156 -4.21 -2.31 14.68
CA VAL A 156 -3.32 -3.48 14.58
C VAL A 156 -3.83 -4.68 13.83
N TYR A 157 -5.12 -4.74 13.52
CA TYR A 157 -5.66 -5.89 12.82
C TYR A 157 -5.81 -5.61 11.34
N SER A 158 -5.51 -6.62 10.51
CA SER A 158 -5.75 -6.54 9.08
C SER A 158 -7.19 -6.92 8.76
N GLY A 159 -7.56 -6.82 7.48
CA GLY A 159 -8.88 -7.22 7.02
C GLY A 159 -9.15 -8.71 7.14
N PHE A 160 -8.08 -9.49 7.29
CA PHE A 160 -8.23 -10.92 7.58
C PHE A 160 -8.71 -11.20 9.01
N GLU A 161 -8.59 -10.23 9.91
CA GLU A 161 -9.04 -10.40 11.29
C GLU A 161 -10.27 -9.54 11.62
N ILE A 162 -10.24 -8.29 11.19
CA ILE A 162 -11.37 -7.40 11.37
C ILE A 162 -11.80 -6.88 10.03
N ASP A 163 -12.99 -7.29 9.62
CA ASP A 163 -13.59 -6.69 8.45
C ASP A 163 -14.45 -5.52 8.91
N LEU A 164 -14.27 -4.37 8.28
CA LEU A 164 -15.10 -3.21 8.58
C LEU A 164 -16.18 -3.12 7.56
N LYS A 165 -17.35 -2.65 7.97
CA LYS A 165 -18.41 -2.37 7.02
C LYS A 165 -19.24 -1.21 7.53
N THR A 166 -20.06 -0.64 6.64
CA THR A 166 -20.98 0.42 6.98
C THR A 166 -22.36 0.00 6.52
N ASP A 167 -23.42 0.45 7.18
CA ASP A 167 -24.80 0.19 6.69
C ASP A 167 -25.14 1.12 5.55
N THR A 168 -24.59 2.33 5.59
CA THR A 168 -24.84 3.35 4.59
C THR A 168 -23.58 4.18 4.42
N ASP A 169 -23.47 4.86 3.28
CA ASP A 169 -22.35 5.77 3.09
C ASP A 169 -22.70 7.22 3.43
N GLN A 170 -23.92 7.46 3.91
CA GLN A 170 -24.31 8.78 4.37
C GLN A 170 -24.06 8.88 5.86
N VAL A 171 -23.31 9.89 6.27
CA VAL A 171 -23.11 10.20 7.66
C VAL A 171 -24.42 10.75 8.20
N ASP A 172 -24.74 10.41 9.44
CA ASP A 172 -25.99 10.87 10.04
C ASP A 172 -25.81 12.32 10.49
N LEU A 173 -26.53 13.23 9.82
CA LEU A 173 -26.44 14.65 10.13
C LEU A 173 -27.72 15.14 10.77
N SER A 174 -28.62 14.21 11.13
CA SER A 174 -29.96 14.58 11.59
C SER A 174 -29.95 15.30 12.94
N SER A 175 -28.90 15.06 13.75
CA SER A 175 -28.74 15.71 15.04
C SER A 175 -27.68 16.85 15.05
N TYR A 176 -27.18 17.22 13.88
CA TYR A 176 -26.16 18.24 13.84
C TYR A 176 -26.68 19.55 14.47
N TYR A 177 -25.87 20.14 15.35
CA TYR A 177 -26.26 21.33 16.08
C TYR A 177 -26.62 22.46 15.10
N ALA A 178 -27.86 22.90 15.19
CA ALA A 178 -28.42 23.89 14.27
C ALA A 178 -27.81 25.28 14.40
N SER A 179 -27.22 25.60 15.55
CA SER A 179 -26.59 26.91 15.77
C SER A 179 -25.06 26.83 15.82
N SER A 180 -24.50 25.81 15.17
CA SER A 180 -23.03 25.71 15.07
C SER A 180 -22.40 26.88 14.28
N LYS A 181 -21.13 27.17 14.55
CA LYS A 181 -20.37 28.12 13.71
C LYS A 181 -20.25 27.64 12.25
N TYR A 182 -20.38 26.33 12.04
CA TYR A 182 -20.18 25.71 10.73
C TYR A 182 -21.38 24.85 10.34
N GLU A 183 -21.88 25.04 9.12
CA GLU A 183 -22.93 24.17 8.56
C GLU A 183 -22.30 23.11 7.66
N ILE A 184 -22.91 21.92 7.64
CA ILE A 184 -22.41 20.82 6.83
C ILE A 184 -23.07 20.84 5.47
N LEU A 185 -22.27 20.90 4.42
CA LEU A 185 -22.80 20.80 3.07
C LEU A 185 -23.01 19.33 2.73
N SER A 186 -22.03 18.50 3.08
CA SER A 186 -22.19 17.04 2.92
C SER A 186 -21.21 16.26 3.79
N ALA A 187 -21.57 15.02 4.12
CA ALA A 187 -20.73 14.17 4.91
C ALA A 187 -20.93 12.71 4.51
N THR A 188 -19.87 12.09 4.00
CA THR A 188 -19.91 10.70 3.55
C THR A 188 -18.99 9.84 4.36
N GLN A 189 -19.31 8.55 4.40
CA GLN A 189 -18.47 7.56 5.07
C GLN A 189 -18.36 6.38 4.13
N THR A 190 -17.14 6.04 3.72
CA THR A 190 -16.92 5.06 2.65
C THR A 190 -15.86 4.05 3.03
N ARG A 191 -16.23 2.78 2.90
CA ARG A 191 -15.35 1.68 3.18
C ARG A 191 -14.27 1.67 2.11
N GLN A 192 -13.01 1.50 2.51
CA GLN A 192 -11.91 1.43 1.54
C GLN A 192 -11.07 0.18 1.80
N VAL A 193 -10.67 -0.49 0.73
CA VAL A 193 -9.71 -1.59 0.83
C VAL A 193 -8.34 -1.07 0.44
N GLN A 194 -7.36 -1.23 1.32
CA GLN A 194 -6.05 -0.65 1.13
C GLN A 194 -4.98 -1.75 1.02
N HIS A 195 -4.01 -1.53 0.15
CA HIS A 195 -2.90 -2.46 -0.03
C HIS A 195 -1.59 -1.77 0.29
N TYR A 196 -0.79 -2.41 1.13
CA TYR A 196 0.59 -1.97 1.39
C TYR A 196 1.54 -2.94 0.72
N SER A 197 2.58 -2.40 0.08
CA SER A 197 3.54 -3.23 -0.64
C SER A 197 4.37 -4.13 0.29
N CYS A 198 4.31 -3.87 1.59
CA CYS A 198 4.94 -4.72 2.60
C CYS A 198 4.25 -6.06 2.77
N CYS A 199 2.96 -6.12 2.45
CA CYS A 199 2.07 -7.08 3.07
C CYS A 199 1.00 -7.64 2.13
N PRO A 200 0.83 -8.99 2.10
CA PRO A 200 -0.20 -9.60 1.25
C PRO A 200 -1.65 -9.35 1.67
N GLU A 201 -1.88 -8.95 2.91
CA GLU A 201 -3.24 -8.85 3.45
C GLU A 201 -3.87 -7.53 3.08
N PRO A 202 -5.21 -7.53 2.88
CA PRO A 202 -5.93 -6.31 2.66
C PRO A 202 -6.16 -5.59 3.98
N TYR A 203 -6.11 -4.27 3.96
CA TYR A 203 -6.40 -3.46 5.15
C TYR A 203 -7.61 -2.59 4.85
N ILE A 204 -8.47 -2.42 5.86
CA ILE A 204 -9.75 -1.76 5.66
C ILE A 204 -9.81 -0.51 6.51
N ASP A 205 -10.33 0.56 5.95
CA ASP A 205 -10.64 1.76 6.70
C ASP A 205 -11.95 2.35 6.21
N VAL A 206 -12.54 3.22 7.03
CA VAL A 206 -13.71 3.97 6.62
C VAL A 206 -13.30 5.41 6.54
N ASN A 207 -13.49 6.00 5.36
CA ASN A 207 -13.05 7.36 5.11
C ASN A 207 -14.21 8.33 5.29
N LEU A 208 -14.13 9.17 6.33
CA LEU A 208 -15.14 10.18 6.63
C LEU A 208 -14.78 11.48 5.90
N VAL A 209 -15.58 11.86 4.91
CA VAL A 209 -15.33 13.09 4.13
C VAL A 209 -16.42 14.09 4.43
N VAL A 210 -16.00 15.26 4.92
CA VAL A 210 -16.92 16.29 5.35
C VAL A 210 -16.65 17.60 4.61
N LYS A 211 -17.69 18.13 3.99
CA LYS A 211 -17.66 19.43 3.31
C LYS A 211 -18.47 20.39 4.19
N PHE A 212 -17.86 21.50 4.56
CA PHE A 212 -18.49 22.45 5.50
C PHE A 212 -18.04 23.89 5.26
N ARG A 213 -18.81 24.84 5.78
CA ARG A 213 -18.51 26.26 5.63
C ARG A 213 -19.06 27.06 6.80
N GLU A 214 -18.56 28.29 6.96
CA GLU A 214 -19.05 29.20 7.99
C GLU A 214 -20.53 29.49 7.74
N ARG A 215 -21.35 29.44 8.78
CA ARG A 215 -22.78 29.66 8.62
C ARG A 215 -23.06 31.17 8.59
N ARG A 216 -23.97 31.59 7.71
CA ARG A 216 -24.26 33.01 7.52
C ARG A 216 -25.67 33.36 7.99
N LEU B 8 -19.72 3.22 72.53
CA LEU B 8 -20.91 2.65 71.80
C LEU B 8 -20.50 1.72 70.67
N HIS B 9 -19.64 2.24 69.81
CA HIS B 9 -19.34 1.62 68.54
C HIS B 9 -20.62 1.29 67.77
N SER B 10 -21.42 2.35 67.65
CA SER B 10 -22.26 2.58 66.49
C SER B 10 -21.34 2.62 65.26
N GLN B 11 -20.03 2.73 65.53
CA GLN B 11 -18.96 2.46 64.57
C GLN B 11 -19.03 1.02 64.06
N ALA B 12 -19.00 0.05 64.99
CA ALA B 12 -19.06 -1.39 64.65
C ALA B 12 -20.37 -1.76 63.95
N ASN B 13 -21.44 -1.10 64.35
CA ASN B 13 -22.74 -1.26 63.71
C ASN B 13 -22.71 -0.79 62.27
N LEU B 14 -22.13 0.39 62.05
CA LEU B 14 -22.03 0.94 60.70
C LEU B 14 -21.14 0.07 59.81
N MET B 15 -20.00 -0.37 60.34
CA MET B 15 -19.09 -1.24 59.60
C MET B 15 -19.79 -2.54 59.20
N ARG B 16 -20.54 -3.13 60.14
CA ARG B 16 -21.28 -4.36 59.86
C ARG B 16 -22.35 -4.16 58.80
N LEU B 17 -23.05 -3.02 58.87
CA LEU B 17 -24.10 -2.71 57.90
C LEU B 17 -23.55 -2.65 56.49
N LYS B 18 -22.41 -1.98 56.33
CA LYS B 18 -21.77 -1.85 55.03
C LYS B 18 -21.29 -3.20 54.49
N SER B 19 -20.68 -4.03 55.34
CA SER B 19 -20.31 -5.40 54.96
C SER B 19 -21.55 -6.16 54.50
N ASP B 20 -22.61 -6.08 55.30
CA ASP B 20 -23.86 -6.78 55.01
C ASP B 20 -24.52 -6.37 53.69
N LEU B 21 -24.48 -5.08 53.36
CA LEU B 21 -25.11 -4.58 52.14
C LEU B 21 -24.28 -4.82 50.91
N PHE B 22 -22.95 -4.72 51.04
CA PHE B 22 -22.07 -4.72 49.88
C PHE B 22 -21.49 -6.10 49.60
N ASN B 23 -20.64 -6.58 50.50
CA ASN B 23 -19.86 -7.78 50.23
C ASN B 23 -20.54 -9.09 50.63
N ARG B 24 -21.85 -9.04 50.89
CA ARG B 24 -22.65 -10.25 51.15
C ARG B 24 -24.00 -10.21 50.41
N SER B 25 -24.10 -9.35 49.41
CA SER B 25 -25.26 -9.28 48.50
C SER B 25 -24.79 -8.59 47.22
N PRO B 26 -24.25 -9.37 46.23
CA PRO B 26 -23.52 -8.89 45.04
C PRO B 26 -23.92 -7.51 44.46
N MET B 27 -23.01 -6.91 43.69
CA MET B 27 -23.19 -5.57 43.08
C MET B 27 -24.43 -5.49 42.17
N TYR B 28 -25.39 -4.65 42.56
CA TYR B 28 -26.63 -4.40 41.80
C TYR B 28 -26.31 -4.23 40.32
N PRO B 29 -26.98 -5.02 39.45
CA PRO B 29 -26.64 -5.04 38.03
C PRO B 29 -27.25 -3.90 37.22
N GLY B 30 -28.08 -3.08 37.84
CA GLY B 30 -28.80 -2.03 37.12
C GLY B 30 -30.23 -2.46 36.84
N PRO B 31 -31.06 -1.53 36.36
CA PRO B 31 -32.46 -1.77 36.06
C PRO B 31 -32.72 -2.50 34.75
N THR B 32 -33.89 -3.12 34.66
CA THR B 32 -34.35 -3.77 33.46
C THR B 32 -35.80 -3.39 33.24
N LYS B 33 -36.38 -3.85 32.13
CA LYS B 33 -37.80 -3.64 31.86
C LYS B 33 -38.66 -4.25 32.98
N ASP B 34 -38.19 -5.36 33.54
CA ASP B 34 -38.92 -6.06 34.60
C ASP B 34 -38.69 -5.46 35.99
N ASP B 35 -37.74 -4.54 36.09
CA ASP B 35 -37.35 -3.94 37.37
C ASP B 35 -36.87 -2.50 37.12
N PRO B 36 -37.77 -1.63 36.60
CA PRO B 36 -37.39 -0.27 36.24
C PRO B 36 -37.10 0.60 37.45
N LEU B 37 -36.41 1.70 37.21
CA LEU B 37 -35.92 2.56 38.25
C LEU B 37 -36.28 4.00 37.91
N THR B 38 -36.82 4.75 38.87
CA THR B 38 -37.07 6.18 38.66
C THR B 38 -35.94 7.02 39.25
N VAL B 39 -35.30 7.84 38.42
CA VAL B 39 -34.31 8.79 38.90
C VAL B 39 -34.91 10.18 38.91
N THR B 40 -34.83 10.84 40.05
CA THR B 40 -35.26 12.23 40.12
C THR B 40 -34.04 13.09 39.91
N LEU B 41 -34.17 14.10 39.05
CA LEU B 41 -33.09 14.98 38.68
C LEU B 41 -33.47 16.42 38.95
N GLY B 42 -32.53 17.21 39.46
CA GLY B 42 -32.75 18.63 39.69
C GLY B 42 -31.43 19.38 39.63
N PHE B 43 -31.45 20.59 39.08
CA PHE B 43 -30.22 21.33 38.85
C PHE B 43 -30.16 22.56 39.72
N THR B 44 -28.94 22.89 40.15
CA THR B 44 -28.64 24.11 40.88
C THR B 44 -27.47 24.79 40.18
N LEU B 45 -27.70 26.01 39.68
CA LEU B 45 -26.67 26.78 38.98
C LEU B 45 -25.84 27.65 39.90
N GLN B 46 -24.53 27.52 39.79
CA GLN B 46 -23.61 28.32 40.54
C GLN B 46 -23.03 29.46 39.70
N ASP B 47 -22.65 29.19 38.47
CA ASP B 47 -22.05 30.22 37.64
C ASP B 47 -22.04 29.86 36.17
N ILE B 48 -22.35 30.83 35.32
CA ILE B 48 -21.93 30.76 33.91
C ILE B 48 -20.55 31.42 33.84
N VAL B 49 -19.52 30.60 33.64
CA VAL B 49 -18.12 31.06 33.67
C VAL B 49 -17.67 31.73 32.38
N LYS B 50 -18.16 31.25 31.24
CA LYS B 50 -17.63 31.64 29.94
C LYS B 50 -18.66 31.43 28.84
N ALA B 51 -18.81 32.39 27.94
CA ALA B 51 -19.62 32.22 26.74
C ALA B 51 -18.80 32.64 25.51
N ASP B 52 -18.32 31.65 24.76
CA ASP B 52 -17.42 31.86 23.63
C ASP B 52 -18.22 31.88 22.34
N SER B 53 -18.33 33.06 21.73
CA SER B 53 -19.05 33.24 20.47
C SER B 53 -18.19 32.88 19.26
N SER B 54 -16.89 32.63 19.46
CA SER B 54 -16.03 32.15 18.38
C SER B 54 -16.18 30.64 18.14
N THR B 55 -16.60 29.88 19.16
CA THR B 55 -16.86 28.43 19.00
C THR B 55 -18.29 28.00 19.33
N ASN B 56 -19.10 28.93 19.84
CA ASN B 56 -20.42 28.61 20.38
C ASN B 56 -20.39 27.49 21.44
N GLU B 57 -19.55 27.71 22.44
CA GLU B 57 -19.51 26.88 23.62
C GLU B 57 -19.74 27.80 24.80
N VAL B 58 -20.56 27.34 25.74
CA VAL B 58 -20.75 28.02 27.01
C VAL B 58 -20.29 27.08 28.11
N ASP B 59 -19.58 27.62 29.11
CA ASP B 59 -19.11 26.86 30.26
C ASP B 59 -19.91 27.17 31.52
N LEU B 60 -20.41 26.12 32.16
CA LEU B 60 -21.36 26.22 33.25
C LEU B 60 -20.89 25.41 34.48
N VAL B 61 -21.03 25.99 35.67
CA VAL B 61 -20.77 25.29 36.93
C VAL B 61 -22.10 25.07 37.65
N TYR B 62 -22.39 23.81 38.01
CA TYR B 62 -23.68 23.44 38.59
C TYR B 62 -23.66 22.18 39.49
N TYR B 63 -24.67 22.03 40.35
CA TYR B 63 -24.93 20.79 41.10
C TYR B 63 -26.03 20.03 40.40
N GLU B 64 -25.83 18.74 40.27
CA GLU B 64 -26.79 17.86 39.68
C GLU B 64 -27.30 16.94 40.78
N GLN B 65 -28.45 17.24 41.36
CA GLN B 65 -29.01 16.40 42.39
C GLN B 65 -29.63 15.13 41.76
N GLN B 66 -29.13 13.96 42.15
CA GLN B 66 -29.64 12.68 41.65
C GLN B 66 -30.22 11.84 42.80
N ARG B 67 -31.43 11.34 42.59
CA ARG B 67 -32.11 10.51 43.60
C ARG B 67 -32.77 9.29 43.01
N TRP B 68 -32.56 8.15 43.66
CA TRP B 68 -33.22 6.90 43.29
C TRP B 68 -33.32 6.00 44.51
N LYS B 69 -34.00 4.88 44.36
CA LYS B 69 -34.33 4.00 45.46
C LYS B 69 -34.20 2.55 45.04
N LEU B 70 -33.43 1.77 45.81
CA LEU B 70 -33.20 0.35 45.54
C LEU B 70 -33.58 -0.50 46.73
N ASN B 71 -34.41 -1.52 46.50
CA ASN B 71 -34.79 -2.47 47.55
C ASN B 71 -33.57 -3.15 48.18
N SER B 72 -32.57 -3.44 47.35
CA SER B 72 -31.34 -4.11 47.82
C SER B 72 -30.47 -3.26 48.76
N LEU B 73 -30.77 -1.96 48.86
CA LEU B 73 -30.09 -1.09 49.81
C LEU B 73 -30.90 -0.80 51.08
N MET B 74 -32.02 -1.50 51.27
CA MET B 74 -32.88 -1.32 52.44
C MET B 74 -32.33 -2.04 53.65
N TRP B 75 -32.61 -1.52 54.84
CA TRP B 75 -32.37 -2.23 56.06
C TRP B 75 -33.27 -1.73 57.17
N ASP B 76 -33.34 -2.51 58.26
CA ASP B 76 -34.09 -2.16 59.46
C ASP B 76 -33.11 -1.52 60.45
N PRO B 77 -33.28 -0.21 60.72
CA PRO B 77 -32.39 0.45 61.68
C PRO B 77 -32.21 -0.28 63.01
N ASN B 78 -33.22 -1.03 63.44
CA ASN B 78 -33.15 -1.77 64.70
C ASN B 78 -32.19 -2.96 64.70
N GLU B 79 -31.85 -3.50 63.53
CA GLU B 79 -30.81 -4.54 63.44
C GLU B 79 -29.40 -3.97 63.52
N TYR B 80 -29.26 -2.65 63.40
CA TYR B 80 -27.96 -2.02 63.26
C TYR B 80 -27.82 -0.79 64.15
N GLY B 81 -28.29 -0.91 65.40
CA GLY B 81 -28.15 0.14 66.39
C GLY B 81 -28.81 1.47 66.02
N ASN B 82 -29.96 1.39 65.35
CA ASN B 82 -30.75 2.56 64.95
C ASN B 82 -30.04 3.52 63.99
N ILE B 83 -29.11 2.99 63.20
CA ILE B 83 -28.52 3.77 62.10
C ILE B 83 -29.56 3.93 60.98
N THR B 84 -29.83 5.18 60.61
CA THR B 84 -30.85 5.46 59.60
C THR B 84 -30.26 5.84 58.23
N ASP B 85 -29.02 6.32 58.21
CA ASP B 85 -28.34 6.62 56.96
C ASP B 85 -26.84 6.49 57.10
N PHE B 86 -26.15 6.53 55.96
CA PHE B 86 -24.70 6.64 55.95
C PHE B 86 -24.17 7.24 54.66
N ARG B 87 -22.94 7.71 54.73
CA ARG B 87 -22.21 8.18 53.59
C ARG B 87 -21.35 7.05 53.07
N THR B 88 -21.17 7.02 51.75
CA THR B 88 -20.27 6.06 51.15
C THR B 88 -19.82 6.58 49.80
N SER B 89 -18.64 6.11 49.39
CA SER B 89 -18.10 6.47 48.09
C SER B 89 -19.06 6.06 46.98
N ALA B 90 -19.21 6.95 46.00
CA ALA B 90 -20.02 6.67 44.83
C ALA B 90 -19.56 5.43 44.04
N ALA B 91 -18.31 5.02 44.23
CA ALA B 91 -17.79 3.82 43.55
C ALA B 91 -18.18 2.51 44.24
N ASP B 92 -18.73 2.57 45.46
CA ASP B 92 -19.20 1.39 46.17
C ASP B 92 -20.64 0.99 45.82
N ILE B 93 -21.36 1.88 45.14
CA ILE B 93 -22.73 1.60 44.73
C ILE B 93 -22.88 1.86 43.24
N TRP B 94 -23.96 1.35 42.68
CA TRP B 94 -24.33 1.65 41.29
C TRP B 94 -24.83 3.08 41.23
N THR B 95 -24.51 3.78 40.15
CA THR B 95 -25.04 5.11 39.89
C THR B 95 -25.54 5.16 38.45
N PRO B 96 -26.54 6.00 38.20
CA PRO B 96 -27.08 6.11 36.85
C PRO B 96 -26.12 6.88 35.93
N ASP B 97 -26.14 6.51 34.65
CA ASP B 97 -25.27 7.07 33.60
C ASP B 97 -25.86 8.34 32.97
N ILE B 98 -26.30 9.26 33.80
CA ILE B 98 -26.90 10.49 33.33
C ILE B 98 -25.83 11.33 32.64
N THR B 99 -26.12 11.75 31.41
CA THR B 99 -25.15 12.43 30.59
C THR B 99 -25.76 13.70 30.02
N ALA B 100 -24.93 14.73 29.89
CA ALA B 100 -25.28 15.93 29.12
C ALA B 100 -25.10 15.56 27.68
N TYR B 101 -26.17 15.65 26.90
CA TYR B 101 -26.13 15.13 25.56
C TYR B 101 -25.36 16.01 24.58
N SER B 102 -25.15 17.27 24.93
CA SER B 102 -24.55 18.22 24.01
C SER B 102 -23.25 18.81 24.56
N SER B 103 -22.53 18.03 25.36
CA SER B 103 -21.23 18.49 25.82
C SER B 103 -20.22 18.50 24.67
N THR B 104 -19.25 19.40 24.76
CA THR B 104 -18.20 19.48 23.76
C THR B 104 -16.85 19.14 24.34
N ARG B 105 -16.77 18.94 25.65
CA ARG B 105 -15.54 18.55 26.34
C ARG B 105 -15.92 17.65 27.50
N PRO B 106 -14.98 16.81 27.99
CA PRO B 106 -15.32 15.98 29.14
C PRO B 106 -15.69 16.81 30.37
N VAL B 107 -16.73 16.37 31.05
CA VAL B 107 -17.22 17.02 32.25
C VAL B 107 -16.14 16.97 33.31
N GLN B 108 -15.96 18.07 34.04
CA GLN B 108 -14.92 18.15 35.07
C GLN B 108 -15.61 18.17 36.42
N VAL B 109 -15.21 17.25 37.29
CA VAL B 109 -15.88 17.03 38.56
C VAL B 109 -15.23 17.92 39.59
N LEU B 110 -16.06 18.65 40.33
CA LEU B 110 -15.56 19.65 41.25
C LEU B 110 -15.65 19.23 42.73
N SER B 111 -16.49 18.25 43.01
CA SER B 111 -16.77 17.86 44.36
C SER B 111 -16.39 16.40 44.59
N PRO B 112 -16.34 15.98 45.86
CA PRO B 112 -16.18 14.57 46.19
C PRO B 112 -17.30 13.73 45.62
N GLN B 113 -16.99 12.49 45.24
CA GLN B 113 -17.99 11.57 44.71
C GLN B 113 -18.46 10.71 45.86
N ILE B 114 -19.35 11.26 46.67
CA ILE B 114 -19.82 10.56 47.88
C ILE B 114 -21.33 10.67 47.92
N ALA B 115 -21.98 9.55 48.22
CA ALA B 115 -23.43 9.48 48.23
C ALA B 115 -23.95 9.26 49.65
N VAL B 116 -25.22 9.59 49.86
CA VAL B 116 -25.90 9.32 51.14
C VAL B 116 -26.96 8.28 50.89
N VAL B 117 -26.93 7.21 51.70
CA VAL B 117 -27.87 6.12 51.56
C VAL B 117 -28.72 6.05 52.82
N THR B 118 -30.04 5.95 52.64
CA THR B 118 -30.97 5.96 53.76
C THR B 118 -31.64 4.59 53.90
N HIS B 119 -32.08 4.27 55.11
CA HIS B 119 -32.59 2.92 55.43
C HIS B 119 -33.71 2.42 54.52
N ASP B 120 -34.53 3.33 54.00
CA ASP B 120 -35.57 2.97 53.04
C ASP B 120 -35.01 2.61 51.65
N GLY B 121 -33.68 2.65 51.49
CA GLY B 121 -33.05 2.28 50.23
C GLY B 121 -32.86 3.43 49.27
N SER B 122 -33.19 4.66 49.69
CA SER B 122 -33.06 5.82 48.82
C SER B 122 -31.63 6.34 48.85
N VAL B 123 -31.14 6.76 47.69
CA VAL B 123 -29.79 7.25 47.52
C VAL B 123 -29.87 8.68 47.06
N MET B 124 -29.04 9.54 47.65
CA MET B 124 -28.93 10.90 47.19
C MET B 124 -27.48 11.17 46.87
N PHE B 125 -27.25 11.62 45.64
CA PHE B 125 -25.91 11.85 45.09
C PHE B 125 -25.92 13.21 44.37
N ILE B 126 -25.00 14.08 44.72
CA ILE B 126 -25.00 15.47 44.23
C ILE B 126 -23.61 15.91 43.80
N PRO B 127 -23.18 15.49 42.61
CA PRO B 127 -21.88 15.92 42.14
C PRO B 127 -21.91 17.33 41.57
N ALA B 128 -20.89 18.12 41.85
CA ALA B 128 -20.76 19.43 41.22
C ALA B 128 -19.83 19.30 40.02
N GLN B 129 -20.18 19.96 38.93
CA GLN B 129 -19.52 19.79 37.64
C GLN B 129 -19.33 21.12 36.93
N ARG B 130 -18.25 21.20 36.16
CA ARG B 130 -18.09 22.21 35.13
C ARG B 130 -18.31 21.54 33.77
N LEU B 131 -19.27 22.07 33.02
CA LEU B 131 -19.67 21.53 31.74
C LEU B 131 -19.47 22.58 30.64
N SER B 132 -18.78 22.19 29.56
CA SER B 132 -18.78 22.93 28.31
C SER B 132 -19.80 22.28 27.36
N PHE B 133 -20.76 23.05 26.87
CA PHE B 133 -21.78 22.52 25.95
C PHE B 133 -22.08 23.45 24.77
N MET B 134 -22.79 22.93 23.77
CA MET B 134 -23.08 23.67 22.54
C MET B 134 -24.10 24.75 22.81
N CYS B 135 -23.78 25.97 22.44
CA CYS B 135 -24.60 27.09 22.77
C CYS B 135 -24.15 28.32 22.02
N ASP B 136 -25.05 28.90 21.24
CA ASP B 136 -24.82 30.19 20.57
C ASP B 136 -25.24 31.31 21.51
N PRO B 137 -24.29 32.11 22.00
CA PRO B 137 -24.63 33.20 22.91
C PRO B 137 -25.01 34.53 22.21
N THR B 138 -25.40 34.47 20.94
CA THR B 138 -25.89 35.66 20.25
C THR B 138 -27.06 36.26 21.02
N GLY B 139 -26.96 37.56 21.27
CA GLY B 139 -27.98 38.27 22.03
C GLY B 139 -27.69 38.31 23.52
N VAL B 140 -26.55 37.77 23.94
CA VAL B 140 -26.16 37.85 25.34
C VAL B 140 -25.95 39.31 25.79
N ASP B 141 -25.62 40.20 24.85
CA ASP B 141 -25.44 41.62 25.18
C ASP B 141 -26.71 42.45 24.98
N SER B 142 -27.86 41.80 24.88
CA SER B 142 -29.13 42.48 24.69
C SER B 142 -30.06 42.29 25.87
N GLU B 143 -31.19 42.99 25.82
CA GLU B 143 -32.16 43.01 26.90
C GLU B 143 -32.81 41.65 27.11
N GLU B 144 -33.18 40.96 26.04
CA GLU B 144 -33.79 39.64 26.18
C GLU B 144 -32.75 38.56 26.45
N GLY B 145 -31.47 38.87 26.23
CA GLY B 145 -30.39 37.94 26.52
C GLY B 145 -30.31 36.78 25.53
N ALA B 146 -29.44 35.83 25.80
CA ALA B 146 -29.30 34.64 24.97
C ALA B 146 -30.03 33.49 25.64
N THR B 147 -30.44 32.53 24.83
CA THR B 147 -31.12 31.33 25.34
C THR B 147 -30.28 30.11 25.02
N CYS B 148 -30.03 29.28 26.03
CA CYS B 148 -29.33 28.02 25.81
C CYS B 148 -29.99 26.82 26.49
N ALA B 149 -29.92 25.69 25.77
CA ALA B 149 -30.60 24.48 26.17
C ALA B 149 -29.65 23.29 26.15
N VAL B 150 -29.67 22.48 27.20
CA VAL B 150 -28.91 21.24 27.21
C VAL B 150 -29.74 20.13 27.82
N LYS B 151 -29.78 19.00 27.13
CA LYS B 151 -30.58 17.86 27.56
C LYS B 151 -29.71 16.86 28.34
N PHE B 152 -30.27 16.33 29.41
CA PHE B 152 -29.61 15.31 30.18
C PHE B 152 -30.47 14.05 30.18
N GLY B 153 -29.81 12.91 30.16
CA GLY B 153 -30.53 11.65 30.26
C GLY B 153 -29.56 10.51 30.21
N SER B 154 -30.07 9.29 30.34
CA SER B 154 -29.23 8.12 30.28
C SER B 154 -28.65 8.03 28.89
N TRP B 155 -27.44 7.50 28.81
CA TRP B 155 -26.80 7.26 27.54
C TRP B 155 -27.22 5.95 26.89
N VAL B 156 -27.51 4.91 27.69
CA VAL B 156 -27.81 3.60 27.15
C VAL B 156 -29.15 2.99 27.55
N TYR B 157 -29.83 3.53 28.56
CA TYR B 157 -31.13 3.00 28.99
C TYR B 157 -32.28 3.77 28.39
N SER B 158 -33.37 3.04 28.10
CA SER B 158 -34.61 3.63 27.64
C SER B 158 -35.51 3.94 28.83
N GLY B 159 -36.62 4.63 28.55
CA GLY B 159 -37.66 4.90 29.56
C GLY B 159 -38.26 3.67 30.22
N PHE B 160 -38.18 2.51 29.56
CA PHE B 160 -38.62 1.26 30.18
C PHE B 160 -37.67 0.74 31.29
N GLU B 161 -36.44 1.27 31.34
CA GLU B 161 -35.49 0.89 32.38
C GLU B 161 -35.26 1.99 33.42
N ILE B 162 -35.04 3.22 32.93
CA ILE B 162 -34.85 4.37 33.78
C ILE B 162 -35.86 5.45 33.41
N ASP B 163 -36.79 5.74 34.31
CA ASP B 163 -37.70 6.88 34.13
C ASP B 163 -37.08 8.08 34.82
N LEU B 164 -37.07 9.24 34.16
CA LEU B 164 -36.59 10.46 34.78
C LEU B 164 -37.76 11.26 35.28
N LYS B 165 -37.55 11.98 36.37
CA LYS B 165 -38.50 12.99 36.78
C LYS B 165 -37.77 14.15 37.43
N THR B 166 -38.48 15.26 37.58
CA THR B 166 -38.00 16.37 38.38
C THR B 166 -39.05 16.59 39.47
N ASP B 167 -38.64 17.24 40.56
CA ASP B 167 -39.61 17.64 41.59
C ASP B 167 -40.21 18.98 41.30
N THR B 168 -39.45 19.82 40.60
CA THR B 168 -39.90 21.14 40.22
C THR B 168 -39.39 21.42 38.82
N ASP B 169 -40.06 22.32 38.10
CA ASP B 169 -39.55 22.76 36.80
C ASP B 169 -38.70 24.02 36.93
N GLN B 170 -38.54 24.50 38.16
CA GLN B 170 -37.66 25.64 38.42
C GLN B 170 -36.27 25.16 38.82
N VAL B 171 -35.28 25.65 38.10
CA VAL B 171 -33.89 25.43 38.46
C VAL B 171 -33.62 26.27 39.70
N ASP B 172 -32.83 25.72 40.61
CA ASP B 172 -32.46 26.43 41.83
C ASP B 172 -31.35 27.48 41.53
N LEU B 173 -31.72 28.75 41.66
CA LEU B 173 -30.79 29.88 41.44
C LEU B 173 -30.37 30.57 42.74
N SER B 174 -30.77 30.03 43.88
CA SER B 174 -30.55 30.72 45.16
C SER B 174 -29.10 30.76 45.60
N SER B 175 -28.22 29.99 44.97
CA SER B 175 -26.80 30.14 45.22
C SER B 175 -26.02 30.54 43.94
N TYR B 176 -26.68 31.19 42.98
CA TYR B 176 -25.99 31.65 41.79
C TYR B 176 -25.02 32.77 42.19
N TYR B 177 -23.81 32.75 41.61
CA TYR B 177 -22.78 33.72 41.94
C TYR B 177 -23.21 35.16 41.56
N ALA B 178 -23.32 36.01 42.56
CA ALA B 178 -23.85 37.34 42.39
C ALA B 178 -22.94 38.30 41.61
N SER B 179 -21.66 37.96 41.44
CA SER B 179 -20.75 38.79 40.63
C SER B 179 -20.28 38.09 39.35
N SER B 180 -21.04 37.09 38.89
CA SER B 180 -20.80 36.48 37.59
C SER B 180 -20.79 37.51 36.48
N LYS B 181 -20.06 37.24 35.40
CA LYS B 181 -20.12 38.09 34.21
C LYS B 181 -21.54 38.08 33.65
N TYR B 182 -22.28 37.00 33.92
CA TYR B 182 -23.65 36.81 33.41
C TYR B 182 -24.69 36.69 34.52
N GLU B 183 -25.82 37.36 34.35
CA GLU B 183 -26.98 37.15 35.24
C GLU B 183 -28.00 36.24 34.55
N ILE B 184 -28.81 35.57 35.36
CA ILE B 184 -29.76 34.58 34.85
C ILE B 184 -31.15 35.18 34.83
N LEU B 185 -31.77 35.23 33.66
CA LEU B 185 -33.11 35.79 33.53
C LEU B 185 -34.12 34.73 33.88
N SER B 186 -33.89 33.51 33.42
CA SER B 186 -34.71 32.38 33.80
C SER B 186 -33.99 31.07 33.56
N ALA B 187 -34.40 30.05 34.29
CA ALA B 187 -33.79 28.74 34.19
C ALA B 187 -34.81 27.67 34.52
N THR B 188 -35.16 26.85 33.53
CA THR B 188 -36.15 25.79 33.73
C THR B 188 -35.55 24.42 33.45
N GLN B 189 -36.20 23.39 33.99
CA GLN B 189 -35.81 22.00 33.83
C GLN B 189 -37.08 21.17 33.61
N THR B 190 -37.20 20.61 32.41
CA THR B 190 -38.45 20.00 31.99
C THR B 190 -38.24 18.61 31.42
N ARG B 191 -38.94 17.64 32.00
CA ARG B 191 -38.96 16.29 31.48
C ARG B 191 -39.55 16.28 30.08
N GLN B 192 -38.88 15.60 29.15
CA GLN B 192 -39.38 15.43 27.78
C GLN B 192 -39.25 13.96 27.39
N VAL B 193 -40.08 13.54 26.45
CA VAL B 193 -40.04 12.18 25.93
C VAL B 193 -39.72 12.25 24.45
N GLN B 194 -38.86 11.35 24.00
CA GLN B 194 -38.42 11.28 22.61
C GLN B 194 -38.61 9.86 22.10
N HIS B 195 -39.00 9.75 20.83
CA HIS B 195 -39.01 8.48 20.15
C HIS B 195 -38.12 8.50 18.92
N TYR B 196 -37.71 7.31 18.49
CA TYR B 196 -36.95 7.12 17.25
C TYR B 196 -37.77 6.17 16.39
N SER B 197 -37.84 6.43 15.10
CA SER B 197 -38.71 5.67 14.19
C SER B 197 -38.44 4.17 14.17
N CYS B 198 -37.19 3.78 14.40
CA CYS B 198 -36.81 2.37 14.53
C CYS B 198 -37.60 1.64 15.62
N CYS B 199 -37.99 2.36 16.67
CA CYS B 199 -38.17 1.77 17.98
C CYS B 199 -39.44 2.25 18.71
N PRO B 200 -40.23 1.32 19.25
CA PRO B 200 -41.44 1.69 20.00
C PRO B 200 -41.23 2.34 21.39
N GLU B 201 -40.11 2.06 22.05
CA GLU B 201 -39.92 2.50 23.46
C GLU B 201 -39.73 4.00 23.58
N PRO B 202 -40.20 4.58 24.69
CA PRO B 202 -39.92 5.97 24.91
C PRO B 202 -38.51 6.21 25.45
N TYR B 203 -37.98 7.41 25.18
CA TYR B 203 -36.69 7.82 25.72
C TYR B 203 -36.85 9.15 26.45
N ILE B 204 -36.33 9.22 27.66
CA ILE B 204 -36.62 10.32 28.56
C ILE B 204 -35.39 11.20 28.72
N ASP B 205 -35.61 12.50 28.71
CA ASP B 205 -34.54 13.44 29.01
C ASP B 205 -35.10 14.57 29.87
N VAL B 206 -34.20 15.33 30.47
CA VAL B 206 -34.58 16.56 31.15
C VAL B 206 -33.89 17.70 30.45
N ASN B 207 -34.68 18.64 29.95
CA ASN B 207 -34.18 19.76 29.21
C ASN B 207 -33.92 20.94 30.14
N LEU B 208 -32.64 21.33 30.28
CA LEU B 208 -32.26 22.52 31.04
C LEU B 208 -32.19 23.72 30.09
N VAL B 209 -33.12 24.66 30.22
CA VAL B 209 -33.19 25.87 29.40
C VAL B 209 -32.82 27.09 30.24
N VAL B 210 -31.73 27.76 29.91
CA VAL B 210 -31.22 28.91 30.66
C VAL B 210 -31.23 30.16 29.76
N LYS B 211 -31.85 31.22 30.25
CA LYS B 211 -31.80 32.50 29.55
C LYS B 211 -30.93 33.46 30.36
N PHE B 212 -29.92 34.03 29.71
CA PHE B 212 -28.92 34.82 30.42
C PHE B 212 -28.41 36.00 29.59
N ARG B 213 -27.84 36.99 30.26
CA ARG B 213 -27.27 38.14 29.59
C ARG B 213 -26.13 38.72 30.42
N GLU B 214 -25.30 39.55 29.79
CA GLU B 214 -24.17 40.18 30.48
C GLU B 214 -24.65 41.01 31.66
N ARG B 215 -24.00 40.85 32.80
CA ARG B 215 -24.32 41.64 34.00
C ARG B 215 -24.02 43.10 33.70
N ARG B 216 -24.98 43.97 34.01
CA ARG B 216 -24.89 45.37 33.63
C ARG B 216 -24.23 46.19 34.74
N ALA B 217 -23.02 46.67 34.44
CA ALA B 217 -22.08 47.14 35.46
C ALA B 217 -22.26 48.61 35.81
N ASP C 6 19.78 -3.34 65.12
CA ASP C 6 18.88 -2.33 65.76
C ASP C 6 18.02 -1.59 64.75
N LYS C 7 18.61 -1.19 63.62
CA LYS C 7 17.87 -0.55 62.54
C LYS C 7 16.88 -1.50 61.86
N LEU C 8 17.24 -2.78 61.78
CA LEU C 8 16.35 -3.79 61.20
C LEU C 8 15.13 -4.02 62.11
N HIS C 9 15.35 -4.01 63.43
CA HIS C 9 14.25 -4.19 64.39
C HIS C 9 13.24 -3.03 64.37
N SER C 10 13.73 -1.79 64.40
CA SER C 10 12.86 -0.60 64.38
C SER C 10 12.05 -0.48 63.08
N GLN C 11 12.62 -0.93 61.97
CA GLN C 11 11.89 -1.10 60.71
C GLN C 11 10.74 -2.09 60.85
N ALA C 12 11.05 -3.24 61.45
CA ALA C 12 10.08 -4.32 61.63
C ALA C 12 8.97 -3.90 62.59
N ASN C 13 9.32 -3.08 63.58
CA ASN C 13 8.33 -2.50 64.47
C ASN C 13 7.35 -1.60 63.72
N LEU C 14 7.88 -0.68 62.92
CA LEU C 14 7.04 0.23 62.13
C LEU C 14 6.15 -0.55 61.16
N MET C 15 6.76 -1.48 60.43
CA MET C 15 6.05 -2.35 59.48
C MET C 15 4.84 -3.06 60.08
N ARG C 16 4.98 -3.48 61.34
CA ARG C 16 3.97 -4.26 62.02
C ARG C 16 2.90 -3.35 62.62
N LEU C 17 3.30 -2.17 63.07
CA LEU C 17 2.35 -1.15 63.51
C LEU C 17 1.36 -0.81 62.41
N LYS C 18 1.89 -0.51 61.22
CA LYS C 18 1.06 -0.17 60.07
C LYS C 18 0.15 -1.33 59.67
N SER C 19 0.71 -2.54 59.66
CA SER C 19 -0.05 -3.74 59.34
C SER C 19 -1.17 -3.94 60.35
N ASP C 20 -0.85 -3.78 61.63
CA ASP C 20 -1.86 -3.85 62.69
C ASP C 20 -2.92 -2.75 62.56
N LEU C 21 -2.50 -1.55 62.17
CA LEU C 21 -3.44 -0.43 62.00
C LEU C 21 -4.27 -0.56 60.71
N PHE C 22 -3.63 -0.89 59.60
CA PHE C 22 -4.26 -0.82 58.28
C PHE C 22 -4.73 -2.15 57.66
N ASN C 23 -4.13 -3.28 58.06
CA ASN C 23 -4.52 -4.60 57.54
C ASN C 23 -5.33 -5.46 58.54
N ARG C 24 -5.60 -4.90 59.73
CA ARG C 24 -6.59 -5.47 60.67
C ARG C 24 -6.89 -4.52 61.84
N PRO C 26 -9.95 -3.10 59.45
CA PRO C 26 -11.31 -2.64 59.23
C PRO C 26 -11.38 -1.11 59.22
N MET C 27 -11.48 -0.53 58.01
CA MET C 27 -11.29 0.92 57.90
C MET C 27 -12.46 1.70 58.49
N TYR C 28 -12.09 2.83 59.09
CA TYR C 28 -13.02 3.78 59.67
C TYR C 28 -14.02 4.21 58.60
N PRO C 29 -15.32 4.02 58.87
CA PRO C 29 -16.37 4.36 57.92
C PRO C 29 -16.82 5.82 57.99
N GLY C 30 -16.02 6.68 58.59
CA GLY C 30 -16.38 8.08 58.74
C GLY C 30 -17.20 8.32 60.00
N PRO C 31 -17.46 9.60 60.32
CA PRO C 31 -18.18 9.99 61.51
C PRO C 31 -19.69 9.91 61.41
N THR C 32 -20.34 9.92 62.58
CA THR C 32 -21.79 9.90 62.67
C THR C 32 -22.23 10.92 63.70
N LYS C 33 -23.54 11.12 63.81
CA LYS C 33 -24.11 11.91 64.89
C LYS C 33 -23.65 11.34 66.24
N ASP C 34 -23.54 10.02 66.33
CA ASP C 34 -23.15 9.31 67.55
C ASP C 34 -21.66 9.36 67.83
N ASP C 35 -20.88 9.69 66.81
CA ASP C 35 -19.43 9.68 66.92
C ASP C 35 -18.83 10.76 66.01
N PRO C 36 -19.14 12.04 66.32
CA PRO C 36 -18.76 13.11 65.41
C PRO C 36 -17.25 13.33 65.36
N LEU C 37 -16.78 14.06 64.35
CA LEU C 37 -15.37 14.32 64.18
C LEU C 37 -15.15 15.82 64.06
N THR C 38 -14.10 16.31 64.71
CA THR C 38 -13.72 17.71 64.61
C THR C 38 -12.50 17.81 63.69
N VAL C 39 -12.61 18.65 62.66
CA VAL C 39 -11.50 18.89 61.75
C VAL C 39 -11.08 20.33 61.91
N THR C 40 -9.78 20.57 62.09
CA THR C 40 -9.25 21.92 62.18
C THR C 40 -8.56 22.30 60.87
N LEU C 41 -8.91 23.46 60.33
CA LEU C 41 -8.39 23.97 59.07
C LEU C 41 -7.59 25.23 59.30
N GLY C 42 -6.47 25.37 58.60
CA GLY C 42 -5.71 26.62 58.52
C GLY C 42 -5.12 26.78 57.13
N PHE C 43 -5.24 27.98 56.56
CA PHE C 43 -4.72 28.24 55.23
C PHE C 43 -3.48 29.09 55.30
N THR C 44 -2.50 28.72 54.50
CA THR C 44 -1.30 29.50 54.30
C THR C 44 -1.30 29.89 52.82
N LEU C 45 -1.32 31.19 52.55
CA LEU C 45 -1.43 31.69 51.19
C LEU C 45 -0.05 31.99 50.62
N GLN C 46 0.31 31.32 49.53
CA GLN C 46 1.64 31.44 48.94
C GLN C 46 1.67 32.43 47.78
N ASP C 47 0.66 32.38 46.91
CA ASP C 47 0.60 33.28 45.78
C ASP C 47 -0.80 33.46 45.25
N ILE C 48 -1.11 34.66 44.76
CA ILE C 48 -2.23 34.87 43.86
C ILE C 48 -1.63 34.89 42.47
N VAL C 49 -1.88 33.83 41.71
CA VAL C 49 -1.21 33.62 40.43
C VAL C 49 -1.84 34.41 39.30
N LYS C 50 -3.16 34.54 39.33
CA LYS C 50 -3.89 35.14 38.21
C LYS C 50 -5.26 35.67 38.62
N ALA C 51 -5.62 36.82 38.07
CA ALA C 51 -6.94 37.41 38.27
C ALA C 51 -7.57 37.76 36.92
N ASP C 52 -8.44 36.88 36.43
CA ASP C 52 -9.04 36.98 35.10
C ASP C 52 -10.33 37.80 35.17
N SER C 53 -10.29 39.03 34.69
CA SER C 53 -11.48 39.88 34.68
C SER C 53 -12.43 39.55 33.50
N SER C 54 -11.97 38.78 32.53
CA SER C 54 -12.86 38.36 31.44
C SER C 54 -13.82 37.19 31.84
N THR C 55 -13.44 36.42 32.87
CA THR C 55 -14.30 35.34 33.37
C THR C 55 -14.66 35.43 34.85
N ASN C 56 -14.04 36.36 35.58
CA ASN C 56 -14.19 36.45 37.03
C ASN C 56 -13.80 35.14 37.73
N GLU C 57 -12.58 34.70 37.40
CA GLU C 57 -11.92 33.58 38.03
C GLU C 57 -10.59 34.08 38.57
N VAL C 58 -10.26 33.66 39.78
CA VAL C 58 -8.97 33.96 40.35
C VAL C 58 -8.30 32.65 40.76
N ASP C 59 -6.99 32.56 40.51
CA ASP C 59 -6.20 31.38 40.82
C ASP C 59 -5.27 31.64 42.00
N LEU C 60 -5.42 30.84 43.04
CA LEU C 60 -4.56 30.89 44.23
C LEU C 60 -3.73 29.66 44.38
N VAL C 61 -2.59 29.83 45.02
CA VAL C 61 -1.78 28.73 45.48
C VAL C 61 -1.67 28.86 46.99
N TYR C 62 -2.03 27.80 47.70
CA TYR C 62 -2.04 27.82 49.15
C TYR C 62 -1.74 26.44 49.73
N TYR C 63 -1.29 26.42 50.99
CA TYR C 63 -1.19 25.20 51.78
C TYR C 63 -2.42 25.17 52.67
N GLU C 64 -3.06 24.01 52.78
CA GLU C 64 -4.23 23.84 53.61
C GLU C 64 -3.90 22.84 54.71
N GLN C 65 -3.76 23.30 55.94
CA GLN C 65 -3.49 22.39 57.05
C GLN C 65 -4.82 21.76 57.54
N GLN C 66 -4.87 20.43 57.58
CA GLN C 66 -6.02 19.69 58.07
C GLN C 66 -5.62 18.80 59.24
N ARG C 67 -6.32 18.93 60.36
CA ARG C 67 -6.07 18.09 61.54
C ARG C 67 -7.31 17.45 62.10
N TRP C 68 -7.17 16.19 62.50
CA TRP C 68 -8.24 15.45 63.16
C TRP C 68 -7.69 14.29 63.99
N LYS C 69 -8.54 13.67 64.79
CA LYS C 69 -8.13 12.65 65.75
C LYS C 69 -9.11 11.47 65.71
N LEU C 70 -8.56 10.26 65.60
CA LEU C 70 -9.33 9.03 65.59
C LEU C 70 -8.79 8.06 66.63
N ASN C 71 -9.68 7.51 67.46
CA ASN C 71 -9.28 6.47 68.40
C ASN C 71 -8.79 5.21 67.68
N SER C 72 -9.32 4.94 66.49
CA SER C 72 -8.91 3.75 65.74
C SER C 72 -7.47 3.84 65.19
N LEU C 73 -6.86 5.02 65.22
CA LEU C 73 -5.45 5.18 64.87
C LEU C 73 -4.51 5.33 66.06
N MET C 74 -5.01 5.08 67.27
CA MET C 74 -4.19 5.14 68.49
C MET C 74 -3.36 3.88 68.70
N TRP C 75 -2.20 4.04 69.32
CA TRP C 75 -1.39 2.91 69.78
C TRP C 75 -0.49 3.34 70.93
N ASP C 76 -0.02 2.37 71.70
CA ASP C 76 0.93 2.58 72.79
C ASP C 76 2.35 2.43 72.24
N PRO C 77 3.13 3.52 72.23
CA PRO C 77 4.53 3.46 71.76
C PRO C 77 5.36 2.31 72.35
N ASN C 78 5.16 2.01 73.63
CA ASN C 78 5.93 0.94 74.31
C ASN C 78 5.68 -0.46 73.73
N GLU C 79 4.48 -0.68 73.18
CA GLU C 79 4.17 -1.93 72.50
C GLU C 79 4.73 -1.98 71.07
N TYR C 80 5.35 -0.89 70.61
CA TYR C 80 5.88 -0.81 69.26
C TYR C 80 7.23 -0.07 69.21
N GLY C 81 8.14 -0.44 70.13
CA GLY C 81 9.51 0.07 70.12
C GLY C 81 9.64 1.59 70.21
N ASN C 82 8.81 2.20 71.05
CA ASN C 82 8.83 3.65 71.29
C ASN C 82 8.62 4.52 70.03
N ILE C 83 7.86 4.00 69.06
CA ILE C 83 7.45 4.77 67.87
C ILE C 83 6.27 5.66 68.25
N THR C 84 6.43 6.98 68.10
CA THR C 84 5.41 7.95 68.53
C THR C 84 4.61 8.53 67.37
N ASP C 85 5.19 8.51 66.16
CA ASP C 85 4.49 8.90 64.95
C ASP C 85 5.02 8.15 63.74
N PHE C 86 4.32 8.29 62.62
CA PHE C 86 4.80 7.78 61.33
C PHE C 86 4.20 8.52 60.15
N ARG C 87 4.84 8.36 59.00
CA ARG C 87 4.39 8.93 57.75
C ARG C 87 3.68 7.85 56.96
N THR C 88 2.61 8.21 56.28
CA THR C 88 1.89 7.26 55.46
C THR C 88 1.16 7.97 54.34
N SER C 89 0.93 7.25 53.26
CA SER C 89 0.21 7.77 52.13
C SER C 89 -1.21 8.14 52.59
N ALA C 90 -1.68 9.33 52.22
CA ALA C 90 -3.05 9.73 52.53
C ALA C 90 -4.09 8.75 51.99
N ALA C 91 -3.70 7.92 51.02
CA ALA C 91 -4.54 6.84 50.50
C ALA C 91 -4.43 5.53 51.31
C ALA C 91 -4.63 5.58 51.38
N ASP C 92 -3.91 5.59 52.52
N ASP C 92 -3.86 5.54 52.47
CA ASP C 92 -3.96 4.47 53.46
C ASP C 92 -4.95 4.75 54.59
N ILE C 93 -5.40 6.01 54.68
CA ILE C 93 -6.25 6.44 55.78
C ILE C 93 -7.47 7.16 55.25
N TRP C 94 -8.50 7.25 56.08
CA TRP C 94 -9.66 8.06 55.78
C TRP C 94 -9.21 9.51 55.90
N THR C 95 -9.73 10.37 55.03
CA THR C 95 -9.46 11.82 55.09
C THR C 95 -10.76 12.57 54.87
N PRO C 96 -10.89 13.75 55.48
CA PRO C 96 -12.15 14.48 55.36
C PRO C 96 -12.36 15.04 53.96
N ASP C 97 -13.64 15.12 53.55
CA ASP C 97 -14.06 15.58 52.22
C ASP C 97 -14.21 17.11 52.15
N ILE C 98 -13.22 17.82 52.68
CA ILE C 98 -13.25 19.29 52.66
C ILE C 98 -13.11 19.79 51.24
N THR C 99 -14.01 20.68 50.85
CA THR C 99 -14.15 21.13 49.47
C THR C 99 -14.26 22.63 49.41
N ALA C 100 -13.63 23.25 48.42
CA ALA C 100 -13.85 24.66 48.12
C ALA C 100 -15.20 24.71 47.43
N TYR C 101 -16.15 25.44 48.00
CA TYR C 101 -17.50 25.46 47.46
C TYR C 101 -17.67 26.28 46.18
N SER C 102 -16.73 27.17 45.88
CA SER C 102 -16.88 28.06 44.73
C SER C 102 -15.79 27.90 43.67
N SER C 103 -15.25 26.69 43.52
CA SER C 103 -14.25 26.43 42.50
C SER C 103 -14.90 26.35 41.13
N THR C 104 -14.12 26.72 40.12
CA THR C 104 -14.56 26.66 38.73
C THR C 104 -13.77 25.63 37.93
N ARG C 105 -12.75 25.02 38.55
CA ARG C 105 -11.93 23.98 37.93
C ARG C 105 -11.58 22.96 38.98
N PRO C 106 -11.27 21.72 38.58
CA PRO C 106 -10.76 20.79 39.58
C PRO C 106 -9.51 21.32 40.28
N VAL C 107 -9.50 21.21 41.60
CA VAL C 107 -8.33 21.56 42.39
C VAL C 107 -7.14 20.74 41.89
N GLN C 108 -6.00 21.40 41.79
CA GLN C 108 -4.77 20.75 41.34
C GLN C 108 -3.83 20.60 42.53
N VAL C 109 -3.41 19.37 42.77
CA VAL C 109 -2.55 19.06 43.92
C VAL C 109 -1.08 19.24 43.52
N LEU C 110 -0.34 19.95 44.35
CA LEU C 110 1.04 20.33 44.08
C LEU C 110 2.06 19.60 44.94
N SER C 111 1.61 18.97 46.03
CA SER C 111 2.51 18.33 46.98
C SER C 111 2.24 16.83 47.03
N PRO C 112 3.22 16.06 47.50
CA PRO C 112 2.97 14.63 47.73
C PRO C 112 1.88 14.44 48.78
N GLN C 113 1.01 13.45 48.58
CA GLN C 113 -0.12 13.27 49.46
C GLN C 113 0.20 12.27 50.56
N ILE C 114 0.82 12.81 51.60
CA ILE C 114 1.34 12.04 52.71
C ILE C 114 0.90 12.72 53.99
N ALA C 115 0.45 11.92 54.95
CA ALA C 115 0.04 12.44 56.25
C ALA C 115 0.98 11.97 57.35
N VAL C 116 0.93 12.67 58.48
CA VAL C 116 1.64 12.25 59.68
C VAL C 116 0.63 11.83 60.74
N VAL C 117 0.77 10.59 61.22
CA VAL C 117 -0.10 10.02 62.23
C VAL C 117 0.70 9.90 63.51
N THR C 118 0.12 10.41 64.60
CA THR C 118 0.76 10.41 65.92
C THR C 118 0.05 9.37 66.80
N HIS C 119 0.78 8.86 67.79
CA HIS C 119 0.30 7.75 68.65
C HIS C 119 -1.02 8.05 69.38
N ASP C 120 -1.30 9.33 69.65
CA ASP C 120 -2.57 9.72 70.28
C ASP C 120 -3.76 9.67 69.33
N GLY C 121 -3.53 9.29 68.08
CA GLY C 121 -4.59 9.15 67.08
C GLY C 121 -4.75 10.34 66.15
N SER C 122 -3.95 11.38 66.38
CA SER C 122 -4.03 12.61 65.61
C SER C 122 -3.38 12.44 64.23
N VAL C 123 -3.95 13.10 63.24
CA VAL C 123 -3.42 13.05 61.89
C VAL C 123 -3.18 14.46 61.44
N MET C 124 -2.05 14.70 60.78
CA MET C 124 -1.83 15.97 60.15
C MET C 124 -1.56 15.82 58.68
N PHE C 125 -2.36 16.50 57.89
CA PHE C 125 -2.32 16.39 56.45
C PHE C 125 -2.31 17.79 55.88
N ILE C 126 -1.28 18.08 55.08
CA ILE C 126 -1.07 19.44 54.59
C ILE C 126 -0.87 19.46 53.06
N PRO C 127 -1.96 19.36 52.30
CA PRO C 127 -1.88 19.45 50.85
C PRO C 127 -1.68 20.88 50.33
N ALA C 128 -0.73 21.04 49.43
CA ALA C 128 -0.57 22.28 48.67
C ALA C 128 -1.41 22.18 47.40
N GLN C 129 -2.17 23.23 47.10
CA GLN C 129 -3.17 23.22 46.06
C GLN C 129 -3.15 24.50 45.21
N ARG C 130 -3.44 24.37 43.92
CA ARG C 130 -3.82 25.50 43.09
C ARG C 130 -5.32 25.41 42.83
N LEU C 131 -6.02 26.48 43.19
CA LEU C 131 -7.47 26.57 43.08
C LEU C 131 -7.85 27.72 42.17
N SER C 132 -8.79 27.45 41.26
CA SER C 132 -9.48 28.48 40.50
C SER C 132 -10.87 28.62 41.08
N PHE C 133 -11.28 29.82 41.48
CA PHE C 133 -12.59 30.03 42.08
C PHE C 133 -13.23 31.34 41.61
N MET C 134 -14.52 31.48 41.93
CA MET C 134 -15.32 32.61 41.48
C MET C 134 -14.92 33.87 42.20
N CYS C 135 -14.57 34.89 41.43
CA CYS C 135 -14.05 36.12 42.01
C CYS C 135 -14.01 37.25 40.98
N ASP C 136 -14.75 38.31 41.26
CA ASP C 136 -14.72 39.56 40.50
C ASP C 136 -13.56 40.42 40.99
N PRO C 137 -12.50 40.56 40.18
CA PRO C 137 -11.32 41.35 40.58
C PRO C 137 -11.43 42.85 40.30
N THR C 138 -12.64 43.38 40.15
CA THR C 138 -12.81 44.83 39.97
C THR C 138 -12.19 45.55 41.17
N GLY C 139 -11.47 46.63 40.89
CA GLY C 139 -10.80 47.42 41.93
C GLY C 139 -9.37 47.01 42.17
N VAL C 140 -8.96 45.88 41.61
CA VAL C 140 -7.62 45.34 41.85
C VAL C 140 -6.50 46.33 41.46
N ASP C 141 -6.75 47.17 40.45
CA ASP C 141 -5.79 48.19 40.02
C ASP C 141 -5.98 49.55 40.70
N SER C 142 -6.64 49.54 41.86
CA SER C 142 -6.83 50.73 42.67
C SER C 142 -6.19 50.50 44.03
N GLU C 143 -6.20 51.54 44.86
CA GLU C 143 -5.55 51.49 46.17
C GLU C 143 -6.37 50.68 47.19
N GLU C 144 -7.69 50.64 47.00
CA GLU C 144 -8.58 49.89 47.90
C GLU C 144 -8.46 48.41 47.60
N GLY C 145 -8.19 48.08 46.35
CA GLY C 145 -8.03 46.70 45.92
C GLY C 145 -9.34 45.99 45.70
N ALA C 146 -9.24 44.71 45.38
CA ALA C 146 -10.41 43.84 45.21
C ALA C 146 -10.53 42.93 46.42
N THR C 147 -11.75 42.46 46.66
CA THR C 147 -12.01 41.53 47.75
C THR C 147 -12.58 40.26 47.16
N CYS C 148 -12.09 39.11 47.60
CA CYS C 148 -12.65 37.84 47.18
C CYS C 148 -12.78 36.82 48.31
N ALA C 149 -13.83 36.02 48.23
CA ALA C 149 -14.23 35.14 49.30
C ALA C 149 -14.46 33.76 48.73
N VAL C 150 -13.94 32.75 49.41
CA VAL C 150 -14.19 31.36 49.04
C VAL C 150 -14.45 30.53 50.30
N LYS C 151 -15.53 29.75 50.26
CA LYS C 151 -15.93 28.97 51.42
C LYS C 151 -15.50 27.53 51.29
N PHE C 152 -14.93 26.98 52.35
CA PHE C 152 -14.54 25.58 52.39
C PHE C 152 -15.41 24.84 53.39
N GLY C 153 -15.70 23.58 53.08
CA GLY C 153 -16.43 22.74 54.00
C GLY C 153 -16.65 21.35 53.45
N SER C 154 -17.26 20.48 54.26
CA SER C 154 -17.59 19.15 53.85
C SER C 154 -18.68 19.20 52.80
N TRP C 155 -18.58 18.31 51.83
CA TRP C 155 -19.56 18.26 50.78
C TRP C 155 -20.82 17.51 51.21
N VAL C 156 -20.67 16.43 51.98
CA VAL C 156 -21.82 15.58 52.35
C VAL C 156 -22.18 15.50 53.85
N TYR C 157 -21.28 15.93 54.72
CA TYR C 157 -21.53 15.85 56.15
C TYR C 157 -22.02 17.16 56.78
N SER C 158 -23.00 17.06 57.67
CA SER C 158 -23.48 18.23 58.40
C SER C 158 -22.55 18.55 59.57
N GLY C 159 -22.87 19.64 60.27
CA GLY C 159 -22.15 20.03 61.49
C GLY C 159 -22.21 19.01 62.61
N PHE C 160 -23.26 18.19 62.64
CA PHE C 160 -23.37 17.14 63.64
C PHE C 160 -22.47 15.93 63.40
N GLU C 161 -21.84 15.83 62.23
CA GLU C 161 -20.92 14.72 61.92
C GLU C 161 -19.48 15.22 61.78
N ILE C 162 -19.30 16.29 61.03
CA ILE C 162 -18.00 16.93 60.90
C ILE C 162 -18.10 18.38 61.36
N ASP C 163 -17.41 18.69 62.44
CA ASP C 163 -17.36 20.03 62.95
C ASP C 163 -16.05 20.67 62.52
N LEU C 164 -16.11 21.84 61.88
CA LEU C 164 -14.92 22.53 61.44
C LEU C 164 -14.50 23.57 62.42
N LYS C 165 -13.19 23.71 62.64
CA LYS C 165 -12.65 24.79 63.46
C LYS C 165 -11.36 25.36 62.88
N THR C 166 -11.05 26.60 63.26
CA THR C 166 -9.75 27.20 62.97
C THR C 166 -9.08 27.47 64.30
N ASP C 167 -7.76 27.48 64.35
CA ASP C 167 -7.04 27.88 65.55
C ASP C 167 -7.05 29.39 65.66
N THR C 168 -6.91 30.06 64.52
CA THR C 168 -6.85 31.50 64.44
C THR C 168 -7.69 31.97 63.28
N ASP C 169 -8.11 33.24 63.30
CA ASP C 169 -8.87 33.80 62.18
C ASP C 169 -7.96 34.50 61.15
N GLN C 170 -6.65 34.51 61.43
CA GLN C 170 -5.67 35.10 60.52
C GLN C 170 -5.02 34.05 59.62
N VAL C 171 -5.13 34.27 58.31
CA VAL C 171 -4.45 33.46 57.31
C VAL C 171 -2.97 33.78 57.40
N ASP C 172 -2.16 32.73 57.36
CA ASP C 172 -0.71 32.88 57.47
C ASP C 172 -0.15 33.42 56.16
N LEU C 173 0.40 34.63 56.23
CA LEU C 173 0.97 35.30 55.06
C LEU C 173 2.51 35.38 55.12
N SER C 174 3.12 34.67 56.06
CA SER C 174 4.56 34.80 56.29
C SER C 174 5.41 34.25 55.12
N SER C 175 4.90 33.26 54.40
CA SER C 175 5.58 32.72 53.20
C SER C 175 4.96 33.17 51.86
N TYR C 176 4.11 34.20 51.87
CA TYR C 176 3.54 34.73 50.63
C TYR C 176 4.64 35.33 49.75
N TYR C 177 4.54 35.08 48.45
CA TYR C 177 5.59 35.41 47.49
C TYR C 177 5.82 36.91 47.33
N ALA C 178 7.00 37.38 47.73
CA ALA C 178 7.32 38.81 47.76
C ALA C 178 7.18 39.51 46.41
N SER C 179 7.38 38.77 45.31
CA SER C 179 7.35 39.35 43.96
C SER C 179 6.13 38.92 43.15
N SER C 180 5.07 38.52 43.83
CA SER C 180 3.79 38.27 43.19
C SER C 180 3.33 39.48 42.42
N LYS C 181 2.48 39.27 41.41
CA LYS C 181 1.83 40.38 40.70
C LYS C 181 0.89 41.15 41.62
N TYR C 182 0.38 40.46 42.65
CA TYR C 182 -0.56 41.02 43.59
C TYR C 182 0.00 41.00 44.99
N GLU C 183 -0.14 42.10 45.72
CA GLU C 183 0.17 42.12 47.16
C GLU C 183 -1.14 41.92 47.95
N ILE C 184 -1.03 41.38 49.16
CA ILE C 184 -2.19 41.10 50.01
C ILE C 184 -2.39 42.21 51.03
N LEU C 185 -3.58 42.81 51.01
CA LEU C 185 -3.95 43.80 52.01
C LEU C 185 -4.44 43.12 53.27
N SER C 186 -5.21 42.05 53.11
CA SER C 186 -5.63 41.26 54.27
C SER C 186 -6.14 39.90 53.85
N ALA C 187 -6.08 38.96 54.78
CA ALA C 187 -6.51 37.59 54.51
C ALA C 187 -7.01 36.98 55.83
N THR C 188 -8.31 36.68 55.88
CA THR C 188 -8.92 36.13 57.08
C THR C 188 -9.59 34.80 56.77
N GLN C 189 -9.77 33.98 57.81
CA GLN C 189 -10.43 32.68 57.69
C GLN C 189 -11.38 32.53 58.89
N THR C 190 -12.68 32.48 58.60
CA THR C 190 -13.72 32.59 59.64
C THR C 190 -14.69 31.42 59.57
N ARG C 191 -14.84 30.72 60.69
CA ARG C 191 -15.83 29.67 60.83
C ARG C 191 -17.25 30.26 60.83
N GLN C 192 -18.14 29.67 60.05
CA GLN C 192 -19.51 30.15 59.97
C GLN C 192 -20.47 28.99 60.10
N VAL C 193 -21.62 29.24 60.70
CA VAL C 193 -22.67 28.24 60.85
C VAL C 193 -23.86 28.70 60.04
N GLN C 194 -24.43 27.77 59.28
CA GLN C 194 -25.60 28.05 58.46
C GLN C 194 -26.68 27.01 58.69
N HIS C 195 -27.92 27.43 58.49
CA HIS C 195 -29.06 26.52 58.51
C HIS C 195 -29.81 26.67 57.20
N TYR C 196 -30.28 25.58 56.63
CA TYR C 196 -31.16 25.65 55.46
C TYR C 196 -32.57 25.35 55.94
N SER C 197 -33.56 25.94 55.27
CA SER C 197 -34.98 25.77 55.64
C SER C 197 -35.45 24.31 55.62
N CYS C 198 -34.96 23.54 54.64
CA CYS C 198 -35.23 22.10 54.58
C CYS C 198 -34.94 21.35 55.88
N CYS C 199 -33.97 21.85 56.65
CA CYS C 199 -33.15 21.01 57.49
C CYS C 199 -32.94 21.56 58.92
N PRO C 200 -33.08 20.70 59.95
CA PRO C 200 -32.80 21.18 61.33
C PRO C 200 -31.30 21.24 61.72
N GLU C 201 -30.45 20.48 61.04
CA GLU C 201 -29.04 20.37 61.43
C GLU C 201 -28.24 21.60 60.97
N PRO C 202 -27.18 21.95 61.70
CA PRO C 202 -26.31 23.06 61.32
C PRO C 202 -25.26 22.61 60.33
N TYR C 203 -24.87 23.53 59.45
CA TYR C 203 -23.80 23.28 58.49
C TYR C 203 -22.70 24.32 58.63
N ILE C 204 -21.46 23.84 58.65
CA ILE C 204 -20.31 24.66 58.95
C ILE C 204 -19.49 24.90 57.71
N ASP C 205 -18.91 26.09 57.61
CA ASP C 205 -17.93 26.39 56.58
C ASP C 205 -16.90 27.36 57.13
N VAL C 206 -15.72 27.36 56.52
CA VAL C 206 -14.69 28.35 56.81
C VAL C 206 -14.63 29.32 55.61
N ASN C 207 -14.82 30.60 55.87
CA ASN C 207 -14.83 31.61 54.82
C ASN C 207 -13.48 32.30 54.70
N LEU C 208 -12.76 32.01 53.61
CA LEU C 208 -11.49 32.62 53.32
C LEU C 208 -11.71 33.94 52.56
N VAL C 209 -11.48 35.07 53.21
CA VAL C 209 -11.66 36.40 52.61
C VAL C 209 -10.31 37.05 52.38
N VAL C 210 -9.99 37.27 51.10
CA VAL C 210 -8.73 37.89 50.72
C VAL C 210 -8.94 39.25 50.06
N LYS C 211 -8.27 40.27 50.59
CA LYS C 211 -8.23 41.58 49.96
C LYS C 211 -6.87 41.75 49.33
N PHE C 212 -6.84 42.12 48.05
CA PHE C 212 -5.60 42.23 47.30
C PHE C 212 -5.63 43.32 46.24
N ARG C 213 -4.44 43.72 45.79
CA ARG C 213 -4.29 44.68 44.70
C ARG C 213 -3.00 44.44 43.91
N GLU C 214 -2.93 45.02 42.72
CA GLU C 214 -1.73 44.91 41.88
C GLU C 214 -0.55 45.59 42.60
N ARG C 215 0.60 44.94 42.56
CA ARG C 215 1.83 45.50 43.16
C ARG C 215 2.21 46.77 42.38
N ARG C 216 2.80 47.75 43.05
CA ARG C 216 3.14 49.03 42.40
C ARG C 216 4.43 48.96 41.58
N ASP D 6 22.96 -20.17 28.94
CA ASP D 6 23.73 -19.09 29.62
C ASP D 6 22.85 -17.88 29.89
N LYS D 7 22.25 -17.35 28.82
CA LYS D 7 21.43 -16.14 28.88
C LYS D 7 20.10 -16.39 29.61
N LEU D 8 19.60 -17.62 29.50
CA LEU D 8 18.49 -18.10 30.31
C LEU D 8 18.85 -18.05 31.81
N HIS D 9 20.10 -18.42 32.13
CA HIS D 9 20.58 -18.42 33.53
C HIS D 9 20.79 -17.03 34.10
N SER D 10 21.29 -16.10 33.27
CA SER D 10 21.45 -14.71 33.71
C SER D 10 20.08 -14.08 33.99
N GLN D 11 19.07 -14.47 33.23
CA GLN D 11 17.69 -14.04 33.47
C GLN D 11 17.13 -14.62 34.76
N ALA D 12 17.36 -15.92 34.97
CA ALA D 12 16.89 -16.62 36.16
C ALA D 12 17.49 -16.02 37.42
N ASN D 13 18.77 -15.67 37.34
CA ASN D 13 19.46 -14.98 38.43
C ASN D 13 18.86 -13.62 38.76
N LEU D 14 18.57 -12.83 37.73
CA LEU D 14 18.00 -11.50 37.92
C LEU D 14 16.58 -11.59 38.46
N MET D 15 15.79 -12.51 37.92
CA MET D 15 14.43 -12.75 38.39
C MET D 15 14.43 -13.16 39.86
N ARG D 16 15.35 -14.04 40.23
CA ARG D 16 15.46 -14.49 41.62
C ARG D 16 15.89 -13.36 42.55
N LEU D 17 16.81 -12.53 42.10
CA LEU D 17 17.31 -11.42 42.90
C LEU D 17 16.15 -10.49 43.27
N LYS D 18 15.37 -10.10 42.28
CA LYS D 18 14.27 -9.16 42.50
C LYS D 18 13.23 -9.74 43.46
N SER D 19 12.91 -11.03 43.30
CA SER D 19 12.01 -11.74 44.22
C SER D 19 12.53 -11.71 45.65
N ASP D 20 13.80 -12.10 45.82
CA ASP D 20 14.45 -12.06 47.13
C ASP D 20 14.38 -10.66 47.77
N LEU D 21 14.45 -9.61 46.96
CA LEU D 21 14.46 -8.24 47.50
C LEU D 21 13.08 -7.65 47.76
N PHE D 22 12.14 -7.82 46.83
CA PHE D 22 10.83 -7.18 46.95
C PHE D 22 9.75 -8.09 47.57
N ASN D 23 10.10 -9.33 47.92
CA ASN D 23 9.15 -10.27 48.54
C ASN D 23 9.61 -10.88 49.87
N ARG D 24 10.80 -10.51 50.35
CA ARG D 24 11.26 -10.90 51.69
C ARG D 24 11.56 -9.63 52.49
N SER D 25 11.06 -9.56 53.74
CA SER D 25 11.06 -8.34 54.54
C SER D 25 10.57 -7.15 53.70
N PRO D 26 9.28 -7.18 53.31
CA PRO D 26 8.73 -6.32 52.26
C PRO D 26 8.77 -4.80 52.52
N MET D 27 8.08 -4.07 51.63
CA MET D 27 8.13 -2.60 51.52
C MET D 27 8.74 -1.82 52.70
N TYR D 28 9.97 -1.36 52.50
CA TYR D 28 10.64 -0.43 53.40
C TYR D 28 9.70 0.74 53.67
N PRO D 29 9.53 1.11 54.95
CA PRO D 29 8.48 2.05 55.32
C PRO D 29 8.94 3.51 55.35
N GLY D 30 10.09 3.79 54.75
CA GLY D 30 10.66 5.13 54.80
C GLY D 30 11.58 5.26 55.98
N PRO D 31 12.31 6.38 56.04
CA PRO D 31 13.26 6.63 57.13
C PRO D 31 12.58 7.10 58.41
N THR D 32 13.29 6.95 59.51
CA THR D 32 12.85 7.46 60.82
C THR D 32 14.04 8.15 61.48
N LYS D 33 13.81 8.73 62.66
CA LYS D 33 14.89 9.35 63.41
C LYS D 33 15.93 8.30 63.82
N ASP D 34 15.47 7.07 64.10
CA ASP D 34 16.37 5.95 64.44
C ASP D 34 17.17 5.44 63.25
N ASP D 35 16.58 5.49 62.05
CA ASP D 35 17.25 5.06 60.82
C ASP D 35 17.18 6.16 59.76
N PRO D 36 18.00 7.22 59.93
CA PRO D 36 17.91 8.35 59.01
C PRO D 36 18.45 8.01 57.61
N LEU D 37 18.13 8.86 56.65
CA LEU D 37 18.50 8.64 55.27
C LEU D 37 19.13 9.89 54.70
N THR D 38 20.22 9.69 53.97
CA THR D 38 20.86 10.75 53.22
C THR D 38 20.41 10.65 51.76
N VAL D 39 19.82 11.72 51.24
CA VAL D 39 19.50 11.81 49.81
C VAL D 39 20.38 12.88 49.20
N THR D 40 21.03 12.58 48.09
CA THR D 40 21.87 13.56 47.44
C THR D 40 21.13 14.07 46.21
N LEU D 41 21.09 15.39 46.07
CA LEU D 41 20.34 16.06 44.99
C LEU D 41 21.27 16.84 44.10
N GLY D 42 21.05 16.71 42.80
CA GLY D 42 21.75 17.53 41.81
C GLY D 42 20.78 17.86 40.71
N PHE D 43 20.97 19.02 40.07
CA PHE D 43 20.11 19.44 38.98
C PHE D 43 20.90 19.62 37.70
N THR D 44 20.31 19.17 36.59
CA THR D 44 20.80 19.45 35.25
C THR D 44 19.71 20.25 34.52
N LEU D 45 20.07 21.44 34.08
CA LEU D 45 19.12 22.34 33.47
C LEU D 45 19.16 22.20 31.95
N GLN D 46 18.00 21.87 31.37
CA GLN D 46 17.88 21.63 29.93
C GLN D 46 17.40 22.86 29.16
N ASP D 47 16.38 23.54 29.70
CA ASP D 47 15.74 24.64 28.96
C ASP D 47 14.82 25.46 29.86
N ILE D 48 14.88 26.77 29.70
CA ILE D 48 13.82 27.64 30.21
C ILE D 48 12.87 27.83 29.04
N VAL D 49 11.66 27.29 29.18
CA VAL D 49 10.69 27.28 28.11
C VAL D 49 9.87 28.57 28.01
N LYS D 50 9.55 29.18 29.15
CA LYS D 50 8.62 30.30 29.17
C LYS D 50 8.87 31.18 30.38
N ALA D 51 8.77 32.49 30.19
CA ALA D 51 8.77 33.43 31.30
C ALA D 51 7.59 34.38 31.16
N ASP D 52 6.53 34.11 31.93
CA ASP D 52 5.29 34.89 31.89
C ASP D 52 5.32 36.05 32.88
N SER D 53 5.46 37.26 32.36
CA SER D 53 5.46 38.46 33.20
C SER D 53 4.06 38.98 33.52
N SER D 54 3.02 38.28 33.08
CA SER D 54 1.64 38.60 33.46
C SER D 54 1.10 37.74 34.62
N THR D 55 1.77 36.62 34.90
CA THR D 55 1.47 35.81 36.10
C THR D 55 2.69 35.60 37.01
N ASN D 56 3.85 36.10 36.60
CA ASN D 56 5.09 35.83 37.29
C ASN D 56 5.28 34.34 37.55
N GLU D 57 5.20 33.57 36.46
CA GLU D 57 5.50 32.13 36.45
C GLU D 57 6.60 31.90 35.43
N VAL D 58 7.54 31.02 35.76
CA VAL D 58 8.58 30.60 34.82
C VAL D 58 8.57 29.09 34.70
N ASP D 59 8.67 28.60 33.46
CA ASP D 59 8.63 27.17 33.17
C ASP D 59 10.00 26.62 32.83
N LEU D 60 10.34 25.53 33.49
CA LEU D 60 11.68 24.99 33.47
C LEU D 60 11.64 23.51 33.14
N VAL D 61 12.53 23.07 32.25
CA VAL D 61 12.74 21.64 32.02
C VAL D 61 14.11 21.29 32.58
N TYR D 62 14.15 20.28 33.45
CA TYR D 62 15.39 19.88 34.08
C TYR D 62 15.39 18.39 34.47
N TYR D 63 16.59 17.85 34.71
CA TYR D 63 16.74 16.53 35.34
C TYR D 63 17.05 16.78 36.80
N GLU D 64 16.44 15.98 37.66
CA GLU D 64 16.70 16.02 39.10
C GLU D 64 17.33 14.69 39.47
N GLN D 65 18.62 14.69 39.76
CA GLN D 65 19.32 13.46 40.07
C GLN D 65 19.21 13.20 41.56
N GLN D 66 18.61 12.05 41.91
CA GLN D 66 18.41 11.66 43.31
C GLN D 66 19.15 10.36 43.61
N ARG D 67 19.89 10.34 44.71
CA ARG D 67 20.65 9.17 45.15
C ARG D 67 20.49 8.91 46.64
N TRP D 68 20.30 7.65 46.99
CA TRP D 68 20.26 7.24 48.39
C TRP D 68 20.63 5.77 48.48
N LYS D 69 20.92 5.31 49.70
CA LYS D 69 21.41 3.97 49.94
C LYS D 69 20.52 3.29 50.98
N LEU D 70 20.13 2.04 50.73
CA LEU D 70 19.38 1.22 51.69
C LEU D 70 20.06 -0.09 51.95
N ASN D 71 20.25 -0.42 53.21
CA ASN D 71 20.79 -1.73 53.58
C ASN D 71 19.85 -2.85 53.10
N SER D 72 18.55 -2.58 53.10
CA SER D 72 17.56 -3.56 52.65
C SER D 72 17.53 -3.78 51.13
N LEU D 73 18.37 -3.05 50.39
CA LEU D 73 18.60 -3.31 48.97
C LEU D 73 20.01 -3.85 48.67
N MET D 74 20.76 -4.27 49.69
CA MET D 74 22.09 -4.85 49.48
C MET D 74 22.01 -6.33 49.12
N TRP D 75 22.94 -6.78 48.27
CA TRP D 75 23.10 -8.20 48.01
C TRP D 75 24.54 -8.51 47.61
N ASP D 76 24.92 -9.77 47.79
CA ASP D 76 26.23 -10.26 47.38
C ASP D 76 26.11 -10.76 45.93
N PRO D 77 26.83 -10.11 44.99
CA PRO D 77 26.79 -10.54 43.60
C PRO D 77 27.11 -12.01 43.38
N ASN D 78 27.92 -12.60 44.25
CA ASN D 78 28.19 -14.04 44.15
C ASN D 78 26.98 -14.93 44.45
N GLU D 79 26.11 -14.52 45.38
CA GLU D 79 24.87 -15.25 45.60
C GLU D 79 23.97 -15.26 44.34
N TYR D 80 24.25 -14.39 43.37
CA TYR D 80 23.34 -14.14 42.24
C TYR D 80 24.00 -14.01 40.86
N GLY D 81 24.93 -14.90 40.54
CA GLY D 81 25.54 -14.94 39.20
C GLY D 81 26.29 -13.68 38.80
N ASN D 82 26.93 -13.04 39.79
CA ASN D 82 27.71 -11.82 39.59
C ASN D 82 26.95 -10.65 38.97
N ILE D 83 25.66 -10.54 39.30
CA ILE D 83 24.86 -9.36 38.98
C ILE D 83 25.23 -8.25 39.97
N THR D 84 25.62 -7.09 39.44
CA THR D 84 26.09 -5.97 40.27
C THR D 84 25.08 -4.84 40.36
N ASP D 85 24.22 -4.73 39.36
CA ASP D 85 23.13 -3.75 39.37
C ASP D 85 21.93 -4.24 38.57
N PHE D 86 20.80 -3.58 38.74
CA PHE D 86 19.64 -3.81 37.88
C PHE D 86 18.79 -2.58 37.75
N ARG D 87 17.91 -2.62 36.75
CA ARG D 87 16.93 -1.58 36.53
C ARG D 87 15.58 -2.05 37.03
N THR D 88 14.84 -1.15 37.67
CA THR D 88 13.50 -1.49 38.09
C THR D 88 12.63 -0.27 38.09
N SER D 89 11.33 -0.50 37.97
CA SER D 89 10.34 0.56 38.00
C SER D 89 10.42 1.28 39.33
N ALA D 90 10.23 2.59 39.30
CA ALA D 90 10.27 3.42 40.50
C ALA D 90 9.10 3.15 41.45
N ALA D 91 8.02 2.55 40.95
CA ALA D 91 6.90 2.15 41.82
C ALA D 91 7.22 0.89 42.64
N ASP D 92 8.23 0.13 42.23
CA ASP D 92 8.62 -1.11 42.94
C ASP D 92 9.44 -0.88 44.22
N ILE D 93 10.00 0.33 44.36
CA ILE D 93 10.81 0.68 45.51
C ILE D 93 10.27 1.93 46.17
N TRP D 94 10.82 2.25 47.34
CA TRP D 94 10.51 3.52 47.99
C TRP D 94 11.32 4.63 47.32
N THR D 95 10.73 5.81 47.17
CA THR D 95 11.42 6.98 46.65
C THR D 95 11.14 8.16 47.58
N PRO D 96 12.07 9.10 47.67
CA PRO D 96 11.85 10.23 48.56
C PRO D 96 10.87 11.25 47.98
N ASP D 97 10.16 11.95 48.87
CA ASP D 97 9.10 12.92 48.52
C ASP D 97 9.65 14.33 48.26
N ILE D 98 10.69 14.41 47.43
CA ILE D 98 11.36 15.69 47.16
C ILE D 98 10.46 16.56 46.30
N THR D 99 10.19 17.76 46.80
CA THR D 99 9.17 18.63 46.23
C THR D 99 9.75 19.99 45.96
N ALA D 100 9.36 20.59 44.84
CA ALA D 100 9.60 22.01 44.60
C ALA D 100 8.62 22.75 45.46
N TYR D 101 9.11 23.64 46.32
CA TYR D 101 8.23 24.31 47.28
C TYR D 101 7.46 25.49 46.73
N SER D 102 7.89 26.04 45.59
CA SER D 102 7.21 27.20 45.01
C SER D 102 6.60 26.92 43.64
N SER D 103 6.18 25.68 43.42
CA SER D 103 5.56 25.34 42.15
C SER D 103 4.17 25.96 42.10
N THR D 104 3.72 26.28 40.88
CA THR D 104 2.40 26.85 40.66
C THR D 104 1.48 25.93 39.88
N ARG D 105 2.01 24.81 39.38
CA ARG D 105 1.23 23.76 38.70
C ARG D 105 1.81 22.41 39.02
N PRO D 106 1.02 21.34 38.83
CA PRO D 106 1.62 20.01 39.04
C PRO D 106 2.83 19.79 38.14
N VAL D 107 3.91 19.30 38.74
CA VAL D 107 5.11 18.92 38.01
C VAL D 107 4.73 17.92 36.92
N GLN D 108 5.28 18.08 35.72
CA GLN D 108 5.00 17.17 34.63
C GLN D 108 6.21 16.32 34.30
N VAL D 109 6.01 15.01 34.30
CA VAL D 109 7.09 14.03 34.17
C VAL D 109 7.37 13.71 32.70
N LEU D 110 8.62 13.87 32.29
CA LEU D 110 8.97 13.77 30.88
C LEU D 110 9.70 12.48 30.54
N SER D 111 10.20 11.76 31.55
CA SER D 111 11.03 10.57 31.32
C SER D 111 10.39 9.34 31.93
N PRO D 112 10.77 8.15 31.44
CA PRO D 112 10.44 6.89 32.10
C PRO D 112 10.91 6.94 33.54
N GLN D 113 10.11 6.42 34.44
CA GLN D 113 10.43 6.48 35.85
C GLN D 113 10.93 5.12 36.31
N ILE D 114 12.23 4.97 36.08
CA ILE D 114 12.92 3.73 36.28
C ILE D 114 14.19 4.11 37.04
N ALA D 115 14.56 3.28 38.01
CA ALA D 115 15.75 3.51 38.81
C ALA D 115 16.78 2.41 38.59
N VAL D 116 18.02 2.70 38.96
CA VAL D 116 19.10 1.73 38.90
C VAL D 116 19.51 1.42 40.33
N VAL D 117 19.52 0.15 40.67
CA VAL D 117 19.86 -0.29 42.02
C VAL D 117 21.16 -1.07 41.93
N THR D 118 22.15 -0.68 42.73
CA THR D 118 23.46 -1.33 42.75
C THR D 118 23.55 -2.23 43.97
N HIS D 119 24.44 -3.23 43.91
CA HIS D 119 24.56 -4.25 44.96
C HIS D 119 24.91 -3.73 46.36
N ASP D 120 25.53 -2.57 46.45
CA ASP D 120 25.79 -1.92 47.73
C ASP D 120 24.53 -1.25 48.32
N GLY D 121 23.39 -1.41 47.65
CA GLY D 121 22.12 -0.89 48.14
C GLY D 121 21.79 0.53 47.69
N SER D 122 22.68 1.15 46.91
CA SER D 122 22.49 2.52 46.48
C SER D 122 21.54 2.57 45.30
N VAL D 123 20.77 3.64 45.23
CA VAL D 123 19.74 3.80 44.22
C VAL D 123 19.99 5.11 43.48
N MET D 124 20.03 5.06 42.16
CA MET D 124 20.07 6.28 41.34
C MET D 124 18.76 6.39 40.59
N PHE D 125 18.15 7.57 40.67
CA PHE D 125 16.85 7.85 40.06
C PHE D 125 16.94 9.25 39.49
N ILE D 126 16.70 9.37 38.18
CA ILE D 126 16.85 10.63 37.46
C ILE D 126 15.62 10.96 36.60
N PRO D 127 14.54 11.46 37.21
CA PRO D 127 13.38 11.94 36.47
C PRO D 127 13.58 13.29 35.81
N ALA D 128 13.22 13.37 34.53
CA ALA D 128 13.16 14.64 33.80
C ALA D 128 11.77 15.24 33.99
N GLN D 129 11.71 16.53 34.27
CA GLN D 129 10.45 17.21 34.61
C GLN D 129 10.32 18.57 33.95
N ARG D 130 9.07 18.98 33.71
CA ARG D 130 8.71 20.36 33.40
C ARG D 130 7.98 20.96 34.61
N LEU D 131 8.54 22.04 35.13
CA LEU D 131 8.04 22.69 36.33
C LEU D 131 7.67 24.15 36.02
N SER D 132 6.48 24.56 36.45
CA SER D 132 6.12 25.98 36.57
C SER D 132 6.24 26.39 38.04
N PHE D 133 6.99 27.46 38.30
CA PHE D 133 7.18 27.99 39.65
C PHE D 133 7.12 29.53 39.70
N MET D 134 7.08 30.07 40.91
CA MET D 134 6.93 31.50 41.14
C MET D 134 8.21 32.24 40.83
N CYS D 135 8.13 33.19 39.92
CA CYS D 135 9.29 33.92 39.46
C CYS D 135 8.93 35.20 38.69
N ASP D 136 9.45 36.33 39.16
CA ASP D 136 9.31 37.61 38.49
C ASP D 136 10.49 37.79 37.53
N PRO D 137 10.22 37.79 36.21
CA PRO D 137 11.30 37.90 35.26
C PRO D 137 11.59 39.35 34.85
N THR D 138 11.32 40.31 35.72
CA THR D 138 11.70 41.70 35.48
C THR D 138 13.20 41.78 35.31
N GLY D 139 13.62 42.43 34.23
CA GLY D 139 15.04 42.56 33.90
C GLY D 139 15.57 41.49 32.96
N VAL D 140 14.72 40.53 32.58
CA VAL D 140 15.15 39.46 31.69
C VAL D 140 15.53 40.00 30.30
N ASP D 141 14.98 41.15 29.92
CA ASP D 141 15.32 41.82 28.65
C ASP D 141 16.44 42.84 28.81
N SER D 142 17.18 42.79 29.91
CA SER D 142 18.33 43.66 30.11
C SER D 142 19.61 42.81 30.10
N GLU D 143 20.76 43.45 30.22
CA GLU D 143 22.04 42.76 30.29
C GLU D 143 22.19 42.05 31.64
N GLU D 144 21.73 42.70 32.70
CA GLU D 144 21.77 42.14 34.05
C GLU D 144 20.93 40.84 34.14
N GLY D 145 19.80 40.81 33.46
CA GLY D 145 18.94 39.62 33.43
C GLY D 145 17.98 39.55 34.60
N ALA D 146 17.32 38.42 34.74
CA ALA D 146 16.43 38.17 35.86
C ALA D 146 17.07 37.11 36.75
N THR D 147 16.73 37.13 38.04
CA THR D 147 17.17 36.10 38.98
C THR D 147 15.95 35.44 39.57
N CYS D 148 15.95 34.12 39.62
CA CYS D 148 14.90 33.40 40.30
C CYS D 148 15.39 32.21 41.10
N ALA D 149 14.66 31.91 42.16
CA ALA D 149 15.06 30.93 43.12
C ALA D 149 13.88 30.03 43.41
N VAL D 150 14.15 28.75 43.52
CA VAL D 150 13.14 27.78 43.91
C VAL D 150 13.80 26.77 44.83
N LYS D 151 13.13 26.46 45.92
CA LYS D 151 13.67 25.56 46.93
C LYS D 151 13.03 24.19 46.83
N PHE D 152 13.88 23.17 46.95
CA PHE D 152 13.43 21.77 46.89
C PHE D 152 13.72 21.12 48.22
N GLY D 153 12.86 20.18 48.61
CA GLY D 153 13.08 19.47 49.85
C GLY D 153 11.98 18.47 50.12
N SER D 154 12.13 17.71 51.20
CA SER D 154 11.11 16.76 51.55
C SER D 154 9.87 17.54 51.96
N TRP D 155 8.70 17.02 51.66
CA TRP D 155 7.48 17.69 52.07
C TRP D 155 7.09 17.38 53.52
N VAL D 156 7.36 16.17 53.99
CA VAL D 156 6.92 15.74 55.32
C VAL D 156 8.00 15.27 56.29
N TYR D 157 9.23 15.11 55.81
CA TYR D 157 10.33 14.62 56.64
C TYR D 157 11.31 15.74 57.05
N SER D 158 11.74 15.71 58.32
CA SER D 158 12.70 16.68 58.83
C SER D 158 14.13 16.24 58.54
N GLY D 159 15.08 17.11 58.86
CA GLY D 159 16.50 16.79 58.73
C GLY D 159 16.96 15.61 59.57
N PHE D 160 16.21 15.31 60.62
CA PHE D 160 16.48 14.11 61.42
C PHE D 160 16.03 12.78 60.77
N GLU D 161 15.23 12.84 59.70
CA GLU D 161 14.87 11.61 58.97
C GLU D 161 15.45 11.57 57.56
N ILE D 162 15.47 12.70 56.87
CA ILE D 162 16.08 12.80 55.56
C ILE D 162 17.06 13.96 55.51
N ASP D 163 18.34 13.64 55.45
CA ASP D 163 19.40 14.64 55.28
C ASP D 163 19.65 14.82 53.79
N LEU D 164 19.48 16.05 53.29
CA LEU D 164 19.76 16.35 51.88
C LEU D 164 21.20 16.80 51.73
N LYS D 165 21.85 16.39 50.65
CA LYS D 165 23.18 16.88 50.32
C LYS D 165 23.28 17.21 48.84
N THR D 166 24.29 18.01 48.50
CA THR D 166 24.69 18.24 47.13
C THR D 166 26.15 17.78 47.02
N ASP D 167 26.58 17.31 45.85
CA ASP D 167 28.00 17.01 45.62
C ASP D 167 28.75 18.26 45.19
N THR D 168 28.01 19.15 44.56
CA THR D 168 28.53 20.39 44.02
C THR D 168 27.44 21.44 44.14
N ASP D 169 27.83 22.71 44.20
CA ASP D 169 26.84 23.77 44.22
C ASP D 169 26.68 24.45 42.85
N GLN D 170 27.31 23.90 41.83
CA GLN D 170 27.10 24.35 40.46
C GLN D 170 26.08 23.42 39.81
N VAL D 171 25.04 24.01 39.21
CA VAL D 171 24.07 23.26 38.43
C VAL D 171 24.78 22.84 37.16
N ASP D 172 24.53 21.62 36.70
CA ASP D 172 25.12 21.17 35.45
C ASP D 172 24.37 21.85 34.29
N LEU D 173 25.11 22.65 33.53
CA LEU D 173 24.59 23.37 32.38
C LEU D 173 25.09 22.80 31.06
N SER D 174 25.78 21.65 31.10
CA SER D 174 26.50 21.16 29.91
C SER D 174 25.56 20.71 28.78
N SER D 175 24.33 20.34 29.11
CA SER D 175 23.37 19.99 28.07
C SER D 175 22.22 20.99 27.99
N TYR D 176 22.46 22.23 28.41
CA TYR D 176 21.47 23.29 28.25
C TYR D 176 21.27 23.61 26.78
N TYR D 177 20.01 23.68 26.35
CA TYR D 177 19.66 23.86 24.94
C TYR D 177 20.24 25.16 24.39
N ALA D 178 21.12 25.01 23.41
CA ALA D 178 21.91 26.12 22.88
C ALA D 178 21.11 27.15 22.08
N SER D 179 19.84 26.87 21.78
CA SER D 179 19.01 27.84 21.06
C SER D 179 17.74 28.18 21.82
N SER D 180 17.79 28.08 23.15
CA SER D 180 16.67 28.52 23.99
C SER D 180 16.37 30.00 23.78
N LYS D 181 15.19 30.46 24.15
CA LYS D 181 14.90 31.90 24.11
C LYS D 181 15.66 32.64 25.22
N TYR D 182 16.11 31.93 26.25
CA TYR D 182 16.83 32.53 27.35
C TYR D 182 18.17 31.84 27.59
N GLU D 183 19.22 32.63 27.83
CA GLU D 183 20.52 32.06 28.19
C GLU D 183 20.77 32.14 29.70
N ILE D 184 21.53 31.18 30.21
CA ILE D 184 21.81 31.07 31.62
C ILE D 184 23.10 31.81 31.95
N LEU D 185 23.00 32.82 32.79
CA LEU D 185 24.16 33.60 33.24
C LEU D 185 24.88 32.86 34.36
N SER D 186 24.11 32.25 35.27
CA SER D 186 24.65 31.38 36.31
C SER D 186 23.55 30.54 36.91
N ALA D 187 23.92 29.40 37.48
CA ALA D 187 22.95 28.51 38.11
C ALA D 187 23.59 27.76 39.26
N THR D 188 23.10 28.00 40.47
CA THR D 188 23.67 27.38 41.68
C THR D 188 22.62 26.57 42.45
N GLN D 189 23.10 25.61 43.22
CA GLN D 189 22.25 24.76 44.05
C GLN D 189 22.89 24.66 45.44
N THR D 190 22.22 25.20 46.45
CA THR D 190 22.83 25.35 47.76
C THR D 190 21.97 24.76 48.87
N ARG D 191 22.58 23.90 49.67
CA ARG D 191 21.96 23.33 50.85
C ARG D 191 21.71 24.42 51.89
N GLN D 192 20.55 24.38 52.54
CA GLN D 192 20.22 25.32 53.60
C GLN D 192 19.58 24.59 54.77
N VAL D 193 19.86 25.06 55.98
CA VAL D 193 19.20 24.56 57.17
C VAL D 193 18.26 25.62 57.71
N GLN D 194 17.00 25.25 57.89
CA GLN D 194 15.98 26.11 58.49
C GLN D 194 15.62 25.57 59.87
N HIS D 195 15.16 26.46 60.73
CA HIS D 195 14.49 26.06 61.96
C HIS D 195 13.12 26.74 62.01
N TYR D 196 12.18 26.12 62.72
CA TYR D 196 10.85 26.70 62.90
C TYR D 196 10.58 26.86 64.38
N SER D 197 9.96 27.99 64.76
CA SER D 197 9.74 28.30 66.17
C SER D 197 8.95 27.22 66.93
N CYS D 198 8.09 26.49 66.22
CA CYS D 198 7.37 25.36 66.81
C CYS D 198 8.29 24.24 67.28
N CYS D 199 9.36 24.01 66.52
CA CYS D 199 9.94 22.68 66.41
C CYS D 199 11.45 22.64 66.61
N PRO D 200 11.95 21.61 67.32
CA PRO D 200 13.37 21.47 67.63
C PRO D 200 14.24 20.96 66.47
N GLU D 201 13.66 20.17 65.57
CA GLU D 201 14.47 19.52 64.51
C GLU D 201 14.86 20.52 63.44
N PRO D 202 15.97 20.25 62.74
CA PRO D 202 16.39 21.09 61.63
C PRO D 202 15.71 20.63 60.35
N TYR D 203 15.43 21.55 59.45
CA TYR D 203 14.79 21.25 58.18
C TYR D 203 15.69 21.69 57.04
N ILE D 204 15.85 20.82 56.03
CA ILE D 204 16.83 20.99 54.98
C ILE D 204 16.16 21.25 53.63
N ASP D 205 16.71 22.20 52.88
CA ASP D 205 16.30 22.40 51.50
C ASP D 205 17.50 22.67 50.62
N VAL D 206 17.32 22.51 49.31
CA VAL D 206 18.32 22.92 48.33
C VAL D 206 17.74 24.05 47.51
N ASN D 207 18.39 25.21 47.58
CA ASN D 207 17.95 26.40 46.86
C ASN D 207 18.59 26.48 45.48
N LEU D 208 17.77 26.34 44.45
CA LEU D 208 18.18 26.47 43.05
C LEU D 208 18.04 27.93 42.60
N VAL D 209 19.17 28.60 42.39
CA VAL D 209 19.19 30.02 42.00
C VAL D 209 19.69 30.15 40.56
N VAL D 210 18.80 30.63 39.70
CA VAL D 210 19.10 30.73 38.28
C VAL D 210 19.05 32.19 37.88
N LYS D 211 20.11 32.68 37.26
CA LYS D 211 20.11 34.01 36.66
C LYS D 211 20.14 33.84 35.14
N PHE D 212 19.23 34.53 34.46
CA PHE D 212 19.02 34.31 33.02
C PHE D 212 18.48 35.56 32.33
N ARG D 213 18.66 35.63 31.02
CA ARG D 213 18.18 36.77 30.24
C ARG D 213 17.82 36.32 28.83
N GLU D 214 17.11 37.18 28.10
CA GLU D 214 16.76 36.92 26.70
C GLU D 214 18.00 36.76 25.81
N ARG D 215 17.96 35.84 24.84
CA ARG D 215 19.07 35.65 23.91
C ARG D 215 19.21 36.81 22.95
N ARG D 216 20.44 37.16 22.62
CA ARG D 216 20.73 38.27 21.70
C ARG D 216 21.19 37.77 20.34
N ASP E 3 -17.84 -25.53 11.62
CA ASP E 3 -17.04 -24.25 11.66
C ASP E 3 -17.05 -23.57 13.03
N ASP E 4 -18.18 -23.67 13.73
CA ASP E 4 -18.29 -23.12 15.09
C ASP E 4 -17.25 -23.74 16.03
N ASP E 5 -17.13 -25.06 15.99
CA ASP E 5 -16.12 -25.78 16.79
C ASP E 5 -14.69 -25.40 16.42
N ASP E 6 -14.42 -25.29 15.12
CA ASP E 6 -13.10 -24.92 14.62
C ASP E 6 -12.65 -23.55 15.15
N LYS E 7 -13.62 -22.64 15.30
CA LYS E 7 -13.37 -21.32 15.86
C LYS E 7 -13.17 -21.38 17.38
N LEU E 8 -13.97 -22.18 18.08
CA LEU E 8 -13.76 -22.41 19.52
C LEU E 8 -12.38 -23.00 19.81
N HIS E 9 -12.00 -24.02 19.03
CA HIS E 9 -10.68 -24.63 19.12
C HIS E 9 -9.58 -23.59 18.95
N SER E 10 -9.70 -22.76 17.91
CA SER E 10 -8.69 -21.73 17.63
C SER E 10 -8.64 -20.65 18.73
N GLN E 11 -9.78 -20.32 19.31
CA GLN E 11 -9.85 -19.44 20.49
C GLN E 11 -9.24 -20.09 21.73
N ALA E 12 -9.56 -21.35 21.97
CA ALA E 12 -8.96 -22.08 23.10
C ALA E 12 -7.44 -22.15 22.99
N ASN E 13 -6.93 -22.34 21.78
CA ASN E 13 -5.48 -22.40 21.56
C ASN E 13 -4.79 -21.06 21.78
N LEU E 14 -5.44 -19.97 21.37
CA LEU E 14 -4.89 -18.64 21.58
C LEU E 14 -4.87 -18.31 23.06
N MET E 15 -5.98 -18.56 23.74
CA MET E 15 -6.07 -18.34 25.19
C MET E 15 -5.07 -19.21 25.95
N ARG E 16 -4.79 -20.42 25.45
CA ARG E 16 -3.80 -21.32 26.06
C ARG E 16 -2.39 -20.88 25.77
N LEU E 17 -2.15 -20.38 24.57
CA LEU E 17 -0.85 -19.80 24.22
C LEU E 17 -0.50 -18.67 25.17
N LYS E 18 -1.42 -17.71 25.31
CA LYS E 18 -1.18 -16.55 26.15
C LYS E 18 -1.04 -16.96 27.62
N SER E 19 -1.87 -17.90 28.05
CA SER E 19 -1.73 -18.49 29.38
C SER E 19 -0.30 -18.98 29.61
N ASP E 20 0.20 -19.80 28.69
CA ASP E 20 1.54 -20.41 28.83
C ASP E 20 2.68 -19.41 28.79
N LEU E 21 2.50 -18.31 28.06
CA LEU E 21 3.55 -17.28 27.92
C LEU E 21 3.53 -16.29 29.07
N PHE E 22 2.36 -15.71 29.34
CA PHE E 22 2.22 -14.61 30.30
C PHE E 22 1.91 -15.04 31.73
N ASN E 23 0.97 -15.95 31.89
CA ASN E 23 0.41 -16.23 33.22
C ASN E 23 1.06 -17.41 33.93
N ARG E 24 1.97 -18.11 33.26
CA ARG E 24 2.62 -19.30 33.84
C ARG E 24 4.06 -19.45 33.33
N SER E 25 4.81 -18.34 33.45
CA SER E 25 6.22 -18.22 33.04
C SER E 25 6.68 -16.80 33.44
N PRO E 26 7.78 -16.69 34.22
CA PRO E 26 8.08 -15.42 34.94
C PRO E 26 8.13 -14.14 34.09
N MET E 27 7.79 -13.01 34.71
CA MET E 27 7.86 -11.70 34.05
C MET E 27 9.29 -11.43 33.60
N TYR E 28 9.47 -11.16 32.31
CA TYR E 28 10.79 -10.86 31.75
C TYR E 28 11.33 -9.57 32.39
N PRO E 29 12.51 -9.65 33.02
CA PRO E 29 13.02 -8.56 33.84
C PRO E 29 13.78 -7.48 33.06
N GLY E 30 13.83 -7.61 31.74
CA GLY E 30 14.56 -6.65 30.91
C GLY E 30 15.95 -7.15 30.54
N PRO E 31 16.63 -6.42 29.63
CA PRO E 31 17.96 -6.80 29.20
C PRO E 31 19.05 -6.54 30.24
N THR E 32 20.12 -7.31 30.14
CA THR E 32 21.35 -7.11 30.93
C THR E 32 22.54 -7.11 29.98
N LYS E 33 23.73 -6.81 30.50
CA LYS E 33 24.93 -6.91 29.68
C LYS E 33 25.20 -8.37 29.26
N ASP E 34 24.77 -9.33 30.09
CA ASP E 34 24.89 -10.77 29.77
C ASP E 34 23.89 -11.24 28.70
N ASP E 35 22.73 -10.57 28.64
CA ASP E 35 21.65 -10.95 27.74
C ASP E 35 21.06 -9.69 27.07
N PRO E 36 21.83 -9.08 26.15
CA PRO E 36 21.46 -7.81 25.53
C PRO E 36 20.39 -7.95 24.47
N LEU E 37 19.80 -6.81 24.10
CA LEU E 37 18.64 -6.76 23.26
C LEU E 37 18.80 -5.71 22.18
N THR E 38 18.42 -6.04 20.95
CA THR E 38 18.47 -5.08 19.88
C THR E 38 17.06 -4.54 19.61
N VAL E 39 16.92 -3.22 19.64
CA VAL E 39 15.64 -2.59 19.37
C VAL E 39 15.77 -1.79 18.09
N THR E 40 14.89 -2.06 17.14
CA THR E 40 14.94 -1.37 15.86
C THR E 40 13.91 -0.23 15.87
N LEU E 41 14.36 0.98 15.54
CA LEU E 41 13.47 2.14 15.47
C LEU E 41 13.38 2.65 14.06
N GLY E 42 12.19 3.12 13.72
CA GLY E 42 11.95 3.87 12.49
C GLY E 42 10.83 4.85 12.77
N PHE E 43 10.82 5.97 12.07
CA PHE E 43 9.80 7.00 12.27
C PHE E 43 9.04 7.27 10.99
N THR E 44 7.75 7.53 11.15
CA THR E 44 6.89 7.97 10.07
C THR E 44 6.33 9.30 10.52
N LEU E 45 6.67 10.36 9.80
CA LEU E 45 6.22 11.68 10.16
C LEU E 45 4.88 11.97 9.48
N GLN E 46 3.87 12.30 10.27
CA GLN E 46 2.53 12.60 9.74
C GLN E 46 2.28 14.09 9.58
N ASP E 47 2.71 14.88 10.56
CA ASP E 47 2.44 16.31 10.54
C ASP E 47 3.31 17.09 11.51
N ILE E 48 3.77 18.26 11.07
CA ILE E 48 4.23 19.29 12.00
C ILE E 48 3.03 20.19 12.25
N VAL E 49 2.52 20.18 13.48
CA VAL E 49 1.27 20.84 13.80
C VAL E 49 1.50 22.31 14.13
N LYS E 50 2.57 22.62 14.82
CA LYS E 50 2.80 23.97 15.32
C LYS E 50 4.28 24.21 15.50
N ALA E 51 4.69 25.44 15.24
CA ALA E 51 6.08 25.87 15.45
C ALA E 51 6.04 27.22 16.16
N ASP E 52 6.27 27.21 17.47
CA ASP E 52 6.12 28.36 18.34
C ASP E 52 7.46 29.06 18.54
N SER E 53 7.66 30.16 17.83
CA SER E 53 8.90 30.94 17.96
C SER E 53 8.95 31.77 19.25
N SER E 54 7.81 31.97 19.93
CA SER E 54 7.82 32.66 21.22
C SER E 54 8.38 31.78 22.34
N THR E 55 8.29 30.45 22.22
CA THR E 55 8.91 29.56 23.22
C THR E 55 9.94 28.57 22.65
N ASN E 56 10.19 28.61 21.34
CA ASN E 56 11.04 27.62 20.66
C ASN E 56 10.63 26.18 20.98
N GLU E 57 9.35 25.90 20.77
CA GLU E 57 8.82 24.54 20.84
C GLU E 57 8.15 24.22 19.51
N VAL E 58 8.31 22.98 19.08
CA VAL E 58 7.65 22.47 17.88
C VAL E 58 6.91 21.19 18.23
N ASP E 59 5.72 21.03 17.65
CA ASP E 59 4.85 19.88 17.92
C ASP E 59 4.72 19.01 16.67
N LEU E 60 5.14 17.74 16.78
CA LEU E 60 5.05 16.78 15.68
C LEU E 60 4.09 15.68 16.03
N VAL E 61 3.49 15.11 14.99
CA VAL E 61 2.73 13.88 15.09
C VAL E 61 3.48 12.89 14.23
N TYR E 62 3.84 11.76 14.83
CA TYR E 62 4.56 10.70 14.13
C TYR E 62 4.16 9.32 14.67
N TYR E 63 4.47 8.29 13.88
CA TYR E 63 4.39 6.90 14.30
C TYR E 63 5.81 6.47 14.54
N GLU E 64 6.03 5.82 15.68
CA GLU E 64 7.34 5.32 16.07
C GLU E 64 7.29 3.78 16.05
N GLN E 65 7.88 3.18 15.05
CA GLN E 65 7.91 1.73 14.95
C GLN E 65 9.01 1.16 15.85
N GLN E 66 8.64 0.30 16.80
CA GLN E 66 9.61 -0.43 17.64
C GLN E 66 9.54 -1.96 17.41
N ARG E 67 10.70 -2.57 17.11
CA ARG E 67 10.80 -4.03 17.02
C ARG E 67 11.90 -4.57 17.90
N TRP E 68 11.61 -5.68 18.56
CA TRP E 68 12.62 -6.41 19.32
C TRP E 68 12.23 -7.88 19.34
N LYS E 69 13.09 -8.71 19.92
CA LYS E 69 12.88 -10.15 19.89
C LYS E 69 13.34 -10.78 21.21
N LEU E 70 12.49 -11.62 21.79
CA LEU E 70 12.79 -12.32 23.03
C LEU E 70 12.61 -13.82 22.82
N ASN E 71 13.60 -14.61 23.22
CA ASN E 71 13.45 -16.06 23.20
C ASN E 71 12.31 -16.50 24.09
N SER E 72 12.07 -15.77 25.18
CA SER E 72 10.98 -16.08 26.12
C SER E 72 9.57 -15.83 25.57
N LEU E 73 9.44 -15.35 24.34
CA LEU E 73 8.15 -15.22 23.66
C LEU E 73 8.04 -16.16 22.45
N MET E 74 9.00 -17.08 22.31
CA MET E 74 8.95 -18.07 21.24
C MET E 74 7.97 -19.19 21.56
N TRP E 75 7.37 -19.73 20.51
CA TRP E 75 6.57 -20.93 20.63
C TRP E 75 6.55 -21.62 19.27
N ASP E 76 6.22 -22.90 19.28
CA ASP E 76 6.08 -23.69 18.06
C ASP E 76 4.60 -23.67 17.64
N PRO E 77 4.28 -23.03 16.51
CA PRO E 77 2.91 -22.95 16.02
C PRO E 77 2.18 -24.28 16.03
N ASN E 78 2.94 -25.35 15.74
CA ASN E 78 2.42 -26.71 15.69
C ASN E 78 1.77 -27.19 16.99
N GLU E 79 2.30 -26.75 18.11
CA GLU E 79 1.72 -27.08 19.42
C GLU E 79 0.46 -26.27 19.74
N TYR E 80 0.16 -25.23 18.96
CA TYR E 80 -0.97 -24.33 19.27
C TYR E 80 -1.85 -24.05 18.04
N GLY E 81 -2.27 -25.13 17.38
CA GLY E 81 -3.16 -25.03 16.22
C GLY E 81 -2.67 -24.10 15.14
N ASN E 82 -1.37 -24.13 14.87
CA ASN E 82 -0.74 -23.32 13.81
C ASN E 82 -0.99 -21.80 13.91
N ILE E 83 -1.08 -21.30 15.15
CA ILE E 83 -1.12 -19.87 15.39
C ILE E 83 0.30 -19.34 15.26
N THR E 84 0.50 -18.35 14.40
CA THR E 84 1.82 -17.83 14.09
C THR E 84 2.08 -16.46 14.69
N ASP E 85 1.02 -15.75 15.06
CA ASP E 85 1.16 -14.50 15.79
C ASP E 85 -0.13 -14.16 16.54
N PHE E 86 -0.05 -13.17 17.41
CA PHE E 86 -1.22 -12.66 18.12
C PHE E 86 -1.03 -11.22 18.55
N ARG E 87 -2.17 -10.57 18.78
CA ARG E 87 -2.18 -9.21 19.28
C ARG E 87 -2.32 -9.27 20.78
N THR E 88 -1.66 -8.36 21.47
CA THR E 88 -1.82 -8.25 22.91
C THR E 88 -1.59 -6.83 23.40
N SER E 89 -2.22 -6.50 24.53
CA SER E 89 -2.02 -5.22 25.17
C SER E 89 -0.55 -5.05 25.52
N ALA E 90 -0.01 -3.88 25.24
CA ALA E 90 1.38 -3.55 25.55
C ALA E 90 1.70 -3.63 27.04
N ALA E 91 0.67 -3.53 27.88
CA ALA E 91 0.83 -3.74 29.32
C ALA E 91 1.09 -5.22 29.71
N ASP E 92 0.76 -6.17 28.84
CA ASP E 92 0.99 -7.58 29.13
C ASP E 92 2.43 -8.02 28.85
N ILE E 93 3.22 -7.17 28.22
CA ILE E 93 4.58 -7.52 27.87
C ILE E 93 5.56 -6.42 28.27
N TRP E 94 6.83 -6.78 28.40
CA TRP E 94 7.88 -5.79 28.59
C TRP E 94 8.02 -4.95 27.31
N THR E 95 8.23 -3.65 27.48
CA THR E 95 8.52 -2.77 26.33
C THR E 95 9.72 -1.89 26.68
N PRO E 96 10.51 -1.51 25.67
CA PRO E 96 11.68 -0.68 25.92
C PRO E 96 11.32 0.73 26.33
N ASP E 97 12.19 1.39 27.08
CA ASP E 97 11.95 2.72 27.64
C ASP E 97 12.48 3.80 26.70
N ILE E 98 12.12 3.72 25.42
CA ILE E 98 12.59 4.67 24.44
C ILE E 98 11.97 6.03 24.71
N THR E 99 12.81 7.06 24.77
CA THR E 99 12.37 8.40 25.15
C THR E 99 12.88 9.48 24.20
N ALA E 100 12.05 10.47 23.92
CA ALA E 100 12.50 11.68 23.22
C ALA E 100 13.24 12.49 24.24
N TYR E 101 14.55 12.67 24.04
CA TYR E 101 15.37 13.30 25.05
C TYR E 101 15.11 14.80 25.25
N SER E 102 14.56 15.48 24.24
CA SER E 102 14.41 16.93 24.28
C SER E 102 12.95 17.34 24.33
N SER E 103 12.09 16.49 24.86
CA SER E 103 10.69 16.85 24.96
C SER E 103 10.50 17.94 26.02
N THR E 104 9.52 18.81 25.78
CA THR E 104 9.21 19.88 26.72
C THR E 104 7.87 19.68 27.38
N ARG E 105 7.09 18.71 26.92
CA ARG E 105 5.84 18.33 27.56
C ARG E 105 5.71 16.81 27.53
N PRO E 106 4.87 16.24 28.40
CA PRO E 106 4.70 14.79 28.32
C PRO E 106 4.17 14.36 26.94
N VAL E 107 4.74 13.29 26.42
CA VAL E 107 4.31 12.78 25.13
C VAL E 107 2.87 12.29 25.25
N GLN E 108 2.08 12.57 24.22
CA GLN E 108 0.65 12.24 24.19
C GLN E 108 0.42 11.10 23.21
N VAL E 109 -0.12 10.00 23.71
CA VAL E 109 -0.33 8.82 22.86
C VAL E 109 -1.67 8.95 22.14
N LEU E 110 -1.63 8.71 20.84
CA LEU E 110 -2.78 8.87 19.96
C LEU E 110 -3.38 7.54 19.49
N SER E 111 -2.68 6.44 19.67
CA SER E 111 -3.13 5.16 19.17
C SER E 111 -3.33 4.18 20.32
N PRO E 112 -4.16 3.16 20.11
CA PRO E 112 -4.29 2.11 21.11
C PRO E 112 -2.94 1.44 21.38
N GLN E 113 -2.71 0.99 22.60
CA GLN E 113 -1.41 0.49 23.05
C GLN E 113 -1.40 -1.03 22.96
N ILE E 114 -1.14 -1.52 21.75
CA ILE E 114 -1.31 -2.92 21.42
C ILE E 114 -0.14 -3.34 20.55
N ALA E 115 0.47 -4.46 20.88
CA ALA E 115 1.60 -4.97 20.11
C ALA E 115 1.21 -6.27 19.45
N VAL E 116 1.99 -6.65 18.45
CA VAL E 116 1.83 -7.90 17.74
C VAL E 116 3.06 -8.72 18.08
N VAL E 117 2.84 -9.96 18.52
CA VAL E 117 3.91 -10.87 18.90
C VAL E 117 3.88 -12.06 17.95
N THR E 118 5.03 -12.38 17.37
CA THR E 118 5.15 -13.45 16.39
C THR E 118 5.86 -14.66 17.03
N HIS E 119 5.65 -15.85 16.46
CA HIS E 119 6.14 -17.12 17.02
C HIS E 119 7.65 -17.27 17.17
N ASP E 120 8.41 -16.50 16.39
CA ASP E 120 9.86 -16.42 16.55
C ASP E 120 10.28 -15.54 17.73
N GLY E 121 9.30 -14.95 18.43
CA GLY E 121 9.57 -14.14 19.60
C GLY E 121 9.73 -12.66 19.31
N SER E 122 9.45 -12.25 18.08
CA SER E 122 9.59 -10.84 17.74
C SER E 122 8.30 -10.08 18.09
N VAL E 123 8.49 -8.85 18.53
CA VAL E 123 7.42 -7.97 18.92
C VAL E 123 7.48 -6.74 18.07
N MET E 124 6.33 -6.34 17.55
CA MET E 124 6.19 -5.12 16.78
C MET E 124 5.21 -4.26 17.54
N PHE E 125 5.62 -3.02 17.82
CA PHE E 125 4.82 -2.09 18.61
C PHE E 125 4.95 -0.71 17.98
N ILE E 126 3.82 -0.10 17.62
CA ILE E 126 3.82 1.15 16.84
C ILE E 126 2.90 2.21 17.43
N PRO E 127 3.38 2.92 18.47
CA PRO E 127 2.59 3.98 19.04
C PRO E 127 2.65 5.26 18.21
N ALA E 128 1.47 5.84 17.97
CA ALA E 128 1.36 7.15 17.37
C ALA E 128 1.38 8.19 18.47
N GLN E 129 2.21 9.22 18.31
CA GLN E 129 2.47 10.18 19.36
C GLN E 129 2.46 11.61 18.85
N ARG E 130 2.04 12.52 19.73
CA ARG E 130 2.27 13.94 19.54
C ARG E 130 3.32 14.39 20.56
N LEU E 131 4.42 14.95 20.04
CA LEU E 131 5.56 15.39 20.84
C LEU E 131 5.78 16.91 20.71
N SER E 132 5.92 17.60 21.84
CA SER E 132 6.46 18.96 21.84
C SER E 132 7.91 18.83 22.23
N PHE E 133 8.80 19.44 21.45
CA PHE E 133 10.22 19.36 21.74
C PHE E 133 10.94 20.69 21.48
N MET E 134 12.21 20.76 21.90
CA MET E 134 12.99 21.99 21.83
C MET E 134 13.44 22.23 20.39
N CYS E 135 13.10 23.39 19.86
CA CYS E 135 13.34 23.66 18.45
C CYS E 135 13.15 25.14 18.13
N ASP E 136 14.22 25.76 17.62
CA ASP E 136 14.21 27.13 17.18
C ASP E 136 13.83 27.15 15.69
N PRO E 137 12.61 27.61 15.38
CA PRO E 137 12.12 27.59 14.01
C PRO E 137 12.48 28.85 13.21
N THR E 138 13.59 29.51 13.56
CA THR E 138 14.05 30.64 12.78
C THR E 138 14.40 30.16 11.38
N GLY E 139 13.94 30.91 10.39
CA GLY E 139 14.19 30.61 8.99
C GLY E 139 13.08 29.81 8.35
N VAL E 140 12.08 29.40 9.14
CA VAL E 140 10.96 28.59 8.66
C VAL E 140 10.17 29.30 7.56
N ASP E 141 10.10 30.63 7.63
CA ASP E 141 9.38 31.44 6.64
C ASP E 141 10.28 31.92 5.48
N SER E 142 11.41 31.25 5.27
CA SER E 142 12.29 31.51 4.15
C SER E 142 12.41 30.24 3.30
N GLU E 143 13.08 30.37 2.15
CA GLU E 143 13.25 29.25 1.22
C GLU E 143 14.07 28.11 1.83
N GLU E 144 15.05 28.48 2.65
CA GLU E 144 16.01 27.54 3.22
C GLU E 144 15.36 26.74 4.35
N GLY E 145 14.45 27.38 5.08
CA GLY E 145 13.68 26.72 6.13
C GLY E 145 14.38 26.72 7.48
N ALA E 146 13.71 26.10 8.44
CA ALA E 146 14.29 25.82 9.73
C ALA E 146 14.77 24.37 9.74
N THR E 147 15.64 24.04 10.69
CA THR E 147 16.12 22.68 10.87
C THR E 147 15.96 22.33 12.33
N CYS E 148 15.41 21.16 12.61
CA CYS E 148 15.34 20.70 13.99
C CYS E 148 15.73 19.24 14.15
N ALA E 149 16.27 18.96 15.34
CA ALA E 149 16.84 17.68 15.67
C ALA E 149 16.33 17.23 17.03
N VAL E 150 15.89 15.97 17.11
CA VAL E 150 15.49 15.40 18.39
C VAL E 150 16.03 13.99 18.48
N LYS E 151 16.63 13.67 19.62
CA LYS E 151 17.27 12.38 19.84
C LYS E 151 16.38 11.47 20.65
N PHE E 152 16.28 10.22 20.22
CA PHE E 152 15.49 9.19 20.90
C PHE E 152 16.42 8.08 21.39
N GLY E 153 16.12 7.53 22.56
CA GLY E 153 16.88 6.40 23.06
C GLY E 153 16.39 5.94 24.42
N SER E 154 17.02 4.90 24.95
CA SER E 154 16.71 4.44 26.28
C SER E 154 17.03 5.53 27.28
N TRP E 155 16.20 5.62 28.32
CA TRP E 155 16.48 6.54 29.42
C TRP E 155 17.48 5.99 30.44
N VAL E 156 17.45 4.67 30.70
CA VAL E 156 18.30 4.09 31.75
C VAL E 156 19.28 3.00 31.31
N TYR E 157 19.19 2.50 30.09
CA TYR E 157 20.08 1.43 29.63
C TYR E 157 21.21 1.96 28.74
N SER E 158 22.39 1.37 28.89
CA SER E 158 23.51 1.66 28.00
C SER E 158 23.36 0.82 26.75
N GLY E 159 24.28 1.01 25.81
CA GLY E 159 24.37 0.15 24.63
C GLY E 159 24.87 -1.28 24.86
N PHE E 160 25.34 -1.57 26.07
CA PHE E 160 25.68 -2.94 26.45
C PHE E 160 24.42 -3.74 26.82
N GLU E 161 23.29 -3.05 27.04
CA GLU E 161 22.01 -3.72 27.36
C GLU E 161 21.00 -3.58 26.22
N ILE E 162 20.81 -2.35 25.73
CA ILE E 162 19.91 -2.09 24.62
C ILE E 162 20.66 -1.45 23.47
N ASP E 163 20.81 -2.20 22.38
CA ASP E 163 21.38 -1.69 21.17
C ASP E 163 20.24 -1.20 20.32
N LEU E 164 20.37 -0.01 19.74
CA LEU E 164 19.37 0.51 18.83
C LEU E 164 19.87 0.34 17.42
N LYS E 165 18.96 0.04 16.49
CA LYS E 165 19.27 0.06 15.06
C LYS E 165 18.18 0.80 14.29
N THR E 166 18.50 1.15 13.05
CA THR E 166 17.51 1.59 12.09
C THR E 166 17.64 0.71 10.85
N ASP E 167 16.53 0.55 10.14
CA ASP E 167 16.51 -0.19 8.88
C ASP E 167 16.94 0.70 7.72
N THR E 168 16.62 1.98 7.84
CA THR E 168 16.96 2.98 6.83
C THR E 168 17.29 4.28 7.55
N ASP E 169 18.02 5.17 6.89
CA ASP E 169 18.26 6.49 7.48
C ASP E 169 17.25 7.54 6.99
N GLN E 170 16.32 7.13 6.15
CA GLN E 170 15.30 8.01 5.62
C GLN E 170 13.99 7.87 6.40
N VAL E 171 13.55 8.97 7.01
CA VAL E 171 12.25 9.02 7.66
C VAL E 171 11.19 8.79 6.61
N ASP E 172 10.17 8.00 6.94
CA ASP E 172 9.10 7.74 6.00
C ASP E 172 8.16 8.96 5.92
N LEU E 173 8.13 9.60 4.75
CA LEU E 173 7.30 10.78 4.52
C LEU E 173 6.16 10.50 3.56
N SER E 174 5.82 9.23 3.36
CA SER E 174 4.83 8.88 2.33
C SER E 174 3.38 9.10 2.77
N SER E 175 3.17 9.29 4.07
CA SER E 175 1.84 9.64 4.59
C SER E 175 1.87 11.01 5.28
N TYR E 176 2.92 11.80 5.05
CA TYR E 176 2.97 13.15 5.57
C TYR E 176 1.82 13.97 5.00
N TYR E 177 1.15 14.71 5.86
CA TYR E 177 -0.08 15.41 5.51
C TYR E 177 0.14 16.49 4.47
N ALA E 178 -0.53 16.33 3.33
CA ALA E 178 -0.34 17.18 2.15
C ALA E 178 -0.73 18.64 2.37
N SER E 179 -1.65 18.90 3.30
CA SER E 179 -2.09 20.27 3.53
C SER E 179 -1.65 20.81 4.90
N SER E 180 -0.53 20.29 5.40
CA SER E 180 0.12 20.85 6.58
C SER E 180 0.48 22.31 6.35
N LYS E 181 0.58 23.07 7.43
CA LYS E 181 1.12 24.41 7.39
C LYS E 181 2.58 24.41 6.95
N TYR E 182 3.30 23.33 7.26
CA TYR E 182 4.73 23.20 6.90
C TYR E 182 4.99 22.06 5.91
N GLU E 183 5.91 22.27 4.96
CA GLU E 183 6.37 21.17 4.09
C GLU E 183 7.73 20.69 4.53
N ILE E 184 7.98 19.39 4.34
CA ILE E 184 9.22 18.78 4.76
C ILE E 184 10.19 18.81 3.60
N LEU E 185 11.34 19.42 3.82
CA LEU E 185 12.44 19.45 2.86
C LEU E 185 13.25 18.17 2.98
N SER E 186 13.58 17.78 4.20
CA SER E 186 14.22 16.49 4.42
C SER E 186 13.99 16.00 5.84
N ALA E 187 13.96 14.69 6.01
CA ALA E 187 13.86 14.08 7.33
C ALA E 187 14.72 12.83 7.39
N THR E 188 15.75 12.84 8.25
CA THR E 188 16.63 11.70 8.42
C THR E 188 16.58 11.15 9.83
N GLN E 189 16.95 9.87 9.95
CA GLN E 189 17.04 9.19 11.24
C GLN E 189 18.39 8.48 11.26
N THR E 190 19.27 8.87 12.17
CA THR E 190 20.62 8.32 12.18
C THR E 190 20.99 7.80 13.56
N ARG E 191 21.39 6.55 13.61
CA ARG E 191 21.96 5.96 14.81
C ARG E 191 23.25 6.68 15.14
N GLN E 192 23.42 7.07 16.39
CA GLN E 192 24.63 7.68 16.88
C GLN E 192 25.18 6.90 18.08
N VAL E 193 26.50 6.72 18.11
CA VAL E 193 27.18 6.20 19.28
C VAL E 193 27.73 7.39 20.08
N GLN E 194 27.32 7.49 21.35
CA GLN E 194 27.72 8.60 22.21
C GLN E 194 28.68 8.09 23.26
N HIS E 195 29.62 8.94 23.63
CA HIS E 195 30.55 8.63 24.68
C HIS E 195 30.50 9.71 25.74
N TYR E 196 30.25 9.28 26.98
CA TYR E 196 30.33 10.14 28.16
C TYR E 196 31.63 9.88 28.89
N SER E 197 32.29 10.94 29.35
CA SER E 197 33.57 10.83 30.06
C SER E 197 33.48 10.18 31.44
N CYS E 198 32.28 10.18 32.03
CA CYS E 198 32.00 9.47 33.27
C CYS E 198 32.15 7.97 33.15
N CYS E 199 31.86 7.45 31.96
CA CYS E 199 31.38 6.09 31.80
C CYS E 199 32.09 5.33 30.68
N PRO E 200 32.54 4.08 30.94
CA PRO E 200 33.20 3.31 29.89
C PRO E 200 32.26 2.78 28.78
N GLU E 201 30.97 2.67 29.07
CA GLU E 201 30.02 1.99 28.18
C GLU E 201 29.61 2.92 27.02
N PRO E 202 29.28 2.36 25.86
CA PRO E 202 28.72 3.15 24.77
C PRO E 202 27.25 3.41 25.00
N TYR E 203 26.77 4.57 24.57
CA TYR E 203 25.36 4.94 24.65
C TYR E 203 24.84 5.21 23.26
N ILE E 204 23.64 4.74 22.97
CA ILE E 204 23.10 4.81 21.62
C ILE E 204 21.89 5.69 21.61
N ASP E 205 21.76 6.48 20.56
CA ASP E 205 20.52 7.21 20.31
C ASP E 205 20.28 7.27 18.81
N VAL E 206 19.05 7.58 18.43
CA VAL E 206 18.72 7.82 17.04
C VAL E 206 18.33 9.28 16.95
N ASN E 207 19.02 10.00 16.07
CA ASN E 207 18.85 11.42 15.90
C ASN E 207 17.93 11.67 14.71
N LEU E 208 16.77 12.26 15.01
CA LEU E 208 15.79 12.63 14.00
C LEU E 208 15.98 14.10 13.60
N VAL E 209 16.42 14.32 12.36
CA VAL E 209 16.69 15.66 11.84
C VAL E 209 15.66 15.99 10.77
N VAL E 210 14.85 17.01 11.04
CA VAL E 210 13.83 17.44 10.11
C VAL E 210 14.12 18.86 9.63
N LYS E 211 14.16 19.04 8.31
CA LYS E 211 14.22 20.37 7.72
C LYS E 211 12.86 20.69 7.12
N PHE E 212 12.34 21.86 7.46
CA PHE E 212 10.98 22.21 7.09
C PHE E 212 10.80 23.71 6.93
N ARG E 213 9.77 24.09 6.18
CA ARG E 213 9.44 25.48 5.98
C ARG E 213 7.95 25.63 5.80
N GLU E 214 7.48 26.87 5.88
CA GLU E 214 6.08 27.19 5.68
C GLU E 214 5.68 26.85 4.24
N ARG E 215 4.51 26.23 4.09
CA ARG E 215 3.97 25.96 2.76
C ARG E 215 3.48 27.28 2.17
N ARG E 216 3.83 27.56 0.93
CA ARG E 216 3.33 28.75 0.23
C ARG E 216 2.08 28.43 -0.58
N LEU F 8 4.38 -6.88 -76.70
CA LEU F 8 4.95 -6.29 -75.45
C LEU F 8 5.10 -4.77 -75.48
N HIS F 9 4.32 -4.13 -74.61
CA HIS F 9 4.68 -2.87 -73.96
C HIS F 9 3.81 -2.81 -72.67
N SER F 10 3.68 -3.97 -72.04
CA SER F 10 2.59 -4.24 -71.10
C SER F 10 2.83 -3.76 -69.68
N GLN F 11 4.09 -3.49 -69.33
CA GLN F 11 4.44 -3.07 -67.97
C GLN F 11 3.97 -1.66 -67.67
N ALA F 12 4.24 -0.72 -68.59
CA ALA F 12 3.82 0.67 -68.44
C ALA F 12 2.31 0.79 -68.30
N ASN F 13 1.59 0.02 -69.11
CA ASN F 13 0.12 -0.05 -69.04
C ASN F 13 -0.37 -0.52 -67.67
N LEU F 14 0.23 -1.58 -67.15
CA LEU F 14 -0.15 -2.16 -65.87
C LEU F 14 0.18 -1.25 -64.69
N MET F 15 1.34 -0.59 -64.75
CA MET F 15 1.73 0.40 -63.74
C MET F 15 0.76 1.58 -63.76
N ARG F 16 0.42 2.04 -64.96
CA ARG F 16 -0.53 3.14 -65.12
C ARG F 16 -1.89 2.76 -64.53
N LEU F 17 -2.35 1.54 -64.83
CA LEU F 17 -3.61 1.05 -64.31
C LEU F 17 -3.61 1.00 -62.80
N LYS F 18 -2.57 0.42 -62.24
CA LYS F 18 -2.45 0.27 -60.80
C LYS F 18 -2.40 1.63 -60.13
N SER F 19 -1.62 2.56 -60.68
CA SER F 19 -1.56 3.93 -60.14
C SER F 19 -2.91 4.63 -60.24
N ASP F 20 -3.61 4.45 -61.37
CA ASP F 20 -4.96 5.00 -61.57
C ASP F 20 -5.96 4.46 -60.56
N LEU F 21 -5.87 3.17 -60.23
CA LEU F 21 -6.88 2.54 -59.39
C LEU F 21 -6.66 2.81 -57.90
N PHE F 22 -5.42 2.68 -57.44
CA PHE F 22 -5.14 2.72 -56.00
C PHE F 22 -4.72 4.12 -55.52
N ASN F 23 -3.61 4.63 -56.04
CA ASN F 23 -3.01 5.88 -55.54
C ASN F 23 -3.85 7.09 -55.88
N ARG F 24 -4.14 7.24 -57.17
CA ARG F 24 -4.81 8.43 -57.68
C ARG F 24 -6.32 8.19 -57.73
N SER F 25 -6.82 7.79 -56.57
CA SER F 25 -8.21 7.47 -56.32
C SER F 25 -8.28 7.22 -54.81
N PRO F 26 -9.39 7.61 -54.16
CA PRO F 26 -9.46 7.39 -52.69
C PRO F 26 -9.46 5.90 -52.31
N MET F 27 -9.50 5.59 -51.02
CA MET F 27 -9.67 4.19 -50.61
C MET F 27 -11.13 3.85 -50.34
N TYR F 28 -11.51 2.64 -50.74
CA TYR F 28 -12.80 2.04 -50.39
C TYR F 28 -12.85 1.85 -48.87
N PRO F 29 -13.83 2.49 -48.21
CA PRO F 29 -13.94 2.44 -46.77
C PRO F 29 -14.64 1.19 -46.26
N GLY F 30 -15.17 0.37 -47.16
CA GLY F 30 -15.97 -0.79 -46.80
C GLY F 30 -17.43 -0.56 -47.10
N PRO F 31 -18.26 -1.60 -46.95
CA PRO F 31 -19.68 -1.55 -47.25
C PRO F 31 -20.53 -0.90 -46.16
N THR F 32 -21.66 -0.32 -46.58
CA THR F 32 -22.67 0.24 -45.69
C THR F 32 -23.98 -0.39 -46.11
N LYS F 33 -25.06 -0.15 -45.34
CA LYS F 33 -26.39 -0.63 -45.75
C LYS F 33 -26.77 -0.06 -47.11
N ASP F 34 -26.39 1.20 -47.35
CA ASP F 34 -26.68 1.86 -48.62
C ASP F 34 -25.91 1.28 -49.80
N ASP F 35 -24.91 0.44 -49.53
CA ASP F 35 -24.10 -0.14 -50.59
C ASP F 35 -23.54 -1.50 -50.15
N PRO F 36 -24.42 -2.50 -50.01
CA PRO F 36 -24.00 -3.81 -49.52
C PRO F 36 -23.14 -4.57 -50.50
N LEU F 37 -22.34 -5.47 -49.97
CA LEU F 37 -21.37 -6.22 -50.74
C LEU F 37 -21.61 -7.71 -50.58
N THR F 38 -21.80 -8.41 -51.69
CA THR F 38 -21.94 -9.86 -51.66
C THR F 38 -20.55 -10.45 -51.54
N VAL F 39 -20.34 -11.32 -50.56
CA VAL F 39 -19.08 -12.03 -50.44
C VAL F 39 -19.35 -13.52 -50.56
N THR F 40 -18.62 -14.19 -51.44
CA THR F 40 -18.79 -15.60 -51.68
C THR F 40 -17.65 -16.37 -51.04
N LEU F 41 -18.00 -17.42 -50.32
CA LEU F 41 -17.07 -18.13 -49.46
C LEU F 41 -17.13 -19.61 -49.79
N GLY F 42 -15.96 -20.21 -50.03
CA GLY F 42 -15.85 -21.65 -50.26
C GLY F 42 -14.63 -22.19 -49.56
N PHE F 43 -14.69 -23.46 -49.18
CA PHE F 43 -13.59 -24.10 -48.46
C PHE F 43 -13.02 -25.27 -49.24
N THR F 44 -11.70 -25.39 -49.19
CA THR F 44 -10.99 -26.56 -49.69
C THR F 44 -10.17 -27.12 -48.53
N LEU F 45 -10.51 -28.34 -48.11
CA LEU F 45 -9.83 -28.96 -46.97
C LEU F 45 -8.64 -29.75 -47.44
N GLN F 46 -7.49 -29.52 -46.81
CA GLN F 46 -6.28 -30.24 -47.17
C GLN F 46 -5.92 -31.31 -46.16
N ASP F 47 -6.08 -31.01 -44.88
CA ASP F 47 -5.65 -31.92 -43.84
C ASP F 47 -6.27 -31.62 -42.49
N ILE F 48 -6.73 -32.67 -41.82
CA ILE F 48 -6.93 -32.60 -40.39
C ILE F 48 -5.63 -33.14 -39.83
N VAL F 49 -4.81 -32.25 -39.29
CA VAL F 49 -3.46 -32.58 -38.84
C VAL F 49 -3.47 -33.21 -37.45
N LYS F 50 -4.40 -32.76 -36.61
CA LYS F 50 -4.40 -33.10 -35.19
C LYS F 50 -5.82 -33.05 -34.62
N ALA F 51 -6.18 -34.04 -33.82
CA ALA F 51 -7.41 -34.00 -33.05
C ALA F 51 -7.09 -34.32 -31.60
N ASP F 52 -7.00 -33.27 -30.77
CA ASP F 52 -6.61 -33.37 -29.38
C ASP F 52 -7.85 -33.58 -28.50
N SER F 53 -8.03 -34.80 -27.98
CA SER F 53 -9.17 -35.10 -27.12
C SER F 53 -8.94 -34.67 -25.68
N SER F 54 -7.72 -34.26 -25.35
CA SER F 54 -7.41 -33.73 -24.02
C SER F 54 -7.94 -32.29 -23.85
N THR F 55 -7.84 -31.49 -24.90
CA THR F 55 -8.27 -30.09 -24.86
C THR F 55 -9.50 -29.81 -25.74
N ASN F 56 -9.94 -30.81 -26.51
CA ASN F 56 -11.00 -30.65 -27.50
C ASN F 56 -10.72 -29.56 -28.51
N GLU F 57 -9.52 -29.59 -29.08
CA GLU F 57 -9.15 -28.74 -30.19
C GLU F 57 -8.76 -29.63 -31.36
N VAL F 58 -9.13 -29.18 -32.55
CA VAL F 58 -8.77 -29.88 -33.79
C VAL F 58 -8.09 -28.89 -34.71
N ASP F 59 -7.01 -29.34 -35.34
CA ASP F 59 -6.23 -28.48 -36.23
C ASP F 59 -6.51 -28.81 -37.70
N LEU F 60 -6.90 -27.78 -38.44
CA LEU F 60 -7.32 -27.90 -39.82
C LEU F 60 -6.37 -27.08 -40.70
N VAL F 61 -5.87 -27.70 -41.75
CA VAL F 61 -5.15 -27.01 -42.79
C VAL F 61 -6.07 -27.04 -43.99
N TYR F 62 -6.42 -25.84 -44.47
CA TYR F 62 -7.40 -25.67 -45.50
C TYR F 62 -7.16 -24.33 -46.18
N TYR F 63 -7.92 -24.04 -47.21
CA TYR F 63 -7.92 -22.69 -47.72
C TYR F 63 -9.32 -22.20 -48.03
N GLU F 64 -9.44 -20.88 -48.06
CA GLU F 64 -10.69 -20.17 -47.99
C GLU F 64 -10.77 -19.36 -49.27
N GLN F 65 -11.53 -19.80 -50.26
CA GLN F 65 -11.71 -19.01 -51.49
C GLN F 65 -12.72 -17.91 -51.18
N GLN F 66 -12.32 -16.66 -51.40
CA GLN F 66 -13.16 -15.50 -51.12
C GLN F 66 -13.34 -14.66 -52.38
N ARG F 67 -14.60 -14.30 -52.69
CA ARG F 67 -14.90 -13.49 -53.85
C ARG F 67 -15.85 -12.35 -53.53
N TRP F 68 -15.55 -11.18 -54.11
CA TRP F 68 -16.41 -10.02 -54.04
C TRP F 68 -16.10 -9.12 -55.23
N LYS F 69 -16.93 -8.10 -55.45
CA LYS F 69 -16.82 -7.24 -56.62
C LYS F 69 -17.13 -5.79 -56.27
N LEU F 70 -16.16 -4.92 -56.53
CA LEU F 70 -16.28 -3.49 -56.26
C LEU F 70 -16.30 -2.68 -57.55
N ASN F 71 -17.20 -1.71 -57.62
CA ASN F 71 -17.23 -0.78 -58.76
C ASN F 71 -15.93 0.05 -58.83
N SER F 72 -15.38 0.39 -57.66
CA SER F 72 -14.13 1.16 -57.59
C SER F 72 -12.89 0.44 -58.15
N LEU F 73 -12.99 -0.86 -58.43
CA LEU F 73 -11.90 -1.61 -59.04
C LEU F 73 -12.15 -1.93 -60.52
N MET F 74 -13.19 -1.35 -61.11
CA MET F 74 -13.52 -1.57 -62.52
C MET F 74 -12.66 -0.74 -63.45
N TRP F 75 -12.48 -1.23 -64.68
CA TRP F 75 -11.77 -0.50 -65.73
C TRP F 75 -12.04 -1.13 -67.09
N ASP F 76 -11.93 -0.33 -68.16
CA ASP F 76 -12.08 -0.80 -69.53
C ASP F 76 -10.71 -1.27 -70.06
N PRO F 77 -10.58 -2.59 -70.36
CA PRO F 77 -9.34 -3.15 -70.91
C PRO F 77 -8.75 -2.40 -72.11
N ASN F 78 -9.61 -1.86 -72.97
CA ASN F 78 -9.17 -1.12 -74.16
C ASN F 78 -8.48 0.21 -73.86
N GLU F 79 -8.69 0.75 -72.66
CA GLU F 79 -8.04 1.98 -72.24
C GLU F 79 -6.72 1.71 -71.51
N TYR F 80 -6.37 0.43 -71.34
CA TYR F 80 -5.15 0.03 -70.62
C TYR F 80 -4.43 -1.14 -71.31
N GLY F 81 -4.33 -1.08 -72.64
CA GLY F 81 -3.59 -2.08 -73.42
C GLY F 81 -4.12 -3.50 -73.39
N ASN F 82 -5.45 -3.64 -73.28
CA ASN F 82 -6.12 -4.94 -73.22
C ASN F 82 -5.72 -5.82 -72.01
N ILE F 83 -5.38 -5.19 -70.89
CA ILE F 83 -5.12 -5.92 -69.65
C ILE F 83 -6.44 -6.25 -68.97
N THR F 84 -6.66 -7.53 -68.68
CA THR F 84 -7.95 -8.04 -68.20
C THR F 84 -7.96 -8.39 -66.71
N ASP F 85 -6.78 -8.70 -66.17
CA ASP F 85 -6.61 -8.92 -64.74
C ASP F 85 -5.21 -8.56 -64.27
N PHE F 86 -5.01 -8.53 -62.96
CA PHE F 86 -3.68 -8.41 -62.38
C PHE F 86 -3.60 -8.97 -60.96
N ARG F 87 -2.37 -9.25 -60.54
CA ARG F 87 -2.10 -9.68 -59.17
C ARG F 87 -1.74 -8.47 -58.33
N THR F 88 -2.16 -8.49 -57.06
CA THR F 88 -1.80 -7.42 -56.14
C THR F 88 -1.77 -7.92 -54.69
N SER F 89 -0.89 -7.33 -53.90
CA SER F 89 -0.78 -7.63 -52.48
C SER F 89 -2.13 -7.38 -51.80
N ALA F 90 -2.52 -8.29 -50.90
CA ALA F 90 -3.81 -8.18 -50.20
C ALA F 90 -3.89 -6.96 -49.27
N ALA F 91 -2.74 -6.42 -48.86
CA ALA F 91 -2.69 -5.16 -48.10
C ALA F 91 -3.00 -3.91 -48.94
N ASP F 92 -2.90 -4.01 -50.25
CA ASP F 92 -3.16 -2.87 -51.14
C ASP F 92 -4.66 -2.61 -51.35
N ILE F 93 -5.49 -3.63 -51.14
CA ILE F 93 -6.93 -3.54 -51.32
C ILE F 93 -7.66 -3.82 -50.01
N TRP F 94 -8.93 -3.43 -49.95
CA TRP F 94 -9.78 -3.82 -48.84
C TRP F 94 -10.04 -5.32 -48.94
N THR F 95 -10.09 -5.99 -47.80
CA THR F 95 -10.49 -7.37 -47.73
C THR F 95 -11.54 -7.51 -46.63
N PRO F 96 -12.47 -8.46 -46.79
CA PRO F 96 -13.50 -8.64 -45.77
C PRO F 96 -12.94 -9.32 -44.50
N ASP F 97 -13.52 -9.02 -43.36
CA ASP F 97 -13.04 -9.50 -42.06
C ASP F 97 -13.63 -10.87 -41.66
N ILE F 98 -13.54 -11.83 -42.56
CA ILE F 98 -14.07 -13.17 -42.33
C ILE F 98 -13.26 -13.85 -41.23
N THR F 99 -13.97 -14.38 -40.24
CA THR F 99 -13.36 -14.93 -39.04
C THR F 99 -13.96 -16.27 -38.72
N ALA F 100 -13.11 -17.21 -38.29
CA ALA F 100 -13.56 -18.43 -37.65
C ALA F 100 -14.01 -18.07 -36.24
N TYR F 101 -15.29 -18.21 -35.97
CA TYR F 101 -15.87 -17.76 -34.72
C TYR F 101 -15.46 -18.62 -33.53
N SER F 102 -15.06 -19.86 -33.78
CA SER F 102 -14.73 -20.81 -32.72
C SER F 102 -13.26 -21.21 -32.72
N SER F 103 -12.38 -20.34 -33.20
CA SER F 103 -10.95 -20.62 -33.12
C SER F 103 -10.51 -20.55 -31.67
N THR F 104 -9.43 -21.25 -31.37
CA THR F 104 -8.83 -21.19 -30.05
C THR F 104 -7.42 -20.65 -30.08
N ARG F 105 -6.85 -20.49 -31.26
CA ARG F 105 -5.52 -19.91 -31.43
C ARG F 105 -5.54 -18.99 -32.63
N PRO F 106 -4.59 -18.04 -32.69
CA PRO F 106 -4.54 -17.19 -33.87
C PRO F 106 -4.27 -18.04 -35.09
N VAL F 107 -5.00 -17.75 -36.15
CA VAL F 107 -4.82 -18.41 -37.43
C VAL F 107 -3.37 -18.25 -37.91
N GLN F 108 -2.81 -19.29 -38.50
CA GLN F 108 -1.45 -19.24 -39.05
C GLN F 108 -1.53 -19.25 -40.58
N VAL F 109 -0.98 -18.19 -41.19
CA VAL F 109 -1.03 -18.00 -42.65
C VAL F 109 0.03 -18.87 -43.33
N LEU F 110 -0.41 -19.67 -44.29
CA LEU F 110 0.48 -20.62 -44.95
C LEU F 110 0.83 -20.20 -46.38
N SER F 111 0.06 -19.28 -46.95
CA SER F 111 0.26 -18.85 -48.33
C SER F 111 0.67 -17.39 -48.38
N PRO F 112 1.23 -16.93 -49.51
CA PRO F 112 1.37 -15.50 -49.76
C PRO F 112 -0.01 -14.88 -49.84
N GLN F 113 -0.15 -13.66 -49.34
CA GLN F 113 -1.45 -13.00 -49.32
C GLN F 113 -1.53 -11.99 -50.45
N ILE F 114 -1.90 -12.53 -51.62
CA ILE F 114 -1.95 -11.82 -52.88
C ILE F 114 -3.29 -12.14 -53.55
N ALA F 115 -3.93 -11.12 -54.09
CA ALA F 115 -5.25 -11.27 -54.71
C ALA F 115 -5.18 -11.07 -56.22
N VAL F 116 -6.17 -11.60 -56.92
CA VAL F 116 -6.32 -11.41 -58.36
C VAL F 116 -7.53 -10.50 -58.56
N VAL F 117 -7.35 -9.44 -59.35
CA VAL F 117 -8.42 -8.48 -59.61
C VAL F 117 -8.71 -8.52 -61.10
N THR F 118 -9.99 -8.52 -61.47
CA THR F 118 -10.40 -8.58 -62.88
C THR F 118 -11.06 -7.27 -63.30
N HIS F 119 -11.06 -7.00 -64.60
CA HIS F 119 -11.57 -5.76 -65.20
C HIS F 119 -12.98 -5.35 -64.74
N ASP F 120 -13.84 -6.33 -64.46
CA ASP F 120 -15.19 -6.08 -63.95
C ASP F 120 -15.22 -5.71 -62.47
N GLY F 121 -14.05 -5.57 -61.84
CA GLY F 121 -13.96 -5.19 -60.43
C GLY F 121 -14.02 -6.36 -59.46
N SER F 122 -14.10 -7.59 -59.99
CA SER F 122 -14.16 -8.76 -59.13
C SER F 122 -12.78 -9.07 -58.55
N VAL F 123 -12.78 -9.52 -57.30
CA VAL F 123 -11.55 -9.88 -56.61
C VAL F 123 -11.65 -11.35 -56.23
N MET F 124 -10.58 -12.10 -56.44
CA MET F 124 -10.49 -13.42 -55.85
C MET F 124 -9.25 -13.51 -54.99
N PHE F 125 -9.44 -14.05 -53.79
CA PHE F 125 -8.42 -14.07 -52.75
C PHE F 125 -8.53 -15.41 -52.06
N ILE F 126 -7.45 -16.20 -52.09
CA ILE F 126 -7.50 -17.57 -51.59
C ILE F 126 -6.38 -17.84 -50.57
N PRO F 127 -6.54 -17.35 -49.33
CA PRO F 127 -5.54 -17.62 -48.31
C PRO F 127 -5.59 -19.05 -47.74
N ALA F 128 -4.42 -19.67 -47.61
CA ALA F 128 -4.27 -20.96 -46.96
C ALA F 128 -3.89 -20.76 -45.49
N GLN F 129 -4.57 -21.47 -44.59
CA GLN F 129 -4.42 -21.27 -43.15
C GLN F 129 -4.35 -22.59 -42.39
N ARG F 130 -3.73 -22.54 -41.22
CA ARG F 130 -3.90 -23.59 -40.23
C ARG F 130 -4.70 -23.01 -39.08
N LEU F 131 -5.87 -23.60 -38.83
CA LEU F 131 -6.80 -23.16 -37.82
C LEU F 131 -6.92 -24.23 -36.73
N SER F 132 -6.80 -23.84 -35.46
CA SER F 132 -7.19 -24.68 -34.33
C SER F 132 -8.55 -24.17 -33.83
N PHE F 133 -9.52 -25.07 -33.72
CA PHE F 133 -10.86 -24.69 -33.30
C PHE F 133 -11.48 -25.70 -32.31
N MET F 134 -12.56 -25.29 -31.68
CA MET F 134 -13.21 -26.08 -30.64
C MET F 134 -13.89 -27.25 -31.30
N CYS F 135 -13.62 -28.44 -30.81
CA CYS F 135 -14.12 -29.65 -31.46
C CYS F 135 -13.84 -30.89 -30.63
N ASP F 136 -14.90 -31.53 -30.17
CA ASP F 136 -14.83 -32.76 -29.43
C ASP F 136 -14.67 -33.95 -30.37
N PRO F 137 -13.49 -34.59 -30.40
CA PRO F 137 -13.29 -35.68 -31.35
C PRO F 137 -13.82 -37.05 -30.89
N THR F 138 -14.68 -37.08 -29.87
CA THR F 138 -15.24 -38.34 -29.42
C THR F 138 -15.95 -39.02 -30.59
N GLY F 139 -15.72 -40.32 -30.76
CA GLY F 139 -16.29 -41.07 -31.88
C GLY F 139 -15.45 -41.05 -33.15
N VAL F 140 -14.29 -40.39 -33.12
CA VAL F 140 -13.38 -40.36 -34.26
C VAL F 140 -12.83 -41.76 -34.56
N ASP F 141 -12.66 -42.56 -33.51
CA ASP F 141 -12.19 -43.96 -33.64
C ASP F 141 -13.33 -44.97 -33.86
N SER F 142 -14.50 -44.49 -34.32
CA SER F 142 -15.64 -45.35 -34.64
C SER F 142 -16.01 -45.23 -36.12
N GLU F 143 -17.01 -46.01 -36.53
CA GLU F 143 -17.42 -46.08 -37.93
C GLU F 143 -18.20 -44.83 -38.36
N GLU F 144 -19.11 -44.36 -37.51
CA GLU F 144 -19.89 -43.16 -37.81
C GLU F 144 -19.01 -41.92 -37.81
N GLY F 145 -17.98 -41.93 -36.95
CA GLY F 145 -16.99 -40.86 -36.92
C GLY F 145 -17.35 -39.73 -35.97
N ALA F 146 -16.46 -38.74 -35.91
CA ALA F 146 -16.68 -37.53 -35.11
C ALA F 146 -17.26 -36.42 -36.00
N THR F 147 -18.12 -35.59 -35.41
CA THR F 147 -18.73 -34.48 -36.15
C THR F 147 -18.29 -33.15 -35.53
N CYS F 148 -17.72 -32.28 -36.36
CA CYS F 148 -17.32 -30.97 -35.89
C CYS F 148 -17.75 -29.85 -36.83
N ALA F 149 -18.21 -28.77 -36.21
CA ALA F 149 -18.79 -27.66 -36.91
C ALA F 149 -18.05 -26.40 -36.50
N VAL F 150 -17.63 -25.61 -37.47
CA VAL F 150 -17.01 -24.31 -37.18
C VAL F 150 -17.64 -23.27 -38.09
N LYS F 151 -18.08 -22.17 -37.49
CA LYS F 151 -18.79 -21.14 -38.21
C LYS F 151 -17.83 -20.04 -38.64
N PHE F 152 -18.10 -19.50 -39.82
CA PHE F 152 -17.31 -18.40 -40.36
C PHE F 152 -18.23 -17.23 -40.69
N GLY F 153 -17.71 -16.03 -40.52
CA GLY F 153 -18.46 -14.84 -40.86
C GLY F 153 -17.74 -13.56 -40.50
N SER F 154 -18.38 -12.45 -40.82
CA SER F 154 -17.86 -11.14 -40.50
C SER F 154 -17.87 -10.91 -38.99
N TRP F 155 -16.80 -10.30 -38.49
CA TRP F 155 -16.73 -9.99 -37.09
C TRP F 155 -17.64 -8.83 -36.74
N VAL F 156 -17.64 -7.77 -37.55
CA VAL F 156 -18.34 -6.54 -37.21
C VAL F 156 -19.51 -6.17 -38.12
N TYR F 157 -19.59 -6.78 -39.30
CA TYR F 157 -20.62 -6.38 -40.27
C TYR F 157 -21.84 -7.30 -40.21
N SER F 158 -23.03 -6.69 -40.33
CA SER F 158 -24.28 -7.44 -40.42
C SER F 158 -24.56 -7.91 -41.85
N GLY F 159 -25.64 -8.66 -42.01
CA GLY F 159 -26.15 -9.06 -43.33
C GLY F 159 -26.52 -7.91 -44.24
N PHE F 160 -26.88 -6.76 -43.66
CA PHE F 160 -27.19 -5.56 -44.45
C PHE F 160 -25.97 -4.94 -45.13
N GLU F 161 -24.78 -5.27 -44.64
CA GLU F 161 -23.54 -4.70 -45.17
C GLU F 161 -22.75 -5.74 -45.97
N ILE F 162 -22.58 -6.92 -45.39
CA ILE F 162 -21.92 -8.03 -46.06
C ILE F 162 -22.89 -9.19 -46.13
N ASP F 163 -23.30 -9.51 -47.35
CA ASP F 163 -24.17 -10.64 -47.62
C ASP F 163 -23.28 -11.83 -48.01
N LEU F 164 -23.14 -12.79 -47.09
CA LEU F 164 -22.27 -13.95 -47.27
C LEU F 164 -23.02 -15.05 -47.98
N LYS F 165 -22.40 -15.69 -48.95
CA LYS F 165 -23.01 -16.86 -49.60
C LYS F 165 -21.96 -17.88 -50.01
N THR F 166 -22.43 -19.04 -50.49
CA THR F 166 -21.58 -20.06 -51.08
C THR F 166 -22.08 -20.31 -52.51
N ASP F 167 -21.20 -20.82 -53.38
CA ASP F 167 -21.60 -21.26 -54.74
C ASP F 167 -22.19 -22.64 -54.68
N THR F 168 -21.53 -23.48 -53.90
CA THR F 168 -21.95 -24.84 -53.65
C THR F 168 -21.99 -25.03 -52.15
N ASP F 169 -22.84 -25.95 -51.69
CA ASP F 169 -22.86 -26.32 -50.28
C ASP F 169 -22.01 -27.56 -50.04
N GLN F 170 -21.24 -27.95 -51.06
CA GLN F 170 -20.29 -29.05 -50.98
C GLN F 170 -18.87 -28.52 -50.87
N VAL F 171 -18.16 -28.97 -49.84
CA VAL F 171 -16.79 -28.56 -49.59
C VAL F 171 -15.86 -29.28 -50.53
N ASP F 172 -14.82 -28.59 -50.99
CA ASP F 172 -13.87 -29.17 -51.92
C ASP F 172 -12.87 -30.10 -51.20
N LEU F 173 -13.04 -31.40 -51.43
CA LEU F 173 -12.18 -32.43 -50.86
C LEU F 173 -11.19 -33.01 -51.89
N SER F 174 -11.22 -32.50 -53.12
CA SER F 174 -10.46 -33.08 -54.23
C SER F 174 -8.94 -33.02 -54.03
N SER F 175 -8.49 -32.12 -53.17
CA SER F 175 -7.07 -31.91 -52.91
C SER F 175 -6.66 -32.43 -51.51
N TYR F 176 -7.55 -33.18 -50.85
CA TYR F 176 -7.34 -33.59 -49.45
C TYR F 176 -6.24 -34.65 -49.37
N TYR F 177 -5.36 -34.51 -48.39
CA TYR F 177 -4.17 -35.36 -48.31
C TYR F 177 -4.56 -36.81 -48.04
N ALA F 178 -4.34 -37.67 -49.05
CA ALA F 178 -4.79 -39.06 -49.01
C ALA F 178 -4.09 -39.89 -47.93
N SER F 179 -2.99 -39.38 -47.37
CA SER F 179 -2.24 -40.08 -46.32
C SER F 179 -2.37 -39.44 -44.91
N SER F 180 -3.35 -38.53 -44.76
CA SER F 180 -3.75 -37.98 -43.46
C SER F 180 -4.11 -39.04 -42.41
N LYS F 181 -3.97 -38.69 -41.13
CA LYS F 181 -4.40 -39.58 -40.05
C LYS F 181 -5.92 -39.76 -40.00
N TYR F 182 -6.65 -38.83 -40.62
CA TYR F 182 -8.12 -38.88 -40.64
C TYR F 182 -8.68 -38.79 -42.07
N GLU F 183 -9.74 -39.56 -42.37
CA GLU F 183 -10.47 -39.37 -43.65
C GLU F 183 -11.72 -38.55 -43.43
N ILE F 184 -12.20 -37.94 -44.51
CA ILE F 184 -13.43 -37.15 -44.48
C ILE F 184 -14.60 -38.00 -44.95
N LEU F 185 -15.52 -38.28 -44.05
CA LEU F 185 -16.77 -38.96 -44.39
C LEU F 185 -17.69 -37.99 -45.11
N SER F 186 -17.69 -36.74 -44.65
CA SER F 186 -18.38 -35.67 -45.37
C SER F 186 -17.90 -34.29 -44.90
N ALA F 187 -18.11 -33.32 -45.77
CA ALA F 187 -17.79 -31.95 -45.46
C ALA F 187 -18.78 -31.09 -46.20
N THR F 188 -19.58 -30.33 -45.46
CA THR F 188 -20.55 -29.41 -46.07
C THR F 188 -20.29 -27.97 -45.63
N GLN F 189 -20.81 -27.02 -46.39
CA GLN F 189 -20.68 -25.58 -46.09
C GLN F 189 -22.03 -24.92 -46.35
N THR F 190 -22.65 -24.41 -45.29
CA THR F 190 -24.04 -23.96 -45.38
C THR F 190 -24.21 -22.57 -44.80
N ARG F 191 -24.86 -21.70 -45.56
CA ARG F 191 -25.25 -20.39 -45.07
C ARG F 191 -26.39 -20.50 -44.05
N GLN F 192 -26.30 -19.71 -42.99
CA GLN F 192 -27.36 -19.61 -41.97
C GLN F 192 -27.64 -18.14 -41.65
N VAL F 193 -28.91 -17.82 -41.42
CA VAL F 193 -29.33 -16.49 -41.00
C VAL F 193 -29.86 -16.53 -39.57
N GLN F 194 -29.19 -15.81 -38.66
CA GLN F 194 -29.67 -15.64 -37.30
C GLN F 194 -30.22 -14.23 -37.10
N HIS F 195 -31.09 -14.08 -36.10
CA HIS F 195 -31.54 -12.78 -35.63
C HIS F 195 -31.34 -12.73 -34.12
N TYR F 196 -30.58 -11.74 -33.64
CA TYR F 196 -30.37 -11.55 -32.20
C TYR F 196 -31.51 -10.73 -31.61
N SER F 197 -31.88 -11.05 -30.36
CA SER F 197 -33.07 -10.49 -29.71
C SER F 197 -33.00 -8.98 -29.43
N CYS F 198 -31.80 -8.42 -29.44
CA CYS F 198 -31.61 -6.98 -29.26
C CYS F 198 -32.00 -6.19 -30.50
N CYS F 199 -31.70 -6.76 -31.66
CA CYS F 199 -31.40 -5.99 -32.87
C CYS F 199 -32.17 -6.47 -34.11
N PRO F 200 -32.66 -5.52 -34.94
CA PRO F 200 -33.48 -5.81 -36.13
C PRO F 200 -32.74 -6.41 -37.34
N GLU F 201 -31.44 -6.12 -37.47
CA GLU F 201 -30.67 -6.55 -38.66
C GLU F 201 -30.46 -8.07 -38.67
N PRO F 202 -30.32 -8.66 -39.88
CA PRO F 202 -29.96 -10.07 -40.02
C PRO F 202 -28.44 -10.26 -40.01
N TYR F 203 -27.99 -11.42 -39.50
CA TYR F 203 -26.58 -11.74 -39.41
C TYR F 203 -26.32 -13.09 -40.03
N ILE F 204 -25.24 -13.18 -40.80
CA ILE F 204 -25.01 -14.31 -41.67
C ILE F 204 -23.72 -15.00 -41.31
N ASP F 205 -23.76 -16.32 -41.22
CA ASP F 205 -22.57 -17.13 -41.06
C ASP F 205 -22.60 -18.30 -42.02
N VAL F 206 -21.43 -18.89 -42.28
CA VAL F 206 -21.32 -20.10 -43.05
C VAL F 206 -20.82 -21.18 -42.11
N ASN F 207 -21.63 -22.23 -41.92
CA ASN F 207 -21.29 -23.32 -41.03
C ASN F 207 -20.57 -24.41 -41.80
N LEU F 208 -19.29 -24.62 -41.48
CA LEU F 208 -18.52 -25.73 -42.04
C LEU F 208 -18.68 -26.94 -41.13
N VAL F 209 -19.38 -27.97 -41.62
CA VAL F 209 -19.58 -29.23 -40.86
C VAL F 209 -18.71 -30.32 -41.46
N VAL F 210 -17.80 -30.86 -40.66
CA VAL F 210 -16.91 -31.93 -41.11
C VAL F 210 -17.13 -33.16 -40.26
N LYS F 211 -17.46 -34.28 -40.91
CA LYS F 211 -17.55 -35.58 -40.26
C LYS F 211 -16.32 -36.38 -40.66
N PHE F 212 -15.57 -36.88 -39.67
CA PHE F 212 -14.27 -37.49 -39.93
C PHE F 212 -13.94 -38.60 -38.93
N ARG F 213 -13.00 -39.46 -39.30
CA ARG F 213 -12.59 -40.60 -38.46
C ARG F 213 -11.15 -41.03 -38.76
N GLU F 214 -10.53 -41.74 -37.82
CA GLU F 214 -9.18 -42.29 -38.01
C GLU F 214 -9.19 -43.26 -39.18
N ARG F 215 -8.27 -43.08 -40.13
CA ARG F 215 -8.27 -43.99 -41.29
C ARG F 215 -7.67 -45.33 -40.94
N ARG F 216 -8.10 -46.36 -41.65
CA ARG F 216 -7.68 -47.73 -41.40
C ARG F 216 -7.03 -48.31 -42.66
N GLN G 11 32.06 3.83 -53.95
CA GLN G 11 30.80 3.82 -53.13
C GLN G 11 29.73 4.72 -53.73
N ALA G 12 30.09 5.96 -54.05
CA ALA G 12 29.17 6.94 -54.64
C ALA G 12 28.46 6.39 -55.90
N ASN G 13 29.20 5.61 -56.68
CA ASN G 13 28.65 4.97 -57.87
C ASN G 13 27.51 4.01 -57.53
N LEU G 14 27.79 3.07 -56.62
CA LEU G 14 26.78 2.09 -56.22
C LEU G 14 25.59 2.77 -55.54
N MET G 15 25.88 3.83 -54.77
CA MET G 15 24.83 4.61 -54.10
C MET G 15 23.85 5.20 -55.11
N ARG G 16 24.35 5.64 -56.26
CA ARG G 16 23.47 6.21 -57.27
C ARG G 16 22.84 5.15 -58.18
N LEU G 17 23.54 4.04 -58.42
CA LEU G 17 22.97 2.95 -59.21
C LEU G 17 21.70 2.42 -58.54
N LYS G 18 21.78 2.17 -57.23
CA LYS G 18 20.63 1.69 -56.45
C LYS G 18 19.52 2.74 -56.40
N SER G 19 19.92 4.01 -56.31
CA SER G 19 18.97 5.12 -56.38
C SER G 19 18.24 5.17 -57.72
N ASP G 20 18.98 5.01 -58.81
CA ASP G 20 18.40 5.05 -60.16
C ASP G 20 17.46 3.88 -60.44
N LEU G 21 17.77 2.72 -59.86
CA LEU G 21 16.95 1.53 -60.06
C LEU G 21 15.68 1.53 -59.21
N PHE G 22 15.83 1.74 -57.90
CA PHE G 22 14.69 1.60 -56.96
C PHE G 22 13.85 2.87 -56.79
N ASN G 23 14.50 4.00 -56.47
CA ASN G 23 13.77 5.23 -56.15
C ASN G 23 13.30 6.05 -57.37
N ARG G 24 13.98 5.88 -58.51
CA ARG G 24 13.65 6.67 -59.71
C ARG G 24 12.80 5.94 -60.74
N SER G 25 12.87 4.61 -60.75
CA SER G 25 12.00 3.81 -61.62
C SER G 25 10.76 3.39 -60.83
N PRO G 26 9.55 3.58 -61.41
CA PRO G 26 8.31 3.05 -60.79
C PRO G 26 8.39 1.56 -60.44
N MET G 27 7.62 1.14 -59.44
CA MET G 27 7.69 -0.23 -58.90
C MET G 27 7.35 -1.27 -59.97
N TYR G 28 8.20 -2.28 -60.11
CA TYR G 28 7.90 -3.45 -60.93
C TYR G 28 6.60 -4.07 -60.42
N PRO G 29 5.56 -4.14 -61.28
CA PRO G 29 4.25 -4.63 -60.85
C PRO G 29 4.10 -6.15 -60.95
N GLY G 30 5.21 -6.85 -61.20
CA GLY G 30 5.18 -8.30 -61.38
C GLY G 30 5.08 -8.68 -62.85
N PRO G 31 5.18 -9.97 -63.15
CA PRO G 31 5.13 -10.45 -64.52
C PRO G 31 3.72 -10.53 -65.09
N THR G 32 3.64 -10.46 -66.42
CA THR G 32 2.38 -10.55 -67.16
C THR G 32 2.49 -11.65 -68.21
N LYS G 33 1.36 -12.01 -68.80
CA LYS G 33 1.33 -12.96 -69.91
C LYS G 33 2.24 -12.46 -71.02
N ASP G 34 2.19 -11.17 -71.28
CA ASP G 34 2.97 -10.56 -72.36
C ASP G 34 4.38 -10.16 -71.94
N ASP G 35 4.71 -10.35 -70.67
CA ASP G 35 6.09 -10.18 -70.20
C ASP G 35 6.40 -11.17 -69.07
N PRO G 36 6.50 -12.47 -69.41
CA PRO G 36 6.59 -13.51 -68.38
C PRO G 36 7.95 -13.60 -67.73
N LEU G 37 8.03 -14.41 -66.69
CA LEU G 37 9.26 -14.59 -65.91
C LEU G 37 9.53 -16.07 -65.70
N THR G 38 10.78 -16.48 -65.85
CA THR G 38 11.21 -17.83 -65.54
C THR G 38 12.00 -17.81 -64.24
N VAL G 39 11.53 -18.53 -63.23
CA VAL G 39 12.26 -18.69 -61.98
C VAL G 39 12.95 -20.05 -61.96
N THR G 40 14.23 -20.06 -61.59
CA THR G 40 14.98 -21.30 -61.48
C THR G 40 15.10 -21.67 -60.01
N LEU G 41 14.56 -22.83 -59.66
CA LEU G 41 14.61 -23.39 -58.32
C LEU G 41 15.63 -24.53 -58.24
N GLY G 42 16.30 -24.61 -57.10
CA GLY G 42 17.21 -25.71 -56.77
C GLY G 42 17.24 -25.87 -55.25
N PHE G 43 17.18 -27.11 -54.79
CA PHE G 43 17.16 -27.41 -53.37
C PHE G 43 18.47 -28.06 -52.92
N THR G 44 18.97 -27.58 -51.78
CA THR G 44 20.11 -28.17 -51.10
C THR G 44 19.59 -28.64 -49.74
N LEU G 45 19.51 -29.95 -49.56
CA LEU G 45 18.88 -30.54 -48.39
C LEU G 45 19.89 -30.70 -47.27
N GLN G 46 19.62 -30.06 -46.13
CA GLN G 46 20.58 -30.01 -45.02
C GLN G 46 20.31 -31.04 -43.93
N ASP G 47 19.05 -31.20 -43.53
CA ASP G 47 18.71 -32.13 -42.46
C ASP G 47 17.22 -32.40 -42.40
N ILE G 48 16.88 -33.66 -42.10
CA ILE G 48 15.53 -34.02 -41.69
C ILE G 48 15.56 -34.05 -40.17
N VAL G 49 14.91 -33.08 -39.56
CA VAL G 49 15.01 -32.87 -38.13
C VAL G 49 14.03 -33.75 -37.36
N LYS G 50 12.86 -33.99 -37.93
CA LYS G 50 11.79 -34.68 -37.22
C LYS G 50 10.84 -35.39 -38.20
N ALA G 51 10.35 -36.55 -37.79
CA ALA G 51 9.32 -37.28 -38.53
C ALA G 51 8.27 -37.82 -37.58
N ASP G 52 7.15 -37.10 -37.46
CA ASP G 52 6.12 -37.41 -36.47
C ASP G 52 5.05 -38.35 -37.01
N SER G 53 5.00 -39.57 -36.47
CA SER G 53 4.02 -40.57 -36.90
C SER G 53 2.61 -40.35 -36.32
N SER G 54 2.52 -39.58 -35.24
CA SER G 54 1.21 -39.26 -34.66
C SER G 54 0.47 -38.18 -35.45
N THR G 55 1.21 -37.25 -36.07
CA THR G 55 0.59 -36.20 -36.89
C THR G 55 0.80 -36.34 -38.40
N ASN G 56 1.76 -37.17 -38.80
CA ASN G 56 2.22 -37.25 -40.19
C ASN G 56 2.74 -35.89 -40.67
N GLU G 57 3.71 -35.38 -39.92
CA GLU G 57 4.42 -34.15 -40.26
C GLU G 57 5.92 -34.46 -40.30
N VAL G 58 6.61 -33.91 -41.28
CA VAL G 58 8.07 -34.01 -41.35
C VAL G 58 8.69 -32.61 -41.44
N ASP G 59 9.75 -32.40 -40.67
CA ASP G 59 10.44 -31.11 -40.63
C ASP G 59 11.74 -31.21 -41.41
N LEU G 60 11.88 -30.33 -42.40
CA LEU G 60 13.07 -30.25 -43.24
C LEU G 60 13.76 -28.92 -43.06
N VAL G 61 15.09 -28.94 -43.01
CA VAL G 61 15.90 -27.75 -43.17
C VAL G 61 16.57 -27.83 -44.53
N TYR G 62 16.51 -26.76 -45.30
CA TYR G 62 17.10 -26.70 -46.64
C TYR G 62 17.35 -25.28 -47.10
N TYR G 63 18.24 -25.16 -48.08
CA TYR G 63 18.43 -23.92 -48.83
C TYR G 63 17.67 -24.05 -50.14
N GLU G 64 16.89 -23.02 -50.45
CA GLU G 64 16.09 -22.98 -51.65
C GLU G 64 16.68 -21.91 -52.54
N GLN G 65 17.30 -22.30 -53.65
CA GLN G 65 17.95 -21.36 -54.55
C GLN G 65 16.96 -20.83 -55.59
N GLN G 66 16.80 -19.51 -55.65
CA GLN G 66 15.88 -18.87 -56.59
C GLN G 66 16.64 -17.91 -57.49
N ARG G 67 16.44 -18.05 -58.79
CA ARG G 67 17.03 -17.16 -59.77
C ARG G 67 16.00 -16.74 -60.81
N TRP G 68 15.97 -15.44 -61.10
CA TRP G 68 15.14 -14.87 -62.17
C TRP G 68 15.80 -13.60 -62.71
N LYS G 69 15.26 -13.10 -63.83
CA LYS G 69 15.90 -12.01 -64.57
C LYS G 69 14.89 -10.92 -64.97
N LEU G 70 15.19 -9.67 -64.65
CA LEU G 70 14.29 -8.54 -64.94
C LEU G 70 14.97 -7.48 -65.79
N ASN G 71 14.29 -7.06 -66.86
CA ASN G 71 14.77 -5.94 -67.68
C ASN G 71 14.94 -4.65 -66.87
N SER G 72 14.03 -4.41 -65.93
CA SER G 72 14.07 -3.21 -65.08
C SER G 72 15.32 -3.14 -64.17
N LEU G 73 15.96 -4.28 -63.91
CA LEU G 73 17.19 -4.33 -63.09
C LEU G 73 18.49 -4.43 -63.89
N MET G 74 18.44 -4.17 -65.20
CA MET G 74 19.64 -4.10 -66.05
C MET G 74 20.31 -2.74 -65.95
N TRP G 75 21.64 -2.73 -66.10
CA TRP G 75 22.38 -1.49 -66.24
C TRP G 75 23.71 -1.73 -66.94
N ASP G 76 24.27 -0.67 -67.50
CA ASP G 76 25.59 -0.71 -68.11
C ASP G 76 26.62 -0.33 -67.05
N PRO G 77 27.53 -1.26 -66.71
CA PRO G 77 28.58 -0.98 -65.71
C PRO G 77 29.43 0.26 -66.02
N ASN G 78 29.68 0.51 -67.30
CA ASN G 78 30.52 1.62 -67.75
C ASN G 78 30.15 2.98 -67.14
N GLU G 79 28.85 3.24 -67.03
CA GLU G 79 28.37 4.50 -66.47
C GLU G 79 28.06 4.40 -64.96
N TYR G 80 28.58 3.35 -64.32
CA TYR G 80 28.41 3.15 -62.89
C TYR G 80 29.68 2.54 -62.27
N GLY G 81 30.81 3.19 -62.49
CA GLY G 81 32.09 2.79 -61.89
C GLY G 81 32.51 1.37 -62.17
N ASN G 82 32.02 0.80 -63.27
CA ASN G 82 32.25 -0.60 -63.63
C ASN G 82 31.84 -1.62 -62.53
N ILE G 83 30.73 -1.32 -61.87
CA ILE G 83 30.10 -2.22 -60.91
C ILE G 83 29.33 -3.29 -61.68
N THR G 84 29.59 -4.56 -61.38
CA THR G 84 28.91 -5.68 -62.03
C THR G 84 27.85 -6.33 -61.14
N ASP G 85 27.99 -6.12 -59.82
CA ASP G 85 27.20 -6.79 -58.78
C ASP G 85 26.71 -5.79 -57.76
N PHE G 86 25.64 -6.14 -57.04
CA PHE G 86 25.39 -5.56 -55.73
C PHE G 86 24.49 -6.42 -54.84
N ARG G 87 24.77 -6.38 -53.54
CA ARG G 87 23.94 -7.03 -52.52
C ARG G 87 22.82 -6.07 -52.13
N THR G 88 21.61 -6.58 -51.99
CA THR G 88 20.51 -5.76 -51.47
C THR G 88 19.50 -6.56 -50.67
N SER G 89 18.83 -5.86 -49.77
CA SER G 89 17.81 -6.46 -48.94
C SER G 89 16.66 -6.96 -49.80
N ALA G 90 16.21 -8.18 -49.53
CA ALA G 90 15.14 -8.83 -50.28
C ALA G 90 13.82 -8.05 -50.26
N ALA G 91 13.67 -7.15 -49.30
CA ALA G 91 12.51 -6.26 -49.25
C ALA G 91 12.56 -5.16 -50.32
N ASP G 92 13.77 -4.77 -50.74
CA ASP G 92 13.93 -3.65 -51.70
C ASP G 92 13.54 -4.00 -53.14
N ILE G 93 13.46 -5.29 -53.46
CA ILE G 93 13.14 -5.74 -54.82
C ILE G 93 11.93 -6.65 -54.81
N TRP G 94 11.35 -6.87 -55.99
CA TRP G 94 10.28 -7.82 -56.14
C TRP G 94 10.86 -9.23 -56.00
N THR G 95 10.10 -10.13 -55.39
CA THR G 95 10.49 -11.53 -55.26
C THR G 95 9.29 -12.42 -55.59
N PRO G 96 9.55 -13.61 -56.13
CA PRO G 96 8.44 -14.50 -56.50
C PRO G 96 7.78 -15.15 -55.28
N ASP G 97 6.51 -15.47 -55.42
CA ASP G 97 5.70 -16.00 -54.33
C ASP G 97 5.72 -17.54 -54.29
N ILE G 98 6.93 -18.09 -54.32
CA ILE G 98 7.12 -19.55 -54.32
C ILE G 98 6.74 -20.11 -52.96
N THR G 99 5.91 -21.16 -52.97
CA THR G 99 5.33 -21.70 -51.76
C THR G 99 5.35 -23.22 -51.77
N ALA G 100 5.58 -23.80 -50.60
CA ALA G 100 5.35 -25.22 -50.39
C ALA G 100 3.85 -25.44 -50.33
N TYR G 101 3.32 -26.30 -51.19
CA TYR G 101 1.89 -26.50 -51.29
C TYR G 101 1.28 -27.35 -50.16
N SER G 102 2.11 -28.10 -49.45
CA SER G 102 1.62 -29.03 -48.43
C SER G 102 2.19 -28.73 -47.05
N SER G 103 2.59 -27.49 -46.82
CA SER G 103 3.09 -27.07 -45.52
C SER G 103 1.98 -27.14 -44.47
N THR G 104 2.37 -27.41 -43.23
CA THR G 104 1.40 -27.46 -42.12
C THR G 104 1.64 -26.35 -41.09
N ARG G 105 2.76 -25.66 -41.21
CA ARG G 105 3.09 -24.54 -40.33
C ARG G 105 3.74 -23.47 -41.19
N PRO G 106 3.74 -22.22 -40.70
CA PRO G 106 4.41 -21.22 -41.52
C PRO G 106 5.89 -21.56 -41.65
N VAL G 107 6.44 -21.42 -42.85
CA VAL G 107 7.88 -21.59 -43.06
C VAL G 107 8.64 -20.64 -42.13
N GLN G 108 9.70 -21.15 -41.53
CA GLN G 108 10.55 -20.34 -40.67
C GLN G 108 11.84 -20.04 -41.43
N VAL G 109 12.23 -18.75 -41.43
CA VAL G 109 13.42 -18.30 -42.15
C VAL G 109 14.63 -18.36 -41.24
N LEU G 110 15.72 -18.93 -41.74
CA LEU G 110 16.95 -19.13 -40.97
C LEU G 110 18.10 -18.23 -41.39
N SER G 111 18.03 -17.66 -42.59
CA SER G 111 19.13 -16.88 -43.14
C SER G 111 18.72 -15.42 -43.31
N PRO G 112 19.70 -14.52 -43.37
CA PRO G 112 19.37 -13.13 -43.70
C PRO G 112 18.68 -13.06 -45.05
N GLN G 113 17.80 -12.08 -45.21
CA GLN G 113 16.97 -11.94 -46.41
C GLN G 113 17.64 -10.94 -47.35
N ILE G 114 18.66 -11.42 -48.05
CA ILE G 114 19.46 -10.56 -48.92
C ILE G 114 19.67 -11.29 -50.25
N ALA G 115 19.50 -10.57 -51.34
CA ALA G 115 19.69 -11.14 -52.68
C ALA G 115 20.86 -10.45 -53.39
N VAL G 116 21.34 -11.09 -54.47
CA VAL G 116 22.43 -10.56 -55.29
C VAL G 116 21.88 -10.23 -56.67
N VAL G 117 22.07 -8.99 -57.10
CA VAL G 117 21.63 -8.54 -58.42
C VAL G 117 22.85 -8.26 -59.30
N THR G 118 22.84 -8.82 -60.51
CA THR G 118 23.93 -8.67 -61.46
C THR G 118 23.51 -7.70 -62.58
N HIS G 119 24.50 -7.10 -63.24
CA HIS G 119 24.29 -6.10 -64.30
C HIS G 119 23.36 -6.52 -65.45
N ASP G 120 23.32 -7.81 -65.74
CA ASP G 120 22.42 -8.36 -66.77
C ASP G 120 20.97 -8.45 -66.29
N GLY G 121 20.71 -8.04 -65.05
CA GLY G 121 19.36 -8.02 -64.50
C GLY G 121 18.97 -9.30 -63.78
N SER G 122 19.92 -10.23 -63.65
CA SER G 122 19.67 -11.49 -62.96
C SER G 122 19.73 -11.29 -61.45
N VAL G 123 18.93 -12.07 -60.73
CA VAL G 123 18.80 -11.96 -59.28
C VAL G 123 18.98 -13.36 -58.70
N MET G 124 19.85 -13.51 -57.68
CA MET G 124 19.90 -14.77 -56.97
C MET G 124 19.58 -14.62 -55.49
N PHE G 125 18.65 -15.44 -55.02
CA PHE G 125 18.12 -15.36 -53.68
C PHE G 125 18.05 -16.76 -53.11
N ILE G 126 18.68 -16.95 -51.95
CA ILE G 126 18.81 -18.29 -51.39
C ILE G 126 18.40 -18.33 -49.92
N PRO G 127 17.10 -18.29 -49.64
CA PRO G 127 16.64 -18.35 -48.24
C PRO G 127 16.81 -19.74 -47.65
N ALA G 128 17.42 -19.81 -46.47
CA ALA G 128 17.45 -21.06 -45.71
C ALA G 128 16.15 -21.13 -44.89
N GLN G 129 15.52 -22.30 -44.86
CA GLN G 129 14.17 -22.44 -44.34
C GLN G 129 13.97 -23.74 -43.55
N ARG G 130 13.12 -23.67 -42.53
CA ARG G 130 12.59 -24.87 -41.88
C ARG G 130 11.13 -25.03 -42.27
N LEU G 131 10.80 -26.17 -42.86
CA LEU G 131 9.46 -26.46 -43.35
C LEU G 131 8.87 -27.67 -42.64
N SER G 132 7.68 -27.52 -42.09
CA SER G 132 6.88 -28.66 -41.67
C SER G 132 5.86 -28.93 -42.76
N PHE G 133 5.82 -30.17 -43.24
CA PHE G 133 4.89 -30.53 -44.31
C PHE G 133 4.29 -31.92 -44.14
N MET G 134 3.25 -32.19 -44.94
CA MET G 134 2.45 -33.43 -44.85
C MET G 134 3.22 -34.62 -45.37
N CYS G 135 3.32 -35.65 -44.55
CA CYS G 135 4.17 -36.78 -44.89
C CYS G 135 4.00 -37.95 -43.91
N ASP G 136 3.60 -39.11 -44.42
CA ASP G 136 3.50 -40.33 -43.63
C ASP G 136 4.87 -41.00 -43.58
N PRO G 137 5.50 -41.06 -42.39
CA PRO G 137 6.84 -41.63 -42.32
C PRO G 137 6.86 -43.16 -42.14
N THR G 138 5.73 -43.82 -42.36
CA THR G 138 5.66 -45.28 -42.27
C THR G 138 6.72 -45.91 -43.16
N GLY G 139 7.36 -46.96 -42.66
CA GLY G 139 8.45 -47.61 -43.38
C GLY G 139 9.82 -47.00 -43.15
N VAL G 140 9.88 -45.84 -42.47
CA VAL G 140 11.16 -45.20 -42.16
C VAL G 140 12.00 -46.11 -41.24
N ASP G 141 11.31 -47.01 -40.53
CA ASP G 141 11.96 -48.00 -39.67
C ASP G 141 12.19 -49.35 -40.38
N SER G 142 12.28 -49.33 -41.71
CA SER G 142 12.67 -50.51 -42.48
C SER G 142 13.80 -50.12 -43.45
N GLU G 143 14.32 -51.11 -44.18
CA GLU G 143 15.38 -50.88 -45.17
C GLU G 143 14.85 -50.10 -46.39
N GLU G 144 13.60 -50.41 -46.75
CA GLU G 144 12.90 -49.77 -47.86
C GLU G 144 12.73 -48.26 -47.64
N GLY G 145 12.55 -47.86 -46.38
CA GLY G 145 12.42 -46.44 -46.02
C GLY G 145 11.06 -45.89 -46.33
N ALA G 146 10.87 -44.61 -46.01
CA ALA G 146 9.63 -43.89 -46.35
C ALA G 146 9.89 -42.95 -47.50
N THR G 147 8.85 -42.70 -48.27
CA THR G 147 8.92 -41.78 -49.39
C THR G 147 7.94 -40.65 -49.11
N CYS G 148 8.39 -39.42 -49.25
CA CYS G 148 7.50 -38.26 -49.14
C CYS G 148 7.77 -37.20 -50.19
N ALA G 149 6.70 -36.54 -50.60
CA ALA G 149 6.74 -35.57 -51.68
C ALA G 149 6.15 -34.25 -51.22
N VAL G 150 6.76 -33.16 -51.65
CA VAL G 150 6.23 -31.83 -51.42
C VAL G 150 6.41 -31.00 -52.68
N LYS G 151 5.36 -30.30 -53.09
CA LYS G 151 5.39 -29.54 -54.33
C LYS G 151 5.53 -28.05 -54.05
N PHE G 152 6.36 -27.39 -54.84
CA PHE G 152 6.60 -25.95 -54.73
C PHE G 152 6.17 -25.24 -55.99
N GLY G 153 5.68 -24.02 -55.82
CA GLY G 153 5.42 -23.18 -56.97
C GLY G 153 4.71 -21.91 -56.57
N SER G 154 4.32 -21.12 -57.57
CA SER G 154 3.62 -19.88 -57.33
C SER G 154 2.26 -20.18 -56.76
N TRP G 155 1.88 -19.40 -55.76
CA TRP G 155 0.55 -19.49 -55.19
C TRP G 155 -0.51 -18.87 -56.10
N VAL G 156 -0.21 -17.75 -56.77
CA VAL G 156 -1.24 -17.03 -57.55
C VAL G 156 -0.97 -16.87 -59.05
N TYR G 157 0.26 -17.09 -59.51
CA TYR G 157 0.59 -16.89 -60.91
C TYR G 157 0.58 -18.20 -61.69
N SER G 158 -0.06 -18.18 -62.86
CA SER G 158 -0.09 -19.35 -63.73
C SER G 158 1.23 -19.44 -64.46
N GLY G 159 1.38 -20.53 -65.23
CA GLY G 159 2.56 -20.76 -66.05
C GLY G 159 2.75 -19.75 -67.18
N PHE G 160 1.68 -19.06 -67.56
CA PHE G 160 1.80 -17.96 -68.54
C PHE G 160 2.56 -16.74 -67.99
N GLU G 161 2.61 -16.58 -66.67
CA GLU G 161 3.28 -15.43 -66.05
C GLU G 161 4.59 -15.84 -65.37
N ILE G 162 4.55 -16.94 -64.63
CA ILE G 162 5.75 -17.46 -63.98
C ILE G 162 5.96 -18.90 -64.42
N ASP G 163 7.00 -19.12 -65.22
CA ASP G 163 7.45 -20.47 -65.51
C ASP G 163 8.51 -20.87 -64.49
N LEU G 164 8.53 -22.16 -64.14
CA LEU G 164 9.57 -22.70 -63.29
C LEU G 164 10.50 -23.61 -64.07
N LYS G 165 11.76 -23.66 -63.66
CA LYS G 165 12.69 -24.65 -64.18
C LYS G 165 13.64 -25.14 -63.10
N THR G 166 14.20 -26.33 -63.30
CA THR G 166 15.35 -26.79 -62.53
C THR G 166 16.54 -26.92 -63.47
N ASP G 167 17.74 -26.68 -62.95
CA ASP G 167 18.97 -26.95 -63.70
C ASP G 167 19.28 -28.45 -63.69
N THR G 168 18.97 -29.10 -62.57
CA THR G 168 19.22 -30.52 -62.39
C THR G 168 18.05 -31.16 -61.66
N ASP G 169 17.78 -32.43 -61.96
CA ASP G 169 16.73 -33.19 -61.27
C ASP G 169 17.20 -33.75 -59.93
N GLN G 170 18.52 -33.75 -59.70
CA GLN G 170 19.07 -34.31 -58.48
C GLN G 170 19.22 -33.23 -57.41
N VAL G 171 18.51 -33.43 -56.30
CA VAL G 171 18.62 -32.55 -55.15
C VAL G 171 20.05 -32.63 -54.65
N ASP G 172 20.63 -31.48 -54.30
CA ASP G 172 22.00 -31.43 -53.80
C ASP G 172 22.03 -31.97 -52.37
N LEU G 173 22.69 -33.11 -52.20
CA LEU G 173 22.79 -33.77 -50.91
C LEU G 173 24.19 -33.65 -50.31
N SER G 174 25.05 -32.81 -50.88
CA SER G 174 26.46 -32.75 -50.46
C SER G 174 26.61 -32.25 -49.02
N SER G 175 25.85 -31.23 -48.66
CA SER G 175 25.95 -30.61 -47.33
C SER G 175 24.98 -31.21 -46.28
N TYR G 176 24.35 -32.33 -46.60
CA TYR G 176 23.39 -32.97 -45.70
C TYR G 176 24.07 -33.42 -44.41
N TYR G 177 23.40 -33.24 -43.28
CA TYR G 177 23.98 -33.53 -41.97
C TYR G 177 24.37 -35.01 -41.83
N ALA G 178 25.68 -35.27 -41.72
CA ALA G 178 26.19 -36.65 -41.66
C ALA G 178 25.78 -37.42 -40.40
N SER G 179 25.41 -36.71 -39.34
CA SER G 179 24.99 -37.36 -38.09
C SER G 179 23.50 -37.16 -37.77
N SER G 180 22.70 -36.84 -38.80
CA SER G 180 21.25 -36.75 -38.67
C SER G 180 20.62 -38.06 -38.16
N LYS G 181 19.42 -37.97 -37.62
CA LYS G 181 18.65 -39.17 -37.26
C LYS G 181 18.21 -39.97 -38.49
N TYR G 182 18.22 -39.33 -39.66
CA TYR G 182 17.76 -39.96 -40.89
C TYR G 182 18.79 -39.84 -42.03
N GLU G 183 19.01 -40.95 -42.75
CA GLU G 183 19.81 -40.92 -43.98
C GLU G 183 18.91 -40.78 -45.20
N ILE G 184 19.43 -40.16 -46.26
CA ILE G 184 18.69 -39.99 -47.52
C ILE G 184 19.08 -41.05 -48.54
N LEU G 185 18.10 -41.82 -48.98
CA LEU G 185 18.30 -42.87 -49.97
C LEU G 185 18.22 -42.26 -51.38
N SER G 186 17.27 -41.35 -51.59
CA SER G 186 17.20 -40.57 -52.83
C SER G 186 16.46 -39.26 -52.60
N ALA G 187 16.75 -38.27 -53.45
CA ALA G 187 16.12 -36.96 -53.37
C ALA G 187 16.12 -36.30 -54.75
N THR G 188 14.92 -36.13 -55.32
CA THR G 188 14.76 -35.60 -56.67
C THR G 188 13.85 -34.37 -56.66
N GLN G 189 14.05 -33.50 -57.65
CA GLN G 189 13.30 -32.27 -57.83
C GLN G 189 12.87 -32.18 -59.30
N THR G 190 11.57 -32.33 -59.56
CA THR G 190 11.08 -32.49 -60.93
C THR G 190 10.00 -31.47 -61.27
N ARG G 191 10.25 -30.73 -62.35
CA ARG G 191 9.27 -29.82 -62.92
C ARG G 191 8.08 -30.61 -63.45
N GLN G 192 6.88 -30.18 -63.08
CA GLN G 192 5.65 -30.79 -63.56
C GLN G 192 4.75 -29.69 -64.08
N VAL G 193 3.92 -30.04 -65.04
CA VAL G 193 2.96 -29.11 -65.62
C VAL G 193 1.58 -29.70 -65.37
N GLN G 194 0.71 -28.91 -64.74
CA GLN G 194 -0.65 -29.35 -64.48
C GLN G 194 -1.69 -28.54 -65.23
N HIS G 195 -2.80 -29.20 -65.51
CA HIS G 195 -3.93 -28.61 -66.21
C HIS G 195 -5.20 -28.95 -65.44
N TYR G 196 -5.86 -27.94 -64.92
CA TYR G 196 -7.10 -28.15 -64.19
C TYR G 196 -8.29 -28.08 -65.15
N SER G 197 -9.36 -28.82 -64.83
CA SER G 197 -10.60 -28.82 -65.62
C SER G 197 -11.18 -27.42 -65.80
N CYS G 198 -11.18 -26.67 -64.70
CA CYS G 198 -11.69 -25.29 -64.67
C CYS G 198 -11.12 -24.35 -65.74
N CYS G 199 -9.83 -24.52 -66.04
CA CYS G 199 -8.99 -23.42 -66.49
C CYS G 199 -8.14 -23.74 -67.72
N PRO G 200 -7.97 -22.76 -68.63
CA PRO G 200 -7.16 -23.01 -69.83
C PRO G 200 -5.64 -22.90 -69.63
N GLU G 201 -5.19 -22.21 -68.59
CA GLU G 201 -3.76 -21.91 -68.42
C GLU G 201 -3.00 -23.14 -67.90
N PRO G 202 -1.70 -23.26 -68.25
CA PRO G 202 -0.86 -24.29 -67.65
C PRO G 202 -0.31 -23.84 -66.30
N TYR G 203 -0.15 -24.78 -65.37
CA TYR G 203 0.35 -24.46 -64.03
C TYR G 203 1.57 -25.30 -63.70
N ILE G 204 2.59 -24.63 -63.18
CA ILE G 204 3.89 -25.24 -62.99
C ILE G 204 4.20 -25.43 -61.51
N ASP G 205 4.68 -26.63 -61.16
CA ASP G 205 5.23 -26.90 -59.84
C ASP G 205 6.53 -27.70 -59.96
N VAL G 206 7.30 -27.70 -58.87
CA VAL G 206 8.47 -28.56 -58.76
C VAL G 206 8.20 -29.57 -57.65
N ASN G 207 8.16 -30.85 -58.02
CA ASN G 207 7.89 -31.91 -57.07
C ASN G 207 9.19 -32.38 -56.42
N LEU G 208 9.30 -32.11 -55.12
CA LEU G 208 10.46 -32.52 -54.32
C LEU G 208 10.13 -33.87 -53.67
N VAL G 209 10.77 -34.94 -54.14
CA VAL G 209 10.53 -36.28 -53.60
C VAL G 209 11.79 -36.77 -52.85
N VAL G 210 11.62 -37.02 -51.55
CA VAL G 210 12.71 -37.52 -50.73
C VAL G 210 12.34 -38.90 -50.20
N LYS G 211 13.25 -39.84 -50.36
CA LYS G 211 13.16 -41.15 -49.77
C LYS G 211 14.24 -41.21 -48.69
N PHE G 212 13.84 -41.59 -47.47
CA PHE G 212 14.74 -41.60 -46.31
C PHE G 212 14.43 -42.75 -45.35
N ARG G 213 15.40 -43.07 -44.50
CA ARG G 213 15.20 -44.05 -43.43
C ARG G 213 16.03 -43.67 -42.20
N GLU G 214 15.71 -44.28 -41.06
CA GLU G 214 16.47 -44.06 -39.83
C GLU G 214 17.94 -44.42 -40.05
N ARG G 215 18.84 -43.54 -39.60
CA ARG G 215 20.28 -43.71 -39.85
C ARG G 215 20.87 -44.96 -39.17
N HIS H 9 23.89 21.03 -23.75
CA HIS H 9 25.05 21.53 -24.57
C HIS H 9 26.02 20.40 -24.99
N SER H 10 26.26 19.44 -24.09
CA SER H 10 27.03 18.24 -24.43
C SER H 10 26.17 17.30 -25.27
N GLN H 11 24.87 17.34 -25.01
CA GLN H 11 23.89 16.61 -25.82
C GLN H 11 23.81 17.23 -27.21
N ALA H 12 23.90 18.56 -27.27
CA ALA H 12 23.95 19.27 -28.55
C ALA H 12 25.07 18.73 -29.42
N ASN H 13 26.23 18.49 -28.82
CA ASN H 13 27.36 17.85 -29.51
C ASN H 13 27.01 16.44 -29.99
N LEU H 14 26.38 15.64 -29.13
CA LEU H 14 26.03 14.26 -29.47
C LEU H 14 24.98 14.18 -30.58
N MET H 15 23.95 15.02 -30.49
CA MET H 15 22.93 15.10 -31.54
C MET H 15 23.50 15.62 -32.86
N ARG H 16 24.47 16.55 -32.78
CA ARG H 16 25.13 17.09 -33.96
C ARG H 16 25.98 16.04 -34.67
N LEU H 17 26.76 15.29 -33.89
CA LEU H 17 27.61 14.22 -34.42
C LEU H 17 26.78 13.13 -35.13
N LYS H 18 25.72 12.67 -34.47
CA LYS H 18 24.83 11.63 -35.03
C LYS H 18 24.08 12.13 -36.27
N SER H 19 23.74 13.42 -36.30
CA SER H 19 23.15 14.03 -37.48
C SER H 19 24.15 14.07 -38.63
N ASP H 20 25.37 14.53 -38.34
CA ASP H 20 26.43 14.63 -39.34
C ASP H 20 26.82 13.27 -39.93
N LEU H 21 26.72 12.21 -39.13
CA LEU H 21 27.11 10.87 -39.60
C LEU H 21 25.96 10.11 -40.26
N PHE H 22 24.77 10.15 -39.67
CA PHE H 22 23.62 9.36 -40.16
C PHE H 22 22.74 10.12 -41.14
N ASN H 23 22.18 11.25 -40.70
CA ASN H 23 21.27 12.06 -41.53
C ASN H 23 22.03 13.11 -42.34
N ARG H 24 23.05 12.68 -43.07
CA ARG H 24 23.86 13.58 -43.89
C ARG H 24 24.78 12.82 -44.85
N TYR H 28 25.91 4.39 -46.52
CA TYR H 28 26.79 3.24 -46.71
C TYR H 28 25.98 2.01 -47.16
N PRO H 29 26.20 1.56 -48.41
CA PRO H 29 25.52 0.37 -48.95
C PRO H 29 26.28 -0.96 -48.75
N GLY H 30 27.23 -1.00 -47.83
CA GLY H 30 27.93 -2.26 -47.50
C GLY H 30 29.29 -2.37 -48.15
N PRO H 31 29.99 -3.51 -47.89
CA PRO H 31 31.31 -3.78 -48.44
C PRO H 31 31.28 -4.33 -49.87
N THR H 32 32.40 -4.18 -50.57
CA THR H 32 32.55 -4.67 -51.93
C THR H 32 33.95 -5.26 -52.12
N LYS H 33 34.25 -5.73 -53.32
CA LYS H 33 35.60 -6.17 -53.66
C LYS H 33 36.55 -4.97 -53.66
N ASP H 34 36.04 -3.81 -54.05
CA ASP H 34 36.83 -2.57 -54.13
C ASP H 34 36.82 -1.76 -52.82
N ASP H 35 36.04 -2.22 -51.85
CA ASP H 35 35.99 -1.62 -50.51
C ASP H 35 35.73 -2.72 -49.48
N PRO H 36 36.74 -3.59 -49.24
CA PRO H 36 36.54 -4.77 -48.41
C PRO H 36 36.50 -4.45 -46.92
N LEU H 37 35.96 -5.38 -46.14
CA LEU H 37 35.84 -5.22 -44.69
C LEU H 37 36.29 -6.50 -43.97
N THR H 38 37.06 -6.33 -42.90
CA THR H 38 37.42 -7.42 -42.02
C THR H 38 36.54 -7.33 -40.77
N VAL H 39 35.92 -8.44 -40.40
CA VAL H 39 35.03 -8.47 -39.22
C VAL H 39 35.57 -9.48 -38.22
N THR H 40 35.77 -9.05 -36.98
CA THR H 40 36.31 -9.92 -35.95
C THR H 40 35.20 -10.52 -35.11
N LEU H 41 35.22 -11.85 -35.00
CA LEU H 41 34.21 -12.62 -34.27
C LEU H 41 34.82 -13.26 -33.03
N GLY H 42 34.03 -13.34 -31.98
CA GLY H 42 34.41 -14.01 -30.75
C GLY H 42 33.18 -14.47 -29.99
N PHE H 43 33.12 -15.76 -29.67
CA PHE H 43 31.97 -16.33 -29.01
C PHE H 43 32.24 -16.47 -27.51
N THR H 44 31.24 -16.10 -26.70
CA THR H 44 31.28 -16.31 -25.25
C THR H 44 30.12 -17.22 -24.92
N LEU H 45 30.42 -18.42 -24.42
CA LEU H 45 29.41 -19.44 -24.24
C LEU H 45 28.82 -19.40 -22.82
N GLN H 46 27.50 -19.21 -22.75
CA GLN H 46 26.83 -19.03 -21.47
C GLN H 46 26.13 -20.28 -20.96
N ASP H 47 25.56 -21.08 -21.87
CA ASP H 47 24.85 -22.27 -21.42
C ASP H 47 24.42 -23.15 -22.57
N ILE H 48 24.70 -24.44 -22.45
CA ILE H 48 24.03 -25.43 -23.28
C ILE H 48 22.75 -25.80 -22.55
N VAL H 49 21.63 -25.35 -23.07
CA VAL H 49 20.36 -25.47 -22.35
C VAL H 49 19.71 -26.83 -22.54
N LYS H 50 19.80 -27.37 -23.75
CA LYS H 50 19.11 -28.60 -24.10
C LYS H 50 19.87 -29.38 -25.15
N ALA H 51 19.87 -30.71 -25.02
CA ALA H 51 20.40 -31.62 -26.04
C ALA H 51 19.35 -32.69 -26.35
N ASP H 52 18.72 -32.58 -27.52
CA ASP H 52 17.59 -33.45 -27.90
C ASP H 52 18.05 -34.62 -28.80
N SER H 53 18.18 -35.80 -28.20
CA SER H 53 18.67 -36.98 -28.93
C SER H 53 17.63 -37.59 -29.90
N SER H 54 16.35 -37.27 -29.69
CA SER H 54 15.30 -37.73 -30.59
C SER H 54 15.33 -36.98 -31.94
N THR H 55 15.77 -35.72 -31.92
CA THR H 55 15.86 -34.92 -33.14
C THR H 55 17.30 -34.52 -33.52
N ASN H 56 18.26 -34.87 -32.67
CA ASN H 56 19.64 -34.40 -32.82
C ASN H 56 19.70 -32.88 -32.97
N GLU H 57 19.18 -32.19 -31.95
CA GLU H 57 19.23 -30.73 -31.85
C GLU H 57 19.82 -30.29 -30.50
N VAL H 58 20.58 -29.19 -30.50
CA VAL H 58 21.18 -28.66 -29.28
C VAL H 58 21.03 -27.14 -29.21
N ASP H 59 20.43 -26.66 -28.11
CA ASP H 59 20.23 -25.23 -27.86
C ASP H 59 21.40 -24.66 -27.05
N LEU H 60 22.00 -23.60 -27.57
CA LEU H 60 23.06 -22.88 -26.85
C LEU H 60 22.59 -21.47 -26.57
N VAL H 61 23.13 -20.88 -25.50
CA VAL H 61 22.98 -19.47 -25.22
C VAL H 61 24.38 -18.86 -25.19
N TYR H 62 24.60 -17.84 -26.01
CA TYR H 62 25.94 -17.23 -26.11
C TYR H 62 25.89 -15.75 -26.51
N TYR H 63 26.95 -15.03 -26.17
CA TYR H 63 27.21 -13.69 -26.71
C TYR H 63 28.11 -13.85 -27.92
N GLU H 64 27.81 -13.08 -28.97
CA GLU H 64 28.54 -13.09 -30.21
C GLU H 64 29.19 -11.73 -30.40
N GLN H 65 30.49 -11.64 -30.17
CA GLN H 65 31.19 -10.36 -30.31
C GLN H 65 31.52 -10.08 -31.77
N GLN H 66 31.00 -8.95 -32.30
CA GLN H 66 31.24 -8.53 -33.68
C GLN H 66 31.93 -7.17 -33.71
N ARG H 67 33.13 -7.14 -34.30
CA ARG H 67 33.96 -5.93 -34.37
C ARG H 67 34.42 -5.62 -35.79
N TRP H 68 34.09 -4.41 -36.27
CA TRP H 68 34.51 -3.96 -37.60
C TRP H 68 34.75 -2.45 -37.60
N LYS H 69 35.39 -1.97 -38.67
CA LYS H 69 35.83 -0.57 -38.75
C LYS H 69 35.44 0.00 -40.10
N LEU H 70 34.85 1.19 -40.11
CA LEU H 70 34.49 1.88 -41.37
C LEU H 70 34.98 3.33 -41.37
N ASN H 71 35.60 3.74 -42.48
CA ASN H 71 36.01 5.13 -42.67
C ASN H 71 34.85 6.10 -42.61
N SER H 72 33.69 5.65 -43.09
CA SER H 72 32.46 6.44 -43.09
C SER H 72 31.92 6.75 -41.70
N LEU H 73 32.43 6.04 -40.68
CA LEU H 73 32.02 6.26 -39.29
C LEU H 73 33.11 6.92 -38.43
N MET H 74 34.08 7.55 -39.09
CA MET H 74 35.16 8.27 -38.38
C MET H 74 34.78 9.71 -38.08
N TRP H 75 35.31 10.23 -36.98
CA TRP H 75 35.15 11.63 -36.66
C TRP H 75 36.27 12.08 -35.72
N ASP H 76 36.63 13.35 -35.79
CA ASP H 76 37.63 13.93 -34.89
C ASP H 76 36.92 14.37 -33.60
N PRO H 77 37.23 13.74 -32.46
CA PRO H 77 36.54 14.06 -31.19
C PRO H 77 36.62 15.53 -30.74
N ASN H 78 37.69 16.23 -31.10
CA ASN H 78 37.85 17.65 -30.73
C ASN H 78 36.93 18.57 -31.51
N GLU H 79 36.55 18.13 -32.71
CA GLU H 79 35.53 18.81 -33.48
C GLU H 79 34.14 18.45 -32.98
N TYR H 80 34.05 17.65 -31.91
CA TYR H 80 32.76 17.25 -31.30
C TYR H 80 32.82 17.17 -29.76
N GLY H 81 33.56 18.11 -29.16
CA GLY H 81 33.61 18.25 -27.70
C GLY H 81 33.99 17.02 -26.91
N ASN H 82 35.14 16.42 -27.26
CA ASN H 82 35.71 15.28 -26.52
C ASN H 82 34.87 13.99 -26.55
N ILE H 83 33.87 13.93 -27.43
CA ILE H 83 33.05 12.72 -27.54
C ILE H 83 33.83 11.69 -28.34
N THR H 84 34.30 10.66 -27.66
CA THR H 84 35.15 9.62 -28.26
C THR H 84 34.34 8.41 -28.70
N ASP H 85 33.19 8.21 -28.06
CA ASP H 85 32.32 7.09 -28.36
C ASP H 85 30.85 7.50 -28.25
N PHE H 86 29.97 6.69 -28.84
CA PHE H 86 28.55 6.82 -28.60
C PHE H 86 27.82 5.49 -28.81
N ARG H 87 26.70 5.36 -28.11
CA ARG H 87 25.79 4.23 -28.23
C ARG H 87 24.73 4.59 -29.25
N THR H 88 24.37 3.64 -30.10
CA THR H 88 23.25 3.83 -31.02
C THR H 88 22.56 2.52 -31.39
N SER H 89 21.31 2.64 -31.83
CA SER H 89 20.54 1.49 -32.26
C SER H 89 21.24 0.79 -33.41
N ALA H 90 21.28 -0.54 -33.35
CA ALA H 90 21.89 -1.35 -34.41
C ALA H 90 21.12 -1.27 -35.74
N ALA H 91 19.83 -0.95 -35.67
CA ALA H 91 19.02 -0.80 -36.87
C ALA H 91 19.45 0.41 -37.72
N ASP H 92 20.09 1.40 -37.10
CA ASP H 92 20.39 2.68 -37.77
C ASP H 92 21.86 2.83 -38.21
N ILE H 93 22.58 1.71 -38.20
CA ILE H 93 23.85 1.58 -38.91
C ILE H 93 23.89 0.24 -39.64
N TRP H 94 24.87 0.09 -40.51
CA TRP H 94 25.06 -1.15 -41.23
C TRP H 94 25.64 -2.23 -40.30
N THR H 95 25.17 -3.47 -40.45
CA THR H 95 25.71 -4.61 -39.71
C THR H 95 25.96 -5.80 -40.63
N PRO H 96 26.93 -6.65 -40.26
CA PRO H 96 27.21 -7.82 -41.11
C PRO H 96 26.17 -8.93 -40.98
N ASP H 97 26.00 -9.69 -42.04
CA ASP H 97 25.01 -10.76 -42.12
C ASP H 97 25.54 -12.09 -41.62
N ILE H 98 26.16 -12.09 -40.43
CA ILE H 98 26.82 -13.29 -39.91
C ILE H 98 25.74 -14.29 -39.49
N THR H 99 25.89 -15.53 -39.92
CA THR H 99 24.83 -16.52 -39.73
C THR H 99 25.37 -17.89 -39.29
N ALA H 100 24.66 -18.50 -38.34
CA ALA H 100 24.87 -19.90 -38.00
C ALA H 100 24.38 -20.76 -39.15
N TYR H 101 25.31 -21.41 -39.83
CA TYR H 101 25.01 -22.14 -41.06
C TYR H 101 24.18 -23.42 -40.85
N SER H 102 24.27 -24.02 -39.67
CA SER H 102 23.55 -25.27 -39.42
C SER H 102 22.47 -25.09 -38.36
N SER H 103 21.85 -23.92 -38.34
CA SER H 103 20.74 -23.67 -37.42
C SER H 103 19.50 -24.45 -37.87
N THR H 104 18.67 -24.83 -36.89
CA THR H 104 17.43 -25.57 -37.17
C THR H 104 16.19 -24.74 -36.88
N ARG H 105 16.34 -23.65 -36.14
CA ARG H 105 15.24 -22.72 -35.86
C ARG H 105 15.77 -21.30 -36.00
N PRO H 106 14.87 -20.33 -36.22
CA PRO H 106 15.37 -18.97 -36.26
C PRO H 106 16.11 -18.62 -34.97
N VAL H 107 17.19 -17.88 -35.11
CA VAL H 107 17.92 -17.39 -33.96
C VAL H 107 17.01 -16.46 -33.15
N GLN H 108 17.08 -16.57 -31.83
CA GLN H 108 16.33 -15.69 -30.93
C GLN H 108 17.29 -14.75 -30.24
N VAL H 109 16.99 -13.45 -30.30
CA VAL H 109 17.82 -12.44 -29.69
C VAL H 109 17.38 -12.25 -28.24
N LEU H 110 18.35 -12.12 -27.34
CA LEU H 110 18.09 -11.98 -25.91
C LEU H 110 18.49 -10.61 -25.36
N SER H 111 19.30 -9.86 -26.10
CA SER H 111 19.78 -8.56 -25.64
C SER H 111 19.26 -7.47 -26.55
N PRO H 112 19.17 -6.22 -26.04
CA PRO H 112 18.83 -5.10 -26.92
C PRO H 112 19.86 -4.93 -28.03
N GLN H 113 19.40 -4.46 -29.18
CA GLN H 113 20.26 -4.35 -30.36
C GLN H 113 20.79 -2.93 -30.40
N ILE H 114 21.90 -2.74 -29.70
CA ILE H 114 22.56 -1.45 -29.60
C ILE H 114 24.05 -1.70 -29.79
N ALA H 115 24.70 -0.87 -30.60
CA ALA H 115 26.13 -0.99 -30.82
C ALA H 115 26.87 0.24 -30.33
N VAL H 116 28.18 0.08 -30.17
CA VAL H 116 29.07 1.15 -29.73
C VAL H 116 29.99 1.53 -30.88
N VAL H 117 29.97 2.81 -31.26
CA VAL H 117 30.82 3.30 -32.33
C VAL H 117 31.90 4.21 -31.74
N THR H 118 33.14 4.00 -32.19
CA THR H 118 34.30 4.73 -31.70
C THR H 118 34.78 5.69 -32.78
N HIS H 119 35.46 6.76 -32.33
CA HIS H 119 35.93 7.84 -33.22
C HIS H 119 36.82 7.40 -34.38
N ASP H 120 37.54 6.30 -34.19
CA ASP H 120 38.32 5.69 -35.28
C ASP H 120 37.47 4.95 -36.31
N GLY H 121 36.15 4.91 -36.11
CA GLY H 121 35.23 4.25 -37.03
C GLY H 121 34.93 2.80 -36.66
N SER H 122 35.54 2.31 -35.59
CA SER H 122 35.33 0.92 -35.17
C SER H 122 33.98 0.78 -34.45
N VAL H 123 33.35 -0.36 -34.67
CA VAL H 123 32.03 -0.64 -34.14
C VAL H 123 32.13 -1.92 -33.35
N MET H 124 31.61 -1.93 -32.13
CA MET H 124 31.43 -3.19 -31.42
C MET H 124 29.96 -3.45 -31.18
N PHE H 125 29.55 -4.68 -31.47
CA PHE H 125 28.16 -5.07 -31.42
C PHE H 125 28.09 -6.50 -30.89
N ILE H 126 27.39 -6.66 -29.76
CA ILE H 126 27.38 -7.93 -29.02
C ILE H 126 25.94 -8.38 -28.75
N PRO H 127 25.31 -9.04 -29.74
CA PRO H 127 24.01 -9.64 -29.46
C PRO H 127 24.11 -10.94 -28.65
N ALA H 128 23.24 -11.09 -27.65
CA ALA H 128 23.05 -12.37 -26.99
C ALA H 128 22.01 -13.14 -27.78
N GLN H 129 22.26 -14.43 -27.97
CA GLN H 129 21.38 -15.25 -28.80
C GLN H 129 21.18 -16.63 -28.23
N ARG H 130 20.00 -17.19 -28.48
CA ARG H 130 19.75 -18.60 -28.27
C ARG H 130 19.63 -19.24 -29.65
N LEU H 131 20.46 -20.24 -29.90
CA LEU H 131 20.54 -20.93 -31.17
C LEU H 131 20.24 -22.42 -31.00
N SER H 132 19.31 -22.94 -31.79
CA SER H 132 19.11 -24.37 -31.97
C SER H 132 19.88 -24.77 -33.22
N PHE H 133 20.72 -25.80 -33.12
CA PHE H 133 21.50 -26.27 -34.28
C PHE H 133 21.67 -27.80 -34.32
N MET H 134 22.10 -28.30 -35.49
CA MET H 134 22.22 -29.74 -35.74
C MET H 134 23.35 -30.32 -34.91
N CYS H 135 23.03 -31.32 -34.10
CA CYS H 135 23.99 -31.89 -33.21
C CYS H 135 23.55 -33.24 -32.66
N ASP H 136 24.32 -34.28 -32.96
CA ASP H 136 24.09 -35.61 -32.42
C ASP H 136 24.75 -35.69 -31.03
N PRO H 137 23.94 -35.78 -29.95
CA PRO H 137 24.51 -35.73 -28.60
C PRO H 137 24.96 -37.10 -28.08
N THR H 138 25.09 -38.09 -28.97
CA THR H 138 25.57 -39.42 -28.60
C THR H 138 26.85 -39.28 -27.78
N GLY H 139 26.91 -39.99 -26.66
CA GLY H 139 28.10 -40.01 -25.80
C GLY H 139 28.13 -38.97 -24.70
N VAL H 140 27.13 -38.07 -24.68
CA VAL H 140 27.07 -37.01 -23.66
C VAL H 140 26.92 -37.58 -22.25
N ASP H 141 26.37 -38.79 -22.16
CA ASP H 141 26.22 -39.51 -20.90
C ASP H 141 27.47 -40.35 -20.55
N SER H 142 28.65 -39.93 -21.01
CA SER H 142 29.88 -40.67 -20.77
C SER H 142 31.06 -39.74 -20.49
N GLU H 143 32.22 -40.33 -20.24
CA GLU H 143 33.44 -39.59 -19.92
C GLU H 143 33.94 -38.80 -21.14
N GLU H 144 33.90 -39.43 -22.31
CA GLU H 144 34.28 -38.76 -23.57
C GLU H 144 33.39 -37.56 -23.83
N GLY H 145 32.10 -37.71 -23.53
CA GLY H 145 31.12 -36.67 -23.83
C GLY H 145 30.82 -36.66 -25.32
N ALA H 146 30.00 -35.70 -25.74
CA ALA H 146 29.66 -35.53 -27.14
C ALA H 146 30.48 -34.38 -27.73
N THR H 147 30.50 -34.31 -29.06
CA THR H 147 31.21 -33.25 -29.76
C THR H 147 30.31 -32.69 -30.85
N CYS H 148 30.15 -31.36 -30.88
CA CYS H 148 29.37 -30.71 -31.92
C CYS H 148 29.99 -29.42 -32.44
N ALA H 149 29.73 -29.17 -33.71
CA ALA H 149 30.29 -28.03 -34.40
C ALA H 149 29.20 -27.27 -35.13
N VAL H 150 29.37 -25.95 -35.18
CA VAL H 150 28.55 -25.11 -36.01
C VAL H 150 29.44 -24.03 -36.61
N LYS H 151 29.22 -23.76 -37.88
CA LYS H 151 30.05 -22.80 -38.60
C LYS H 151 29.29 -21.49 -38.73
N PHE H 152 30.01 -20.38 -38.60
CA PHE H 152 29.43 -19.06 -38.70
C PHE H 152 30.13 -18.27 -39.79
N GLY H 153 29.35 -17.53 -40.57
CA GLY H 153 29.90 -16.65 -41.60
C GLY H 153 28.82 -15.88 -42.34
N SER H 154 29.26 -15.04 -43.27
CA SER H 154 28.33 -14.23 -44.07
C SER H 154 27.48 -15.13 -44.95
N TRP H 155 26.22 -14.75 -45.11
CA TRP H 155 25.33 -15.49 -45.99
C TRP H 155 25.60 -15.20 -47.45
N VAL H 156 25.87 -13.95 -47.79
CA VAL H 156 25.94 -13.52 -49.19
C VAL H 156 27.31 -13.03 -49.68
N TYR H 157 28.20 -12.64 -48.78
CA TYR H 157 29.52 -12.10 -49.15
C TYR H 157 30.61 -13.17 -49.13
N SER H 158 31.51 -13.10 -50.10
CA SER H 158 32.68 -13.99 -50.17
C SER H 158 33.84 -13.42 -49.35
N GLY H 159 34.94 -14.16 -49.33
CA GLY H 159 36.20 -13.73 -48.71
C GLY H 159 36.74 -12.41 -49.23
N PHE H 160 36.48 -12.10 -50.50
CA PHE H 160 36.93 -10.83 -51.08
C PHE H 160 36.22 -9.59 -50.50
N GLU H 161 35.03 -9.76 -49.94
CA GLU H 161 34.23 -8.62 -49.46
C GLU H 161 34.19 -8.52 -47.95
N ILE H 162 33.96 -9.66 -47.29
CA ILE H 162 33.97 -9.76 -45.83
C ILE H 162 34.92 -10.87 -45.38
N ASP H 163 36.08 -10.47 -44.90
CA ASP H 163 37.01 -11.42 -44.31
C ASP H 163 36.70 -11.57 -42.82
N LEU H 164 36.76 -12.81 -42.34
CA LEU H 164 36.55 -13.08 -40.92
C LEU H 164 37.88 -13.27 -40.19
N LYS H 165 37.87 -12.96 -38.89
CA LYS H 165 39.04 -13.06 -38.03
C LYS H 165 38.63 -13.38 -36.60
N THR H 166 39.46 -14.13 -35.88
CA THR H 166 39.33 -14.30 -34.43
C THR H 166 40.59 -13.74 -33.77
N ASP H 167 40.43 -13.13 -32.59
CA ASP H 167 41.59 -12.71 -31.79
C ASP H 167 42.18 -13.89 -31.04
N THR H 168 41.34 -14.84 -30.68
CA THR H 168 41.76 -16.05 -29.98
C THR H 168 40.92 -17.23 -30.45
N ASP H 169 41.53 -18.41 -30.53
CA ASP H 169 40.79 -19.63 -30.91
C ASP H 169 40.15 -20.32 -29.70
N GLN H 170 40.36 -19.77 -28.52
CA GLN H 170 39.75 -20.28 -27.31
C GLN H 170 38.45 -19.53 -27.06
N VAL H 171 37.35 -20.27 -27.03
CA VAL H 171 36.04 -19.70 -26.75
C VAL H 171 36.00 -19.31 -25.26
N ASP H 172 35.41 -18.17 -24.95
CA ASP H 172 35.32 -17.68 -23.57
C ASP H 172 34.32 -18.49 -22.74
N LEU H 173 34.83 -19.24 -21.75
CA LEU H 173 34.00 -20.05 -20.86
C LEU H 173 33.98 -19.46 -19.44
N SER H 174 34.36 -18.19 -19.30
CA SER H 174 34.52 -17.58 -17.98
C SER H 174 33.18 -17.26 -17.31
N SER H 175 32.14 -17.08 -18.11
CA SER H 175 30.80 -16.79 -17.60
C SER H 175 29.80 -17.93 -17.87
N TYR H 176 30.31 -19.12 -18.16
CA TYR H 176 29.44 -20.28 -18.37
C TYR H 176 28.72 -20.60 -17.06
N TYR H 177 27.43 -20.94 -17.16
CA TYR H 177 26.59 -21.14 -16.00
C TYR H 177 27.06 -22.35 -15.20
N ALA H 178 27.51 -22.09 -13.97
CA ALA H 178 28.14 -23.11 -13.14
C ALA H 178 27.20 -24.28 -12.82
N SER H 179 25.89 -24.05 -12.94
CA SER H 179 24.91 -25.09 -12.63
C SER H 179 24.16 -25.60 -13.87
N SER H 180 24.81 -25.53 -15.03
CA SER H 180 24.26 -26.09 -16.26
C SER H 180 24.12 -27.61 -16.17
N LYS H 181 23.10 -28.15 -16.82
CA LYS H 181 22.96 -29.61 -16.94
C LYS H 181 24.16 -30.26 -17.64
N TYR H 182 24.88 -29.47 -18.44
CA TYR H 182 26.05 -29.94 -19.18
C TYR H 182 27.30 -29.16 -18.80
N GLU H 183 28.43 -29.86 -18.73
CA GLU H 183 29.71 -29.20 -18.48
C GLU H 183 30.57 -29.25 -19.75
N ILE H 184 31.27 -28.16 -20.01
CA ILE H 184 32.10 -28.01 -21.20
C ILE H 184 33.48 -28.59 -20.92
N LEU H 185 33.91 -29.53 -21.74
CA LEU H 185 35.28 -30.03 -21.68
C LEU H 185 36.19 -29.07 -22.46
N SER H 186 35.78 -28.71 -23.68
CA SER H 186 36.51 -27.73 -24.45
C SER H 186 35.61 -27.03 -25.47
N ALA H 187 35.98 -25.81 -25.82
CA ALA H 187 35.26 -25.04 -26.83
C ALA H 187 36.26 -24.21 -27.64
N THR H 188 36.36 -24.50 -28.93
CA THR H 188 37.28 -23.81 -29.83
C THR H 188 36.52 -23.03 -30.90
N GLN H 189 37.18 -22.02 -31.45
CA GLN H 189 36.65 -21.22 -32.55
C GLN H 189 37.77 -21.02 -33.57
N THR H 190 37.62 -21.61 -34.75
CA THR H 190 38.70 -21.66 -35.73
C THR H 190 38.25 -21.15 -37.09
N ARG H 191 39.00 -20.18 -37.63
CA ARG H 191 38.80 -19.67 -38.98
C ARG H 191 39.16 -20.74 -40.02
N GLN H 192 38.32 -20.86 -41.05
CA GLN H 192 38.53 -21.80 -42.14
C GLN H 192 38.22 -21.15 -43.48
N VAL H 193 38.75 -21.76 -44.54
CA VAL H 193 38.47 -21.33 -45.91
C VAL H 193 38.07 -22.54 -46.74
N GLN H 194 36.94 -22.43 -47.42
CA GLN H 194 36.48 -23.46 -48.36
C GLN H 194 36.42 -22.79 -49.72
N HIS H 195 36.38 -23.60 -50.78
CA HIS H 195 36.15 -23.10 -52.14
C HIS H 195 35.02 -23.89 -52.79
N TYR H 196 34.48 -23.35 -53.89
CA TYR H 196 33.44 -24.02 -54.66
C TYR H 196 33.80 -23.90 -56.14
N SER H 197 33.63 -24.99 -56.89
CA SER H 197 34.04 -25.05 -58.30
C SER H 197 33.47 -23.90 -59.16
N CYS H 198 32.25 -23.48 -58.84
CA CYS H 198 31.56 -22.40 -59.57
C CYS H 198 32.33 -21.10 -59.63
N CYS H 199 33.00 -20.78 -58.53
CA CYS H 199 33.19 -19.40 -58.17
C CYS H 199 34.65 -18.99 -58.04
N PRO H 200 35.01 -17.83 -58.63
CA PRO H 200 36.38 -17.31 -58.61
C PRO H 200 36.82 -16.78 -57.25
N GLU H 201 35.96 -16.85 -56.25
CA GLU H 201 36.20 -16.21 -54.97
C GLU H 201 36.30 -17.26 -53.86
N PRO H 202 37.15 -16.99 -52.85
CA PRO H 202 37.22 -17.77 -51.60
C PRO H 202 36.11 -17.44 -50.61
N TYR H 203 35.79 -18.39 -49.74
CA TYR H 203 34.66 -18.25 -48.81
C TYR H 203 35.06 -18.64 -47.39
N ILE H 204 34.73 -17.78 -46.44
CA ILE H 204 35.25 -17.84 -45.07
C ILE H 204 34.18 -18.23 -44.06
N ASP H 205 34.59 -19.01 -43.07
CA ASP H 205 33.75 -19.33 -41.93
C ASP H 205 34.58 -19.43 -40.66
N VAL H 206 33.90 -19.40 -39.51
CA VAL H 206 34.53 -19.62 -38.22
C VAL H 206 33.83 -20.79 -37.58
N ASN H 207 34.59 -21.86 -37.31
CA ASN H 207 34.04 -23.10 -36.82
C ASN H 207 34.04 -23.15 -35.30
N LEU H 208 32.84 -23.21 -34.72
CA LEU H 208 32.66 -23.36 -33.27
C LEU H 208 32.53 -24.84 -32.93
N VAL H 209 33.53 -25.40 -32.27
CA VAL H 209 33.54 -26.81 -31.87
C VAL H 209 33.42 -26.90 -30.35
N VAL H 210 32.41 -27.63 -29.88
CA VAL H 210 32.17 -27.78 -28.45
C VAL H 210 32.18 -29.25 -28.06
N LYS H 211 32.98 -29.58 -27.05
CA LYS H 211 32.93 -30.89 -26.42
C LYS H 211 32.24 -30.72 -25.07
N PHE H 212 31.23 -31.55 -24.80
CA PHE H 212 30.45 -31.41 -23.58
C PHE H 212 29.85 -32.72 -23.09
N ARG H 213 29.64 -32.83 -21.78
CA ARG H 213 28.98 -34.00 -21.20
C ARG H 213 28.08 -33.60 -20.02
N GLU H 214 27.15 -34.47 -19.66
CA GLU H 214 26.26 -34.26 -18.50
C GLU H 214 27.11 -34.14 -17.23
N ARG H 215 26.75 -33.21 -16.34
CA ARG H 215 27.61 -32.90 -15.18
C ARG H 215 27.58 -33.95 -14.07
N ASP I 3 -18.18 23.64 -18.33
CA ASP I 3 -17.80 22.24 -17.96
C ASP I 3 -17.33 21.48 -19.20
N ASP I 4 -18.05 21.66 -20.30
CA ASP I 4 -17.68 21.04 -21.58
C ASP I 4 -16.47 21.73 -22.19
N ASP I 5 -16.51 23.06 -22.25
CA ASP I 5 -15.36 23.86 -22.68
C ASP I 5 -14.12 23.50 -21.88
N ASP I 6 -14.31 23.27 -20.57
CA ASP I 6 -13.20 22.95 -19.67
C ASP I 6 -12.55 21.59 -19.97
N LYS I 7 -13.31 20.67 -20.55
CA LYS I 7 -12.77 19.39 -21.04
C LYS I 7 -12.01 19.61 -22.35
N LEU I 8 -12.62 20.37 -23.26
CA LEU I 8 -12.04 20.70 -24.57
C LEU I 8 -10.69 21.42 -24.39
N HIS I 9 -10.67 22.41 -23.50
CA HIS I 9 -9.46 23.19 -23.23
C HIS I 9 -8.34 22.30 -22.70
N SER I 10 -8.65 21.46 -21.71
CA SER I 10 -7.66 20.56 -21.10
C SER I 10 -7.12 19.52 -22.08
N GLN I 11 -7.98 19.10 -23.00
CA GLN I 11 -7.60 18.18 -24.07
C GLN I 11 -6.59 18.84 -25.01
N ALA I 12 -6.88 20.08 -25.43
CA ALA I 12 -5.96 20.85 -26.28
C ALA I 12 -4.64 21.18 -25.58
N ASN I 13 -4.71 21.45 -24.27
CA ASN I 13 -3.51 21.73 -23.47
C ASN I 13 -2.53 20.55 -23.44
N LEU I 14 -3.07 19.34 -23.26
CA LEU I 14 -2.27 18.12 -23.25
C LEU I 14 -1.64 17.87 -24.62
N MET I 15 -2.45 18.01 -25.67
CA MET I 15 -1.96 17.86 -27.04
C MET I 15 -0.90 18.90 -27.37
N ARG I 16 -1.11 20.12 -26.88
CA ARG I 16 -0.11 21.17 -27.04
C ARG I 16 1.16 20.79 -26.28
N LEU I 17 1.00 20.29 -25.07
CA LEU I 17 2.14 19.84 -24.26
C LEU I 17 2.91 18.74 -24.98
N LYS I 18 2.21 17.67 -25.34
CA LYS I 18 2.85 16.52 -26.00
C LYS I 18 3.55 16.95 -27.28
N SER I 19 2.94 17.87 -28.02
CA SER I 19 3.56 18.44 -29.21
C SER I 19 4.85 19.19 -28.85
N ASP I 20 4.74 20.10 -27.87
CA ASP I 20 5.89 20.87 -27.41
C ASP I 20 7.08 20.02 -26.97
N LEU I 21 6.79 18.86 -26.37
CA LEU I 21 7.85 17.99 -25.88
C LEU I 21 8.41 17.09 -26.99
N PHE I 22 7.52 16.39 -27.70
CA PHE I 22 7.96 15.36 -28.66
C PHE I 22 8.40 15.92 -30.02
N ASN I 23 7.45 16.33 -30.87
CA ASN I 23 7.79 16.85 -32.20
C ASN I 23 8.06 18.37 -32.17
N ARG I 24 8.95 18.75 -31.25
CA ARG I 24 9.54 20.08 -31.16
C ARG I 24 10.83 19.92 -30.36
N SER I 25 11.97 20.24 -30.98
CA SER I 25 13.29 20.01 -30.38
C SER I 25 13.44 18.58 -29.88
N PRO I 26 13.35 17.58 -30.78
CA PRO I 26 13.42 16.18 -30.31
C PRO I 26 14.85 15.73 -29.99
N TYR I 28 16.12 13.53 -27.47
CA TYR I 28 17.10 13.02 -26.50
C TYR I 28 17.86 11.81 -27.05
N PRO I 29 19.19 11.94 -27.21
CA PRO I 29 20.05 10.88 -27.78
C PRO I 29 20.62 9.87 -26.78
N GLY I 30 20.05 9.79 -25.58
CA GLY I 30 20.55 8.88 -24.54
C GLY I 30 21.61 9.52 -23.66
N PRO I 31 21.98 8.85 -22.56
CA PRO I 31 22.95 9.40 -21.61
C PRO I 31 24.41 9.24 -22.04
N THR I 32 25.27 10.13 -21.56
CA THR I 32 26.72 10.06 -21.80
C THR I 32 27.52 10.25 -20.50
N LYS I 33 28.84 10.07 -20.58
CA LYS I 33 29.72 10.33 -19.44
C LYS I 33 29.53 11.77 -18.93
N ASP I 34 29.32 12.70 -19.87
CA ASP I 34 29.08 14.10 -19.58
C ASP I 34 27.70 14.36 -18.98
N ASP I 35 26.71 13.56 -19.40
CA ASP I 35 25.33 13.71 -18.96
C ASP I 35 24.78 12.39 -18.39
N PRO I 36 25.24 11.99 -17.18
CA PRO I 36 24.85 10.68 -16.63
C PRO I 36 23.42 10.64 -16.14
N LEU I 37 22.84 9.43 -16.15
CA LEU I 37 21.46 9.23 -15.77
C LEU I 37 21.37 8.23 -14.62
N THR I 38 20.51 8.52 -13.65
CA THR I 38 20.23 7.55 -12.58
C THR I 38 18.89 6.87 -12.86
N VAL I 39 18.92 5.54 -12.88
CA VAL I 39 17.72 4.74 -13.11
C VAL I 39 17.43 3.93 -11.84
N THR I 40 16.21 4.02 -11.33
CA THR I 40 15.86 3.32 -10.10
C THR I 40 15.04 2.08 -10.42
N LEU I 41 15.54 0.92 -10.00
CA LEU I 41 14.94 -0.34 -10.36
C LEU I 41 14.32 -0.99 -9.12
N GLY I 42 13.15 -1.58 -9.29
CA GLY I 42 12.46 -2.30 -8.23
C GLY I 42 11.63 -3.40 -8.83
N PHE I 43 11.69 -4.60 -8.23
CA PHE I 43 10.96 -5.76 -8.75
C PHE I 43 9.80 -6.11 -7.87
N THR I 44 8.74 -6.58 -8.52
CA THR I 44 7.55 -7.06 -7.88
C THR I 44 7.30 -8.42 -8.51
N LEU I 45 7.29 -9.45 -7.67
CA LEU I 45 7.27 -10.83 -8.13
C LEU I 45 5.85 -11.37 -8.01
N GLN I 46 5.30 -11.85 -9.12
CA GLN I 46 3.90 -12.31 -9.19
C GLN I 46 3.75 -13.83 -9.10
N ASP I 47 4.59 -14.57 -9.83
CA ASP I 47 4.45 -16.01 -9.91
C ASP I 47 5.70 -16.68 -10.47
N ILE I 48 6.12 -17.75 -9.82
CA ILE I 48 7.06 -18.67 -10.41
C ILE I 48 6.17 -19.70 -11.07
N VAL I 49 6.09 -19.65 -12.40
CA VAL I 49 5.17 -20.50 -13.13
C VAL I 49 5.72 -21.91 -13.31
N LYS I 50 7.03 -22.04 -13.50
CA LYS I 50 7.62 -23.31 -13.93
C LYS I 50 9.06 -23.42 -13.51
N ALA I 51 9.44 -24.59 -13.00
CA ALA I 51 10.85 -24.90 -12.69
C ALA I 51 11.25 -26.21 -13.35
N ASP I 52 11.96 -26.11 -14.47
CA ASP I 52 12.27 -27.27 -15.32
C ASP I 52 13.63 -27.87 -14.96
N SER I 53 13.60 -29.00 -14.24
CA SER I 53 14.82 -29.60 -13.75
C SER I 53 15.54 -30.42 -14.80
N SER I 54 14.90 -30.63 -15.96
CA SER I 54 15.56 -31.30 -17.09
C SER I 54 16.47 -30.35 -17.88
N THR I 55 16.16 -29.06 -17.91
CA THR I 55 16.98 -28.06 -18.61
C THR I 55 17.58 -26.98 -17.70
N ASN I 56 17.19 -26.99 -16.42
CA ASN I 56 17.57 -25.94 -15.46
C ASN I 56 17.16 -24.54 -15.93
N GLU I 57 15.90 -24.43 -16.31
CA GLU I 57 15.27 -23.14 -16.63
C GLU I 57 14.13 -22.90 -15.65
N VAL I 58 14.01 -21.67 -15.17
CA VAL I 58 12.87 -21.28 -14.36
C VAL I 58 12.17 -20.10 -14.99
N ASP I 59 10.83 -20.17 -14.99
CA ASP I 59 9.99 -19.17 -15.64
C ASP I 59 9.32 -18.29 -14.58
N LEU I 60 9.52 -16.98 -14.72
CA LEU I 60 9.12 -16.00 -13.73
C LEU I 60 8.17 -14.96 -14.32
N VAL I 61 7.10 -14.63 -13.62
CA VAL I 61 6.25 -13.49 -13.98
C VAL I 61 6.47 -12.39 -12.94
N TYR I 62 6.75 -11.17 -13.40
CA TYR I 62 7.11 -10.07 -12.51
C TYR I 62 6.95 -8.67 -13.14
N TYR I 63 6.75 -7.66 -12.28
CA TYR I 63 6.82 -6.25 -12.71
C TYR I 63 8.21 -5.75 -12.45
N GLU I 64 8.71 -4.97 -13.38
CA GLU I 64 9.98 -4.31 -13.23
C GLU I 64 9.69 -2.81 -13.22
N GLN I 65 9.76 -2.19 -12.05
CA GLN I 65 9.49 -0.76 -11.94
C GLN I 65 10.77 0.01 -12.24
N GLN I 66 10.71 0.88 -13.24
CA GLN I 66 11.85 1.69 -13.66
C GLN I 66 11.54 3.17 -13.52
N ARG I 67 12.38 3.92 -12.80
CA ARG I 67 12.21 5.36 -12.70
CA ARG I 67 12.21 5.36 -12.69
C ARG I 67 13.50 6.09 -13.06
N TRP I 68 13.35 7.17 -13.83
CA TRP I 68 14.44 8.04 -14.19
C TRP I 68 13.87 9.42 -14.44
N LYS I 69 14.74 10.39 -14.73
CA LYS I 69 14.37 11.79 -14.76
C LYS I 69 15.21 12.57 -15.77
N LEU I 70 14.54 13.30 -16.67
CA LEU I 70 15.22 14.07 -17.70
C LEU I 70 14.79 15.52 -17.65
N ASN I 71 15.75 16.42 -17.81
CA ASN I 71 15.48 17.85 -17.94
C ASN I 71 14.66 18.16 -19.19
N SER I 72 14.94 17.44 -20.27
CA SER I 72 14.24 17.66 -21.54
C SER I 72 12.74 17.36 -21.47
N LEU I 73 12.32 16.58 -20.48
CA LEU I 73 10.90 16.29 -20.26
C LEU I 73 10.25 17.18 -19.20
N MET I 74 11.00 18.15 -18.68
CA MET I 74 10.43 19.09 -17.71
C MET I 74 9.49 20.07 -18.38
N TRP I 75 8.52 20.53 -17.61
CA TRP I 75 7.66 21.62 -18.03
C TRP I 75 7.00 22.25 -16.81
N ASP I 76 6.49 23.46 -17.01
CA ASP I 76 5.79 24.21 -15.97
C ASP I 76 4.27 24.02 -16.13
N PRO I 77 3.62 23.36 -15.15
CA PRO I 77 2.16 23.16 -15.16
C PRO I 77 1.32 24.42 -15.40
N ASN I 78 1.80 25.55 -14.92
CA ASN I 78 1.09 26.82 -15.11
C ASN I 78 0.94 27.19 -16.58
N GLU I 79 1.90 26.79 -17.40
CA GLU I 79 1.91 27.12 -18.82
C GLU I 79 1.01 26.20 -19.65
N TYR I 80 0.48 25.14 -19.03
CA TYR I 80 -0.32 24.13 -19.74
C TYR I 80 -1.58 23.73 -18.96
N GLY I 81 -2.30 24.72 -18.46
CA GLY I 81 -3.54 24.47 -17.73
C GLY I 81 -3.41 23.56 -16.52
N ASN I 82 -2.34 23.72 -15.76
CA ASN I 82 -2.10 22.96 -14.52
C ASN I 82 -2.08 21.43 -14.70
N ILE I 83 -1.60 20.96 -15.85
CA ILE I 83 -1.37 19.53 -16.06
C ILE I 83 -0.06 19.16 -15.36
N THR I 84 -0.12 18.20 -14.45
CA THR I 84 1.04 17.81 -13.66
C THR I 84 1.72 16.55 -14.19
N ASP I 85 0.93 15.69 -14.85
CA ASP I 85 1.45 14.48 -15.48
C ASP I 85 0.62 14.08 -16.70
N PHE I 86 1.16 13.17 -17.50
CA PHE I 86 0.42 12.56 -18.59
C PHE I 86 0.90 11.15 -18.85
N ARG I 87 0.05 10.36 -19.49
CA ARG I 87 0.40 9.02 -19.94
C ARG I 87 0.81 9.07 -21.41
N THR I 88 1.82 8.29 -21.77
CA THR I 88 2.24 8.20 -23.17
C THR I 88 2.86 6.85 -23.53
N SER I 89 2.81 6.54 -24.81
CA SER I 89 3.41 5.32 -25.34
C SER I 89 4.92 5.28 -25.07
N ALA I 90 5.41 4.14 -24.59
CA ALA I 90 6.84 3.96 -24.33
C ALA I 90 7.70 4.17 -25.57
N ALA I 91 7.13 3.97 -26.75
CA ALA I 91 7.82 4.27 -28.01
C ALA I 91 8.04 5.79 -28.23
N ASP I 92 7.19 6.63 -27.63
CA ASP I 92 7.28 8.09 -27.80
C ASP I 92 8.41 8.75 -26.98
N ILE I 93 9.09 7.98 -26.12
CA ILE I 93 10.20 8.51 -25.32
C ILE I 93 11.39 7.56 -25.28
N TRP I 94 12.50 8.05 -24.74
CA TRP I 94 13.66 7.21 -24.52
C TRP I 94 13.38 6.31 -23.34
N THR I 95 13.83 5.06 -23.44
CA THR I 95 13.77 4.12 -22.33
C THR I 95 15.13 3.42 -22.15
N PRO I 96 15.46 3.04 -20.89
CA PRO I 96 16.72 2.36 -20.60
C PRO I 96 16.77 0.90 -21.08
N ASP I 97 17.95 0.47 -21.50
CA ASP I 97 18.17 -0.86 -22.08
C ASP I 97 18.43 -1.94 -21.00
N ILE I 98 17.63 -1.93 -19.94
CA ILE I 98 17.82 -2.84 -18.83
C ILE I 98 17.51 -4.25 -19.30
N THR I 99 18.35 -5.19 -18.92
CA THR I 99 18.32 -6.55 -19.46
C THR I 99 18.58 -7.60 -18.38
N ALA I 100 17.80 -8.67 -18.41
CA ALA I 100 18.12 -9.86 -17.64
C ALA I 100 19.31 -10.55 -18.31
N TYR I 101 20.45 -10.56 -17.61
CA TYR I 101 21.69 -11.08 -18.20
C TYR I 101 21.70 -12.60 -18.40
N SER I 102 20.90 -13.33 -17.62
CA SER I 102 20.91 -14.79 -17.67
C SER I 102 19.67 -15.39 -18.38
N SER I 103 19.02 -14.62 -19.25
CA SER I 103 17.81 -15.14 -19.89
C SER I 103 18.14 -16.27 -20.84
N THR I 104 17.20 -17.20 -21.02
CA THR I 104 17.35 -18.28 -21.99
C THR I 104 16.34 -18.21 -23.13
N ARG I 105 15.36 -17.31 -23.03
CA ARG I 105 14.38 -17.06 -24.08
C ARG I 105 14.18 -15.55 -24.20
N PRO I 106 13.59 -15.09 -25.31
CA PRO I 106 13.19 -13.69 -25.36
C PRO I 106 12.14 -13.37 -24.30
N VAL I 107 12.30 -12.25 -23.63
CA VAL I 107 11.33 -11.81 -22.64
C VAL I 107 9.97 -11.58 -23.31
N GLN I 108 8.90 -12.03 -22.64
CA GLN I 108 7.55 -11.86 -23.15
C GLN I 108 6.87 -10.75 -22.36
N VAL I 109 6.34 -9.77 -23.08
CA VAL I 109 5.70 -8.61 -22.46
C VAL I 109 4.23 -8.93 -22.21
N LEU I 110 3.77 -8.64 -20.99
CA LEU I 110 2.41 -8.96 -20.56
C LEU I 110 1.53 -7.72 -20.32
N SER I 111 2.11 -6.53 -20.35
CA SER I 111 1.36 -5.31 -20.05
C SER I 111 1.51 -4.30 -21.16
N PRO I 112 0.55 -3.36 -21.27
CA PRO I 112 0.70 -2.22 -22.17
C PRO I 112 2.01 -1.46 -21.93
N GLN I 113 2.65 -1.04 -23.01
CA GLN I 113 3.92 -0.32 -22.94
C GLN I 113 3.65 1.18 -22.86
N ILE I 114 3.20 1.61 -21.70
CA ILE I 114 2.82 2.99 -21.49
C ILE I 114 3.48 3.51 -20.22
N ALA I 115 4.08 4.70 -20.31
CA ALA I 115 4.78 5.31 -19.19
C ALA I 115 4.06 6.57 -18.71
N VAL I 116 4.29 6.94 -17.45
CA VAL I 116 3.74 8.17 -16.89
C VAL I 116 4.87 9.19 -16.78
N VAL I 117 4.66 10.37 -17.34
CA VAL I 117 5.64 11.46 -17.27
C VAL I 117 5.07 12.59 -16.41
N THR I 118 5.87 13.04 -15.43
CA THR I 118 5.47 14.12 -14.51
C THR I 118 6.26 15.40 -14.82
N HIS I 119 5.71 16.54 -14.44
CA HIS I 119 6.24 17.87 -14.82
C HIS I 119 7.69 18.14 -14.39
N ASP I 120 8.16 17.46 -13.35
CA ASP I 120 9.56 17.55 -12.94
C ASP I 120 10.48 16.72 -13.84
N GLY I 121 9.91 16.08 -14.85
CA GLY I 121 10.67 15.34 -15.85
C GLY I 121 10.90 13.90 -15.47
N SER I 122 10.29 13.45 -14.38
CA SER I 122 10.43 12.07 -13.93
C SER I 122 9.51 11.16 -14.73
N VAL I 123 10.03 9.98 -15.06
CA VAL I 123 9.27 8.99 -15.82
C VAL I 123 9.12 7.76 -14.96
N MET I 124 7.92 7.15 -14.97
CA MET I 124 7.72 5.86 -14.36
C MET I 124 7.18 4.90 -15.40
N PHE I 125 7.84 3.76 -15.53
CA PHE I 125 7.51 2.78 -16.55
C PHE I 125 7.57 1.41 -15.88
N ILE I 126 6.47 0.67 -15.96
CA ILE I 126 6.37 -0.57 -15.23
C ILE I 126 5.85 -1.65 -16.17
N PRO I 127 6.74 -2.25 -16.96
CA PRO I 127 6.39 -3.42 -17.76
C PRO I 127 6.25 -4.70 -16.96
N ALA I 128 5.16 -5.43 -17.18
CA ALA I 128 5.01 -6.80 -16.68
C ALA I 128 5.58 -7.77 -17.73
N GLN I 129 6.32 -8.78 -17.27
CA GLN I 129 7.05 -9.67 -18.16
C GLN I 129 7.11 -11.12 -17.69
N ARG I 130 7.20 -12.04 -18.66
CA ARG I 130 7.56 -13.42 -18.36
C ARG I 130 8.98 -13.67 -18.84
N LEU I 131 9.81 -14.15 -17.92
CA LEU I 131 11.21 -14.36 -18.16
C LEU I 131 11.57 -15.83 -17.89
N SER I 132 12.22 -16.47 -18.85
CA SER I 132 12.88 -17.75 -18.60
C SER I 132 14.36 -17.47 -18.41
N PHE I 133 14.93 -17.97 -17.33
CA PHE I 133 16.35 -17.75 -17.04
C PHE I 133 17.06 -18.99 -16.44
N MET I 134 18.39 -18.91 -16.39
CA MET I 134 19.20 -20.05 -15.98
C MET I 134 19.08 -20.27 -14.48
N CYS I 135 18.70 -21.49 -14.11
CA CYS I 135 18.34 -21.78 -12.75
C CYS I 135 18.30 -23.28 -12.46
N ASP I 136 19.16 -23.73 -11.54
CA ASP I 136 19.15 -25.10 -11.08
C ASP I 136 18.19 -25.22 -9.89
N PRO I 137 17.00 -25.82 -10.13
CA PRO I 137 16.00 -25.95 -9.08
C PRO I 137 16.19 -27.17 -8.15
N THR I 138 17.39 -27.74 -8.12
CA THR I 138 17.71 -28.77 -7.14
C THR I 138 17.48 -28.17 -5.75
N GLY I 139 16.78 -28.93 -4.90
CA GLY I 139 16.45 -28.47 -3.56
C GLY I 139 15.03 -27.94 -3.44
N VAL I 140 14.36 -27.71 -4.57
CA VAL I 140 13.01 -27.13 -4.55
C VAL I 140 11.98 -28.05 -3.87
N ASP I 141 12.25 -29.36 -3.86
CA ASP I 141 11.40 -30.36 -3.19
C ASP I 141 11.80 -30.62 -1.72
N SER I 142 12.69 -29.80 -1.18
CA SER I 142 13.14 -29.93 0.20
C SER I 142 12.73 -28.69 1.01
N GLU I 143 13.01 -28.72 2.31
CA GLU I 143 12.70 -27.61 3.20
C GLU I 143 13.62 -26.42 2.97
N GLU I 144 14.88 -26.70 2.63
CA GLU I 144 15.87 -25.67 2.32
C GLU I 144 15.48 -24.88 1.06
N GLY I 145 14.76 -25.55 0.16
CA GLY I 145 14.35 -24.94 -1.09
C GLY I 145 15.49 -24.82 -2.07
N ALA I 146 15.20 -24.23 -3.23
CA ALA I 146 16.19 -23.93 -4.24
C ALA I 146 16.56 -22.46 -4.09
N THR I 147 17.73 -22.09 -4.59
CA THR I 147 18.15 -20.70 -4.65
C THR I 147 18.50 -20.35 -6.09
N CYS I 148 17.91 -19.28 -6.61
CA CYS I 148 18.28 -18.80 -7.93
C CYS I 148 18.52 -17.30 -7.97
N ALA I 149 19.46 -16.90 -8.81
CA ALA I 149 19.88 -15.51 -8.91
C ALA I 149 19.89 -15.11 -10.37
N VAL I 150 19.38 -13.92 -10.64
CA VAL I 150 19.41 -13.37 -11.98
C VAL I 150 19.75 -11.88 -11.87
N LYS I 151 20.72 -11.44 -12.66
CA LYS I 151 21.24 -10.08 -12.59
C LYS I 151 20.67 -9.22 -13.72
N PHE I 152 20.33 -7.99 -13.38
CA PHE I 152 19.78 -7.03 -14.33
C PHE I 152 20.70 -5.82 -14.46
N GLY I 153 20.77 -5.27 -15.66
CA GLY I 153 21.50 -4.03 -15.86
C GLY I 153 21.50 -3.60 -17.31
N SER I 154 22.15 -2.48 -17.59
CA SER I 154 22.28 -1.98 -18.95
C SER I 154 23.15 -2.92 -19.77
N TRP I 155 22.76 -3.14 -21.01
CA TRP I 155 23.54 -3.96 -21.94
C TRP I 155 24.78 -3.22 -22.46
N VAL I 156 24.64 -1.93 -22.76
CA VAL I 156 25.74 -1.20 -23.42
C VAL I 156 26.38 -0.06 -22.59
N TYR I 157 25.64 0.51 -21.63
CA TYR I 157 26.16 1.63 -20.85
C TYR I 157 26.90 1.18 -19.60
N SER I 158 27.98 1.89 -19.28
CA SER I 158 28.70 1.68 -18.04
C SER I 158 28.04 2.50 -16.94
N GLY I 159 28.56 2.35 -15.72
CA GLY I 159 28.10 3.12 -14.57
C GLY I 159 28.36 4.60 -14.70
N PHE I 160 29.26 4.99 -15.60
CA PHE I 160 29.49 6.42 -15.87
C PHE I 160 28.31 7.08 -16.58
N GLU I 161 27.54 6.30 -17.35
CA GLU I 161 26.42 6.86 -18.11
C GLU I 161 25.11 6.55 -17.40
N ILE I 162 24.93 5.29 -17.03
CA ILE I 162 23.71 4.83 -16.38
C ILE I 162 24.03 4.23 -15.02
N ASP I 163 23.68 4.97 -13.98
CA ASP I 163 23.83 4.52 -12.61
C ASP I 163 22.51 3.86 -12.18
N LEU I 164 22.58 2.61 -11.73
CA LEU I 164 21.42 1.90 -11.23
C LEU I 164 21.31 2.06 -9.72
N LYS I 165 20.09 2.22 -9.22
CA LYS I 165 19.85 2.11 -7.78
C LYS I 165 18.55 1.38 -7.50
N THR I 166 18.41 0.94 -6.26
CA THR I 166 17.18 0.39 -5.76
C THR I 166 16.75 1.34 -4.66
N ASP I 167 15.46 1.36 -4.35
CA ASP I 167 14.96 2.10 -3.19
C ASP I 167 15.01 1.23 -1.95
N THR I 168 14.82 -0.08 -2.13
CA THR I 168 14.98 -1.06 -1.05
C THR I 168 15.63 -2.30 -1.59
N ASP I 169 16.21 -3.11 -0.72
CA ASP I 169 16.77 -4.39 -1.16
C ASP I 169 15.75 -5.54 -1.07
N GLN I 170 14.57 -5.27 -0.50
CA GLN I 170 13.52 -6.27 -0.41
C GLN I 170 12.59 -6.20 -1.64
N VAL I 171 12.39 -7.34 -2.28
CA VAL I 171 11.53 -7.45 -3.44
C VAL I 171 10.08 -7.43 -2.98
N ASP I 172 9.21 -6.80 -3.75
CA ASP I 172 7.80 -6.72 -3.42
C ASP I 172 7.10 -8.06 -3.69
N LEU I 173 6.71 -8.73 -2.60
CA LEU I 173 6.07 -10.04 -2.68
C LEU I 173 4.62 -9.96 -2.22
N SER I 174 4.09 -8.74 -2.06
CA SER I 174 2.78 -8.56 -1.48
C SER I 174 1.68 -9.04 -2.42
N SER I 175 2.04 -9.19 -3.70
CA SER I 175 1.10 -9.63 -4.72
C SER I 175 1.48 -10.99 -5.31
N TYR I 176 2.36 -11.73 -4.65
CA TYR I 176 2.77 -13.05 -5.14
C TYR I 176 1.58 -13.99 -5.11
N TYR I 177 1.36 -14.71 -6.20
CA TYR I 177 0.20 -15.57 -6.34
C TYR I 177 0.13 -16.62 -5.21
N ALA I 178 -0.94 -16.56 -4.43
CA ALA I 178 -1.09 -17.36 -3.21
C ALA I 178 -1.24 -18.86 -3.46
N SER I 179 -1.71 -19.22 -4.65
CA SER I 179 -1.94 -20.62 -5.00
C SER I 179 -0.91 -21.10 -6.03
N SER I 180 0.22 -20.41 -6.10
CA SER I 180 1.32 -20.83 -6.96
C SER I 180 1.84 -22.20 -6.56
N LYS I 181 2.40 -22.91 -7.54
CA LYS I 181 3.09 -24.17 -7.28
C LYS I 181 4.29 -23.99 -6.37
N TYR I 182 4.90 -22.81 -6.43
CA TYR I 182 6.09 -22.53 -5.65
C TYR I 182 5.86 -21.42 -4.65
N GLU I 183 6.40 -21.62 -3.45
CA GLU I 183 6.32 -20.68 -2.35
C GLU I 183 7.63 -19.90 -2.31
N ILE I 184 7.58 -18.62 -2.00
CA ILE I 184 8.78 -17.78 -1.91
C ILE I 184 9.23 -17.68 -0.46
N LEU I 185 10.44 -18.15 -0.17
CA LEU I 185 11.00 -18.11 1.18
C LEU I 185 11.63 -16.74 1.42
N SER I 186 12.35 -16.24 0.43
CA SER I 186 12.81 -14.86 0.44
C SER I 186 13.17 -14.40 -0.97
N ALA I 187 13.28 -13.08 -1.10
CA ALA I 187 13.58 -12.44 -2.36
C ALA I 187 14.22 -11.08 -2.11
N THR I 188 15.48 -10.94 -2.51
CA THR I 188 16.21 -9.70 -2.30
C THR I 188 16.68 -9.13 -3.65
N GLN I 189 16.90 -7.83 -3.67
CA GLN I 189 17.38 -7.13 -4.87
C GLN I 189 18.53 -6.24 -4.44
N THR I 190 19.72 -6.54 -4.92
CA THR I 190 20.93 -5.89 -4.43
C THR I 190 21.75 -5.29 -5.55
N ARG I 191 22.02 -3.99 -5.45
CA ARG I 191 22.94 -3.30 -6.32
C ARG I 191 24.35 -3.83 -6.12
N GLN I 192 25.06 -4.06 -7.22
CA GLN I 192 26.45 -4.54 -7.17
C GLN I 192 27.33 -3.81 -8.18
N VAL I 193 28.61 -3.66 -7.85
CA VAL I 193 29.58 -3.00 -8.72
C VAL I 193 30.61 -4.04 -9.19
N GLN I 194 31.11 -3.86 -10.41
CA GLN I 194 32.15 -4.69 -10.98
C GLN I 194 33.11 -3.86 -11.78
N HIS I 195 34.25 -4.46 -12.08
CA HIS I 195 35.22 -3.91 -13.01
C HIS I 195 35.72 -5.06 -13.86
N TYR I 196 36.20 -4.77 -15.05
CA TYR I 196 36.75 -5.80 -15.93
C TYR I 196 38.18 -5.44 -16.30
N SER I 197 39.03 -6.44 -16.46
CA SER I 197 40.47 -6.25 -16.68
C SER I 197 40.78 -5.82 -18.13
N CYS I 198 40.13 -4.73 -18.53
CA CYS I 198 40.15 -4.23 -19.92
C CYS I 198 39.83 -2.75 -19.95
N CYS I 199 38.99 -2.36 -19.01
CA CYS I 199 38.10 -1.25 -19.15
C CYS I 199 38.20 -0.38 -17.89
N PRO I 200 38.38 0.94 -18.05
CA PRO I 200 38.56 1.82 -16.89
C PRO I 200 37.27 2.13 -16.10
N GLU I 201 36.11 1.73 -16.61
CA GLU I 201 34.83 2.19 -16.06
C GLU I 201 34.28 1.25 -14.96
N PRO I 202 33.43 1.78 -14.06
CA PRO I 202 32.61 0.96 -13.16
C PRO I 202 31.32 0.46 -13.84
N TYR I 203 30.93 -0.79 -13.56
CA TYR I 203 29.74 -1.41 -14.18
C TYR I 203 28.73 -1.87 -13.12
N ILE I 204 27.46 -1.50 -13.32
CA ILE I 204 26.44 -1.72 -12.29
C ILE I 204 25.43 -2.78 -12.74
N ASP I 205 24.99 -3.58 -11.76
CA ASP I 205 23.90 -4.52 -11.96
C ASP I 205 23.08 -4.62 -10.67
N VAL I 206 21.84 -5.08 -10.80
CA VAL I 206 21.02 -5.40 -9.63
C VAL I 206 20.78 -6.90 -9.62
N ASN I 207 21.22 -7.55 -8.55
CA ASN I 207 21.13 -8.99 -8.39
C ASN I 207 19.83 -9.39 -7.69
N LEU I 208 18.95 -10.08 -8.42
CA LEU I 208 17.72 -10.63 -7.84
C LEU I 208 17.99 -12.06 -7.35
N VAL I 209 17.91 -12.27 -6.04
CA VAL I 209 18.12 -13.59 -5.44
C VAL I 209 16.82 -14.09 -4.87
N VAL I 210 16.28 -15.16 -5.44
CA VAL I 210 15.01 -15.74 -5.01
C VAL I 210 15.20 -17.15 -4.45
N LYS I 211 14.82 -17.32 -3.18
CA LYS I 211 14.83 -18.62 -2.53
C LYS I 211 13.38 -19.12 -2.51
N PHE I 212 13.13 -20.29 -3.09
CA PHE I 212 11.76 -20.81 -3.24
C PHE I 212 11.66 -22.33 -3.13
N ARG I 213 10.46 -22.83 -2.82
CA ARG I 213 10.23 -24.28 -2.72
C ARG I 213 8.81 -24.70 -3.10
N GLU I 214 8.62 -25.97 -3.41
CA GLU I 214 7.29 -26.52 -3.73
C GLU I 214 6.31 -26.31 -2.56
N ARG I 215 5.15 -25.75 -2.88
CA ARG I 215 4.11 -25.49 -1.87
C ARG I 215 3.59 -26.80 -1.28
N ARG I 216 3.22 -26.79 -0.01
CA ARG I 216 2.88 -28.01 0.74
C ARG I 216 1.49 -27.92 1.39
N ASP J 5 -25.96 6.09 -58.22
CA ASP J 5 -25.25 7.38 -57.93
C ASP J 5 -25.43 7.87 -56.50
N ASP J 6 -26.56 7.54 -55.89
CA ASP J 6 -26.75 7.77 -54.45
C ASP J 6 -25.72 6.99 -53.62
N LYS J 7 -25.27 5.86 -54.18
CA LYS J 7 -24.32 4.95 -53.52
C LYS J 7 -22.86 5.29 -53.79
N LEU J 8 -22.58 6.02 -54.87
CA LEU J 8 -21.27 6.63 -55.07
C LEU J 8 -21.07 7.74 -54.04
N HIS J 9 -22.15 8.48 -53.78
CA HIS J 9 -22.15 9.55 -52.78
C HIS J 9 -22.07 9.02 -51.35
N SER J 10 -22.74 7.91 -51.05
CA SER J 10 -22.67 7.32 -49.71
C SER J 10 -21.23 6.95 -49.40
N GLN J 11 -20.56 6.33 -50.36
CA GLN J 11 -19.13 6.04 -50.26
C GLN J 11 -18.31 7.30 -50.06
N ALA J 12 -18.57 8.32 -50.87
CA ALA J 12 -17.87 9.59 -50.75
C ALA J 12 -18.09 10.22 -49.37
N ASN J 13 -19.31 10.16 -48.86
CA ASN J 13 -19.64 10.71 -47.54
C ASN J 13 -18.90 10.01 -46.39
N LEU J 14 -18.76 8.69 -46.49
CA LEU J 14 -18.08 7.93 -45.45
C LEU J 14 -16.57 8.21 -45.48
N MET J 15 -15.97 8.15 -46.67
CA MET J 15 -14.55 8.46 -46.82
C MET J 15 -14.23 9.84 -46.25
N ARG J 16 -15.12 10.80 -46.50
CA ARG J 16 -14.94 12.17 -46.04
C ARG J 16 -15.06 12.28 -44.52
N LEU J 17 -16.06 11.62 -43.95
CA LEU J 17 -16.25 11.57 -42.50
C LEU J 17 -15.02 11.00 -41.80
N LYS J 18 -14.55 9.85 -42.27
CA LYS J 18 -13.38 9.19 -41.69
C LYS J 18 -12.15 10.10 -41.83
N SER J 19 -12.07 10.83 -42.93
CA SER J 19 -11.00 11.81 -43.13
C SER J 19 -11.13 13.00 -42.15
N ASP J 20 -12.34 13.52 -41.99
CA ASP J 20 -12.60 14.61 -41.03
C ASP J 20 -12.20 14.21 -39.61
N LEU J 21 -12.53 12.99 -39.22
CA LEU J 21 -12.31 12.53 -37.85
C LEU J 21 -10.87 12.17 -37.54
N PHE J 22 -10.25 11.34 -38.36
CA PHE J 22 -8.92 10.76 -38.04
C PHE J 22 -7.74 11.44 -38.72
N ASN J 23 -8.00 12.32 -39.69
CA ASN J 23 -6.94 12.85 -40.55
C ASN J 23 -6.79 14.36 -40.46
N ARG J 24 -7.91 15.07 -40.51
CA ARG J 24 -7.92 16.52 -40.36
C ARG J 24 -8.58 16.92 -39.03
N SER J 25 -8.06 16.32 -37.96
CA SER J 25 -8.41 16.65 -36.58
C SER J 25 -7.39 15.99 -35.65
N PRO J 26 -7.01 16.66 -34.56
CA PRO J 26 -5.94 16.16 -33.67
C PRO J 26 -6.19 14.76 -33.07
N MET J 27 -5.13 13.96 -33.00
CA MET J 27 -5.19 12.58 -32.48
C MET J 27 -5.54 12.63 -30.98
N TYR J 28 -6.57 11.89 -30.56
CA TYR J 28 -7.06 11.94 -29.17
C TYR J 28 -6.04 11.38 -28.16
N PRO J 29 -5.59 12.23 -27.20
CA PRO J 29 -4.44 11.89 -26.35
C PRO J 29 -4.77 11.03 -25.14
N GLY J 30 -6.04 10.63 -24.98
CA GLY J 30 -6.46 9.84 -23.82
C GLY J 30 -7.11 10.67 -22.72
N PRO J 31 -7.62 10.00 -21.67
CA PRO J 31 -8.33 10.68 -20.59
C PRO J 31 -7.42 11.39 -19.61
N THR J 32 -8.00 12.30 -18.85
CA THR J 32 -7.30 12.99 -17.77
C THR J 32 -8.22 13.15 -16.56
N LYS J 33 -7.65 13.63 -15.47
CA LYS J 33 -8.40 13.99 -14.28
C LYS J 33 -9.49 15.03 -14.57
N ASP J 34 -9.19 15.99 -15.45
CA ASP J 34 -10.14 17.03 -15.85
C ASP J 34 -11.20 16.54 -16.83
N ASP J 35 -10.87 15.47 -17.56
CA ASP J 35 -11.72 14.93 -18.64
C ASP J 35 -11.79 13.41 -18.48
N PRO J 36 -12.49 12.92 -17.44
CA PRO J 36 -12.56 11.48 -17.17
C PRO J 36 -13.45 10.72 -18.14
N LEU J 37 -13.16 9.44 -18.31
CA LEU J 37 -13.84 8.61 -19.27
C LEU J 37 -14.34 7.33 -18.60
N THR J 38 -15.61 7.00 -18.83
CA THR J 38 -16.18 5.77 -18.31
C THR J 38 -16.12 4.70 -19.38
N VAL J 39 -15.52 3.55 -19.05
CA VAL J 39 -15.50 2.39 -19.94
C VAL J 39 -16.31 1.24 -19.34
N THR J 40 -17.27 0.75 -20.11
CA THR J 40 -18.08 -0.36 -19.67
C THR J 40 -17.54 -1.65 -20.26
N LEU J 41 -17.42 -2.64 -19.38
CA LEU J 41 -16.81 -3.91 -19.69
C LEU J 41 -17.80 -5.04 -19.48
N GLY J 42 -17.83 -5.99 -20.40
CA GLY J 42 -18.64 -7.18 -20.26
C GLY J 42 -17.88 -8.35 -20.83
N PHE J 43 -18.00 -9.52 -20.22
CA PHE J 43 -17.34 -10.71 -20.74
C PHE J 43 -18.33 -11.74 -21.25
N THR J 44 -17.99 -12.33 -22.38
CA THR J 44 -18.69 -13.49 -22.91
C THR J 44 -17.70 -14.65 -22.95
N LEU J 45 -17.99 -15.69 -22.18
CA LEU J 45 -17.09 -16.82 -22.07
C LEU J 45 -17.47 -17.87 -23.11
N GLN J 46 -16.49 -18.22 -23.94
CA GLN J 46 -16.69 -19.12 -25.08
C GLN J 46 -16.23 -20.54 -24.76
N ASP J 47 -15.08 -20.67 -24.11
CA ASP J 47 -14.51 -21.99 -23.84
C ASP J 47 -13.37 -21.91 -22.84
N ILE J 48 -13.33 -22.89 -21.93
CA ILE J 48 -12.13 -23.15 -21.14
C ILE J 48 -11.44 -24.28 -21.87
N VAL J 49 -10.29 -23.99 -22.45
CA VAL J 49 -9.60 -24.94 -23.31
C VAL J 49 -8.72 -25.91 -22.52
N LYS J 50 -8.01 -25.38 -21.52
CA LYS J 50 -7.00 -26.16 -20.83
C LYS J 50 -6.88 -25.74 -19.37
N ALA J 51 -6.78 -26.72 -18.47
CA ALA J 51 -6.48 -26.49 -17.06
C ALA J 51 -5.21 -27.27 -16.76
N ASP J 52 -4.13 -26.54 -16.48
CA ASP J 52 -2.83 -27.16 -16.29
C ASP J 52 -2.48 -27.19 -14.81
N SER J 53 -2.73 -28.34 -14.19
CA SER J 53 -2.43 -28.54 -12.78
C SER J 53 -0.92 -28.64 -12.50
N SER J 54 -0.09 -28.85 -13.52
CA SER J 54 1.36 -28.94 -13.33
C SER J 54 2.01 -27.57 -13.15
N THR J 55 1.40 -26.53 -13.72
CA THR J 55 1.91 -25.16 -13.64
C THR J 55 0.90 -24.18 -13.03
N ASN J 56 -0.31 -24.63 -12.73
CA ASN J 56 -1.42 -23.76 -12.28
C ASN J 56 -1.69 -22.60 -13.25
N GLU J 57 -1.92 -22.98 -14.50
CA GLU J 57 -2.34 -22.08 -15.55
C GLU J 57 -3.60 -22.62 -16.18
N VAL J 58 -4.59 -21.75 -16.36
CA VAL J 58 -5.77 -22.11 -17.11
C VAL J 58 -5.82 -21.24 -18.34
N ASP J 59 -6.19 -21.84 -19.48
CA ASP J 59 -6.33 -21.14 -20.74
C ASP J 59 -7.82 -20.95 -21.07
N LEU J 60 -8.16 -19.72 -21.44
CA LEU J 60 -9.53 -19.26 -21.55
C LEU J 60 -9.74 -18.59 -22.91
N VAL J 61 -10.88 -18.84 -23.55
CA VAL J 61 -11.26 -18.12 -24.74
C VAL J 61 -12.56 -17.36 -24.46
N TYR J 62 -12.53 -16.04 -24.66
CA TYR J 62 -13.69 -15.19 -24.38
C TYR J 62 -13.71 -13.96 -25.26
N TYR J 63 -14.89 -13.36 -25.41
CA TYR J 63 -15.03 -12.04 -26.04
C TYR J 63 -15.14 -11.00 -24.93
N GLU J 64 -14.36 -9.94 -25.06
CA GLU J 64 -14.36 -8.86 -24.10
C GLU J 64 -15.03 -7.64 -24.75
N GLN J 65 -16.25 -7.32 -24.31
CA GLN J 65 -16.95 -6.17 -24.87
C GLN J 65 -16.53 -4.88 -24.17
N GLN J 66 -16.08 -3.91 -24.96
CA GLN J 66 -15.64 -2.62 -24.46
C GLN J 66 -16.46 -1.50 -25.07
N ARG J 67 -17.01 -0.65 -24.21
CA ARG J 67 -17.77 0.52 -24.65
C ARG J 67 -17.31 1.81 -23.97
N TRP J 68 -17.21 2.87 -24.76
CA TRP J 68 -16.91 4.19 -24.24
C TRP J 68 -17.40 5.22 -25.25
N LYS J 69 -17.31 6.49 -24.89
CA LYS J 69 -17.87 7.55 -25.71
C LYS J 69 -16.94 8.74 -25.70
N LEU J 70 -16.65 9.31 -26.87
CA LEU J 70 -15.77 10.49 -26.99
C LEU J 70 -16.45 11.60 -27.77
N ASN J 71 -16.46 12.82 -27.22
CA ASN J 71 -17.03 13.96 -27.93
C ASN J 71 -16.33 14.25 -29.26
N SER J 72 -15.02 14.02 -29.32
CA SER J 72 -14.26 14.21 -30.56
C SER J 72 -14.59 13.21 -31.67
N LEU J 73 -15.35 12.15 -31.36
CA LEU J 73 -15.80 11.19 -32.36
C LEU J 73 -17.25 11.42 -32.79
N MET J 74 -17.86 12.51 -32.31
CA MET J 74 -19.24 12.86 -32.69
C MET J 74 -19.32 13.50 -34.06
N TRP J 75 -20.50 13.42 -34.66
CA TRP J 75 -20.80 14.14 -35.89
C TRP J 75 -22.31 14.19 -36.09
N ASP J 76 -22.73 15.10 -36.98
CA ASP J 76 -24.13 15.23 -37.33
C ASP J 76 -24.39 14.41 -38.59
N PRO J 77 -25.20 13.33 -38.49
CA PRO J 77 -25.54 12.54 -39.67
C PRO J 77 -26.06 13.34 -40.88
N ASN J 78 -26.76 14.45 -40.62
CA ASN J 78 -27.27 15.32 -41.70
C ASN J 78 -26.19 15.89 -42.61
N GLU J 79 -24.99 16.09 -42.06
CA GLU J 79 -23.86 16.58 -42.84
C GLU J 79 -23.17 15.46 -43.62
N TYR J 80 -23.52 14.21 -43.35
CA TYR J 80 -22.82 13.07 -43.93
C TYR J 80 -23.77 12.04 -44.56
N GLY J 81 -24.82 12.53 -45.21
CA GLY J 81 -25.78 11.66 -45.90
C GLY J 81 -26.44 10.63 -45.00
N ASN J 82 -26.79 11.03 -43.78
CA ASN J 82 -27.47 10.18 -42.79
C ASN J 82 -26.67 8.96 -42.37
N ILE J 83 -25.35 9.04 -42.45
CA ILE J 83 -24.50 7.99 -41.91
C ILE J 83 -24.56 8.06 -40.40
N THR J 84 -25.08 7.02 -39.74
CA THR J 84 -25.25 7.03 -38.28
C THR J 84 -24.11 6.30 -37.57
N ASP J 85 -23.45 5.38 -38.26
CA ASP J 85 -22.28 4.71 -37.69
C ASP J 85 -21.34 4.20 -38.79
N PHE J 86 -20.16 3.75 -38.38
CA PHE J 86 -19.22 3.16 -39.32
C PHE J 86 -18.27 2.19 -38.63
N ARG J 87 -17.65 1.34 -39.44
CA ARG J 87 -16.66 0.41 -38.98
C ARG J 87 -15.30 0.99 -39.30
N THR J 88 -14.35 0.82 -38.40
CA THR J 88 -12.99 1.24 -38.66
C THR J 88 -12.01 0.39 -37.89
N SER J 89 -10.76 0.38 -38.35
CA SER J 89 -9.71 -0.37 -37.68
C SER J 89 -9.45 0.21 -36.30
N ALA J 90 -9.26 -0.67 -35.33
CA ALA J 90 -8.99 -0.26 -33.95
C ALA J 90 -7.74 0.61 -33.88
N ALA J 91 -6.85 0.46 -34.86
CA ALA J 91 -5.65 1.31 -34.91
C ALA J 91 -5.94 2.78 -35.25
N ASP J 92 -7.05 3.04 -35.92
CA ASP J 92 -7.41 4.42 -36.30
C ASP J 92 -7.87 5.27 -35.11
N ILE J 93 -8.17 4.62 -33.99
CA ILE J 93 -8.76 5.29 -32.84
C ILE J 93 -8.02 4.96 -31.56
N TRP J 94 -8.19 5.80 -30.55
CA TRP J 94 -7.70 5.51 -29.22
C TRP J 94 -8.53 4.37 -28.64
N THR J 95 -7.87 3.43 -27.98
CA THR J 95 -8.56 2.37 -27.23
C THR J 95 -8.01 2.31 -25.79
N PRO J 96 -8.85 1.86 -24.84
CA PRO J 96 -8.37 1.79 -23.46
C PRO J 96 -7.38 0.65 -23.23
N ASP J 97 -6.46 0.84 -22.29
CA ASP J 97 -5.39 -0.12 -22.01
C ASP J 97 -5.78 -1.19 -20.97
N ILE J 98 -6.95 -1.80 -21.16
CA ILE J 98 -7.46 -2.79 -20.22
C ILE J 98 -6.61 -4.05 -20.34
N THR J 99 -6.26 -4.63 -19.20
CA THR J 99 -5.30 -5.71 -19.11
C THR J 99 -5.72 -6.74 -18.08
N ALA J 100 -5.58 -8.00 -18.44
CA ALA J 100 -5.64 -9.08 -17.47
C ALA J 100 -4.42 -8.97 -16.58
N TYR J 101 -4.64 -8.65 -15.31
CA TYR J 101 -3.56 -8.43 -14.37
C TYR J 101 -2.79 -9.71 -13.99
N SER J 102 -3.38 -10.89 -14.15
CA SER J 102 -2.73 -12.12 -13.74
C SER J 102 -2.43 -13.06 -14.92
N SER J 103 -2.20 -12.49 -16.10
CA SER J 103 -1.82 -13.31 -17.25
C SER J 103 -0.42 -13.88 -17.05
N THR J 104 -0.19 -15.07 -17.62
CA THR J 104 1.11 -15.70 -17.58
C THR J 104 1.76 -15.75 -18.95
N ARG J 105 0.99 -15.45 -19.99
CA ARG J 105 1.55 -15.34 -21.35
C ARG J 105 0.89 -14.18 -22.09
N PRO J 106 1.56 -13.65 -23.12
CA PRO J 106 0.91 -12.58 -23.87
C PRO J 106 -0.44 -13.05 -24.39
N VAL J 107 -1.45 -12.21 -24.20
CA VAL J 107 -2.78 -12.47 -24.68
C VAL J 107 -2.75 -12.60 -26.18
N GLN J 108 -3.50 -13.57 -26.69
CA GLN J 108 -3.54 -13.85 -28.12
C GLN J 108 -4.89 -13.40 -28.67
N VAL J 109 -4.86 -12.50 -29.65
CA VAL J 109 -6.07 -11.98 -30.28
C VAL J 109 -6.55 -12.94 -31.37
N LEU J 110 -7.84 -13.23 -31.38
CA LEU J 110 -8.43 -14.21 -32.31
C LEU J 110 -9.37 -13.59 -33.33
N SER J 111 -9.71 -12.32 -33.18
CA SER J 111 -10.70 -11.67 -34.02
C SER J 111 -10.10 -10.46 -34.70
N PRO J 112 -10.68 -10.05 -35.84
CA PRO J 112 -10.33 -8.80 -36.49
C PRO J 112 -10.47 -7.64 -35.50
N GLN J 113 -9.49 -6.75 -35.50
CA GLN J 113 -9.45 -5.67 -34.54
C GLN J 113 -10.07 -4.43 -35.17
N ILE J 114 -11.39 -4.43 -35.15
CA ILE J 114 -12.20 -3.44 -35.82
C ILE J 114 -13.26 -3.03 -34.83
N ALA J 115 -13.53 -1.73 -34.75
CA ALA J 115 -14.53 -1.19 -33.85
C ALA J 115 -15.67 -0.53 -34.63
N VAL J 116 -16.78 -0.33 -33.94
CA VAL J 116 -17.93 0.38 -34.48
C VAL J 116 -18.07 1.71 -33.76
N VAL J 117 -18.11 2.80 -34.53
CA VAL J 117 -18.26 4.14 -34.00
C VAL J 117 -19.61 4.70 -34.43
N THR J 118 -20.39 5.20 -33.48
CA THR J 118 -21.71 5.77 -33.74
C THR J 118 -21.66 7.31 -33.66
N HIS J 119 -22.63 7.97 -34.28
CA HIS J 119 -22.67 9.44 -34.38
C HIS J 119 -22.69 10.20 -33.06
N ASP J 120 -23.22 9.59 -32.00
CA ASP J 120 -23.15 10.20 -30.65
C ASP J 120 -21.76 10.07 -30.02
N GLY J 121 -20.81 9.48 -30.75
CA GLY J 121 -19.43 9.36 -30.32
C GLY J 121 -19.11 8.09 -29.52
N SER J 122 -20.08 7.18 -29.42
CA SER J 122 -19.86 5.94 -28.67
C SER J 122 -19.13 4.91 -29.51
N VAL J 123 -18.23 4.17 -28.87
CA VAL J 123 -17.39 3.21 -29.54
C VAL J 123 -17.68 1.86 -28.94
N MET J 124 -17.81 0.87 -29.82
CA MET J 124 -18.09 -0.48 -29.45
C MET J 124 -16.96 -1.32 -30.02
N PHE J 125 -16.22 -1.97 -29.14
CA PHE J 125 -15.04 -2.73 -29.54
C PHE J 125 -15.04 -4.08 -28.82
N ILE J 126 -15.03 -5.18 -29.58
CA ILE J 126 -15.16 -6.51 -29.00
C ILE J 126 -14.08 -7.48 -29.52
N PRO J 127 -12.87 -7.40 -28.95
CA PRO J 127 -11.85 -8.40 -29.25
C PRO J 127 -12.10 -9.76 -28.59
N ALA J 128 -12.01 -10.82 -29.40
CA ALA J 128 -11.97 -12.17 -28.88
C ALA J 128 -10.51 -12.48 -28.54
N GLN J 129 -10.28 -13.15 -27.43
CA GLN J 129 -8.93 -13.38 -26.96
C GLN J 129 -8.78 -14.78 -26.39
N ARG J 130 -7.56 -15.31 -26.46
CA ARG J 130 -7.16 -16.47 -25.69
C ARG J 130 -6.19 -16.00 -24.62
N LEU J 131 -6.51 -16.28 -23.36
CA LEU J 131 -5.75 -15.83 -22.22
C LEU J 131 -5.28 -17.01 -21.41
N SER J 132 -3.98 -17.06 -21.08
CA SER J 132 -3.46 -17.95 -20.03
C SER J 132 -3.27 -17.13 -18.76
N PHE J 133 -3.79 -17.62 -17.65
CA PHE J 133 -3.69 -16.87 -16.40
C PHE J 133 -3.50 -17.79 -15.19
N MET J 134 -3.13 -17.19 -14.06
CA MET J 134 -2.80 -17.93 -12.84
C MET J 134 -4.04 -18.52 -12.21
N CYS J 135 -4.07 -19.84 -12.09
CA CYS J 135 -5.24 -20.51 -11.59
C CYS J 135 -4.95 -21.95 -11.15
N ASP J 136 -5.23 -22.25 -9.90
CA ASP J 136 -5.13 -23.59 -9.35
C ASP J 136 -6.43 -24.36 -9.63
N PRO J 137 -6.36 -25.41 -10.47
CA PRO J 137 -7.58 -26.14 -10.82
C PRO J 137 -7.91 -27.30 -9.87
N THR J 138 -7.23 -27.38 -8.74
CA THR J 138 -7.53 -28.40 -7.74
C THR J 138 -9.02 -28.42 -7.48
N GLY J 139 -9.60 -29.61 -7.51
CA GLY J 139 -11.03 -29.78 -7.31
C GLY J 139 -11.84 -29.74 -8.60
N VAL J 140 -11.17 -29.58 -9.75
CA VAL J 140 -11.88 -29.54 -11.02
C VAL J 140 -12.47 -30.91 -11.37
N ASP J 141 -11.93 -31.95 -10.74
CA ASP J 141 -12.42 -33.33 -10.91
C ASP J 141 -13.46 -33.75 -9.87
N SER J 142 -14.20 -32.79 -9.30
CA SER J 142 -15.16 -33.09 -8.24
C SER J 142 -16.51 -32.43 -8.51
N GLU J 143 -17.46 -32.61 -7.59
CA GLU J 143 -18.81 -32.06 -7.72
C GLU J 143 -18.82 -30.56 -7.47
N GLU J 144 -18.02 -30.11 -6.50
CA GLU J 144 -17.92 -28.69 -6.15
C GLU J 144 -17.22 -27.89 -7.25
N GLY J 145 -16.31 -28.55 -7.97
CA GLY J 145 -15.54 -27.90 -9.03
C GLY J 145 -14.37 -27.11 -8.47
N ALA J 146 -13.68 -26.40 -9.36
CA ALA J 146 -12.60 -25.49 -8.97
C ALA J 146 -13.06 -24.06 -9.18
N THR J 147 -12.38 -23.12 -8.53
CA THR J 147 -12.69 -21.72 -8.67
C THR J 147 -11.44 -20.96 -9.06
N CYS J 148 -11.57 -20.05 -10.02
CA CYS J 148 -10.49 -19.13 -10.33
C CYS J 148 -10.97 -17.74 -10.68
N ALA J 149 -10.08 -16.78 -10.46
CA ALA J 149 -10.42 -15.38 -10.52
C ALA J 149 -9.31 -14.62 -11.25
N VAL J 150 -9.71 -13.75 -12.16
CA VAL J 150 -8.78 -12.89 -12.85
C VAL J 150 -9.34 -11.46 -12.91
N LYS J 151 -8.51 -10.50 -12.52
CA LYS J 151 -8.90 -9.11 -12.49
C LYS J 151 -8.44 -8.39 -13.75
N PHE J 152 -9.32 -7.50 -14.22
CA PHE J 152 -9.07 -6.71 -15.42
C PHE J 152 -9.13 -5.23 -15.05
N GLY J 153 -8.28 -4.44 -15.69
CA GLY J 153 -8.30 -3.02 -15.47
C GLY J 153 -7.26 -2.31 -16.29
N SER J 154 -7.22 -0.98 -16.16
CA SER J 154 -6.22 -0.18 -16.81
C SER J 154 -4.86 -0.46 -16.17
N TRP J 155 -3.83 -0.50 -17.01
CA TRP J 155 -2.49 -0.69 -16.51
C TRP J 155 -1.95 0.59 -15.90
N VAL J 156 -2.27 1.75 -16.49
CA VAL J 156 -1.66 3.03 -16.06
C VAL J 156 -2.61 4.12 -15.54
N TYR J 157 -3.92 3.95 -15.69
CA TYR J 157 -4.86 4.99 -15.30
C TYR J 157 -5.56 4.67 -13.99
N SER J 158 -5.74 5.70 -13.17
CA SER J 158 -6.53 5.57 -11.95
C SER J 158 -8.00 5.72 -12.27
N GLY J 159 -8.82 5.48 -11.25
CA GLY J 159 -10.27 5.64 -11.34
C GLY J 159 -10.71 7.08 -11.58
N PHE J 160 -9.80 8.03 -11.40
CA PHE J 160 -10.07 9.44 -11.70
C PHE J 160 -9.90 9.79 -13.18
N GLU J 161 -9.31 8.88 -13.96
CA GLU J 161 -9.17 9.06 -15.41
C GLU J 161 -10.02 8.09 -16.20
N ILE J 162 -9.98 6.83 -15.81
CA ILE J 162 -10.82 5.81 -16.39
C ILE J 162 -11.64 5.11 -15.31
N ASP J 163 -12.96 5.32 -15.35
CA ASP J 163 -13.87 4.58 -14.49
C ASP J 163 -14.40 3.36 -15.22
N LEU J 164 -14.28 2.19 -14.62
CA LEU J 164 -14.81 0.96 -15.22
C LEU J 164 -16.18 0.72 -14.65
N LYS J 165 -17.08 0.22 -15.48
CA LYS J 165 -18.31 -0.35 -14.95
C LYS J 165 -18.74 -1.56 -15.76
N THR J 166 -19.71 -2.29 -15.23
CA THR J 166 -20.32 -3.41 -15.92
C THR J 166 -21.80 -3.05 -16.07
N ASP J 167 -22.47 -3.66 -17.04
CA ASP J 167 -23.92 -3.53 -17.19
C ASP J 167 -24.63 -4.52 -16.29
N THR J 168 -24.06 -5.72 -16.22
CA THR J 168 -24.55 -6.77 -15.34
C THR J 168 -23.34 -7.42 -14.68
N ASP J 169 -23.57 -8.18 -13.62
CA ASP J 169 -22.50 -8.98 -13.02
C ASP J 169 -22.59 -10.45 -13.41
N GLN J 170 -23.50 -10.78 -14.32
CA GLN J 170 -23.57 -12.12 -14.86
C GLN J 170 -22.75 -12.17 -16.13
N VAL J 171 -21.78 -13.06 -16.16
CA VAL J 171 -21.00 -13.30 -17.37
C VAL J 171 -21.93 -13.98 -18.38
N ASP J 172 -21.78 -13.63 -19.64
CA ASP J 172 -22.57 -14.23 -20.70
C ASP J 172 -22.02 -15.62 -21.02
N LEU J 173 -22.84 -16.65 -20.77
CA LEU J 173 -22.49 -18.06 -21.02
C LEU J 173 -23.31 -18.69 -22.13
N SER J 174 -24.22 -17.92 -22.73
CA SER J 174 -25.19 -18.44 -23.70
C SER J 174 -24.54 -19.02 -24.94
N SER J 175 -23.34 -18.58 -25.29
CA SER J 175 -22.61 -19.15 -26.43
C SER J 175 -21.41 -20.03 -26.02
N TYR J 176 -21.39 -20.53 -24.79
CA TYR J 176 -20.30 -21.35 -24.30
C TYR J 176 -20.33 -22.75 -24.94
N TYR J 177 -19.18 -23.19 -25.44
CA TYR J 177 -19.08 -24.44 -26.17
C TYR J 177 -19.62 -25.65 -25.37
N ALA J 178 -20.76 -26.18 -25.80
CA ALA J 178 -21.47 -27.23 -25.07
C ALA J 178 -20.69 -28.55 -24.98
N SER J 179 -19.70 -28.74 -25.85
CA SER J 179 -18.85 -29.94 -25.79
C SER J 179 -17.44 -29.60 -25.33
N SER J 180 -17.31 -28.63 -24.42
CA SER J 180 -16.03 -28.33 -23.79
C SER J 180 -15.65 -29.46 -22.83
N LYS J 181 -14.37 -29.55 -22.50
CA LYS J 181 -13.93 -30.49 -21.45
C LYS J 181 -14.45 -30.05 -20.07
N TYR J 182 -14.71 -28.76 -19.92
CA TYR J 182 -15.12 -28.20 -18.64
C TYR J 182 -16.46 -27.49 -18.77
N GLU J 183 -17.39 -27.81 -17.87
CA GLU J 183 -18.66 -27.10 -17.79
C GLU J 183 -18.55 -25.99 -16.75
N ILE J 184 -19.31 -24.92 -16.98
CA ILE J 184 -19.30 -23.75 -16.13
C ILE J 184 -20.46 -23.83 -15.15
N LEU J 185 -20.14 -23.85 -13.85
CA LEU J 185 -21.16 -23.87 -12.80
C LEU J 185 -21.60 -22.44 -12.51
N SER J 186 -20.66 -21.50 -12.54
CA SER J 186 -20.98 -20.07 -12.50
C SER J 186 -19.84 -19.19 -13.01
N ALA J 187 -20.21 -18.01 -13.48
CA ALA J 187 -19.26 -17.03 -13.94
C ALA J 187 -19.83 -15.64 -13.64
N THR J 188 -19.07 -14.84 -12.89
CA THR J 188 -19.50 -13.52 -12.47
C THR J 188 -18.43 -12.49 -12.74
N GLN J 189 -18.86 -11.24 -12.91
CA GLN J 189 -17.97 -10.11 -13.21
C GLN J 189 -18.35 -8.93 -12.30
N THR J 190 -17.44 -8.56 -11.40
CA THR J 190 -17.76 -7.60 -10.34
C THR J 190 -16.80 -6.45 -10.33
N ARG J 191 -17.33 -5.24 -10.38
CA ARG J 191 -16.53 -4.03 -10.20
C ARG J 191 -16.04 -3.97 -8.77
N GLN J 192 -14.74 -3.68 -8.60
CA GLN J 192 -14.13 -3.51 -7.29
C GLN J 192 -13.25 -2.27 -7.27
N VAL J 193 -13.15 -1.65 -6.11
CA VAL J 193 -12.35 -0.45 -5.90
C VAL J 193 -11.20 -0.78 -4.97
N GLN J 194 -10.00 -0.44 -5.40
CA GLN J 194 -8.78 -0.70 -4.65
C GLN J 194 -8.10 0.63 -4.35
N HIS J 195 -7.49 0.72 -3.17
CA HIS J 195 -6.62 1.84 -2.84
C HIS J 195 -5.20 1.34 -2.51
N TYR J 196 -4.20 2.19 -2.75
CA TYR J 196 -2.81 1.87 -2.39
C TYR J 196 -2.33 2.93 -1.42
N SER J 197 -1.59 2.51 -0.39
CA SER J 197 -1.17 3.40 0.70
C SER J 197 -0.43 4.64 0.22
N CYS J 198 0.41 4.48 -0.81
CA CYS J 198 1.16 5.61 -1.39
C CYS J 198 0.28 6.77 -1.82
N CYS J 199 -0.96 6.45 -2.20
CA CYS J 199 -1.73 7.25 -3.13
C CYS J 199 -3.19 7.43 -2.70
N PRO J 200 -3.77 8.64 -2.87
CA PRO J 200 -5.19 8.87 -2.53
C PRO J 200 -6.24 8.52 -3.60
N GLU J 201 -5.84 8.26 -4.84
CA GLU J 201 -6.80 7.98 -5.93
C GLU J 201 -7.43 6.58 -5.77
N PRO J 202 -8.73 6.43 -6.09
CA PRO J 202 -9.28 5.08 -6.22
C PRO J 202 -8.81 4.41 -7.51
N TYR J 203 -8.70 3.08 -7.49
CA TYR J 203 -8.31 2.30 -8.66
C TYR J 203 -9.32 1.19 -8.87
N ILE J 204 -9.77 1.02 -10.11
CA ILE J 204 -10.91 0.20 -10.40
C ILE J 204 -10.49 -1.04 -11.17
N ASP J 205 -11.13 -2.16 -10.86
CA ASP J 205 -10.94 -3.37 -11.61
C ASP J 205 -12.25 -4.14 -11.70
N VAL J 206 -12.32 -5.06 -12.65
CA VAL J 206 -13.44 -5.97 -12.76
C VAL J 206 -12.91 -7.38 -12.50
N ASN J 207 -13.46 -8.02 -11.47
CA ASN J 207 -13.02 -9.34 -11.06
C ASN J 207 -13.89 -10.40 -11.71
N LEU J 208 -13.30 -11.16 -12.63
CA LEU J 208 -13.97 -12.26 -13.30
C LEU J 208 -13.75 -13.54 -12.50
N VAL J 209 -14.82 -14.05 -11.87
CA VAL J 209 -14.75 -15.26 -11.05
C VAL J 209 -15.48 -16.38 -11.76
N VAL J 210 -14.74 -17.42 -12.14
CA VAL J 210 -15.33 -18.56 -12.81
C VAL J 210 -15.18 -19.80 -11.97
N LYS J 211 -16.31 -20.50 -11.77
CA LYS J 211 -16.33 -21.77 -11.10
C LYS J 211 -16.66 -22.87 -12.13
N PHE J 212 -15.79 -23.87 -12.24
CA PHE J 212 -15.91 -24.89 -13.28
C PHE J 212 -15.48 -26.28 -12.83
N ARG J 213 -15.93 -27.30 -13.54
CA ARG J 213 -15.52 -28.68 -13.29
C ARG J 213 -15.43 -29.45 -14.61
N GLU J 214 -14.82 -30.63 -14.56
CA GLU J 214 -14.76 -31.51 -15.73
C GLU J 214 -16.14 -32.04 -16.12
N ARG J 215 -16.43 -32.00 -17.42
CA ARG J 215 -17.67 -32.51 -17.97
C ARG J 215 -17.59 -34.02 -18.04
N ARG J 216 -18.60 -34.71 -17.50
CA ARG J 216 -18.56 -36.17 -17.39
C ARG J 216 -19.14 -36.86 -18.63
O8 MLK K . -0.97 6.49 6.68
C8 MLK K . -1.81 7.35 6.92
C9 MLK K . -1.45 8.80 7.20
C10 MLK K . -2.78 9.45 7.53
C12 MLK K . -2.85 9.96 8.96
C11 MLK K . -3.78 8.34 7.28
O11 MLK K . -4.97 8.50 7.41
N7 MLK K . -3.14 7.20 7.00
C6 MLK K . -3.83 6.10 6.49
C5 MLK K . -4.49 6.15 5.26
C4 MLK K . -5.18 5.04 4.77
C3 MLK K . -5.22 3.84 5.52
C2 MLK K . -4.58 3.75 6.75
C1 MLK K . -3.89 4.85 7.27
C13 MLK K . -3.19 4.75 8.59
O13 MLK K . -2.87 5.75 9.23
O14 MLK K . -2.87 3.44 9.11
C15 MLK K . -2.16 3.28 10.32
C16 MLK K . -1.87 1.80 10.48
C21 MLK K . -3.25 1.11 10.51
C20 MLK K . -3.36 0.04 9.44
C19 MLK K . -2.18 -0.94 9.53
O19 MLK K . -2.26 -1.71 10.73
C22 MLK K . -3.37 -2.59 10.84
C18 MLK K . -0.81 -0.23 9.43
C17 MLK K . -0.96 1.30 9.35
C26 MLK K . 0.10 -0.25 10.65
N23 MLK K . -0.64 0.15 11.89
C24 MLK K . 0.16 -0.02 13.13
C25 MLK K . 0.32 -1.47 13.52
C23 MLK K . -1.19 1.52 11.83
C30 MLK K . -0.07 -0.89 8.24
C33 MLK K . 0.11 -2.41 8.42
C34 MLK K . 1.59 -2.69 8.22
C35 MLK K . 2.38 -2.58 9.52
O35 MLK K . 3.50 -3.48 9.53
C37 MLK K . 3.15 -4.83 9.87
C36 MLK K . 2.90 -1.15 9.81
C31 MLK K . 1.35 -0.42 7.91
C38 MLK K . 1.98 -1.63 7.23
O38 MLK K . 3.39 -1.59 7.00
C39 MLK K . 3.73 -0.67 5.95
C32 MLK K . 2.14 0.01 9.16
O32 MLK K . 3.09 0.98 8.79
C27 MLK K . 1.22 0.70 10.18
O27 MLK K . 2.07 1.21 11.22
C28 MLK K . 0.45 1.86 9.53
O28 MLK K . 1.01 2.27 8.30
C29 MLK K . 0.56 3.55 7.89
O8 MLK L . -29.52 13.77 19.36
C8 MLK L . -29.21 14.74 20.03
C9 MLK L . -28.15 15.72 19.62
C10 MLK L . -28.13 16.69 20.80
C12 MLK L . -26.80 16.67 21.53
C11 MLK L . -29.22 16.19 21.70
O11 MLK L . -29.53 16.71 22.76
N7 MLK L . -29.75 15.09 21.20
C6 MLK L . -30.83 14.47 21.81
C5 MLK L . -32.06 15.11 21.87
C4 MLK L . -33.13 14.48 22.51
C3 MLK L . -32.99 13.22 23.10
C2 MLK L . -31.77 12.55 23.07
C1 MLK L . -30.68 13.14 22.44
C13 MLK L . -29.39 12.41 22.42
O13 MLK L . -28.31 12.96 22.25
O14 MLK L . -29.45 11.00 22.62
C15 MLK L . -28.27 10.23 22.72
C16 MLK L . -28.69 8.79 22.88
C21 MLK L . -29.43 8.74 24.23
C20 MLK L . -30.80 8.11 24.11
C19 MLK L . -30.70 6.75 23.42
O19 MLK L . -29.98 5.82 24.24
C22 MLK L . -30.58 5.50 25.50
C18 MLK L . -30.05 6.88 22.01
C17 MLK L . -29.57 8.29 21.72
C26 MLK L . -28.71 6.18 21.76
N23 MLK L . -27.75 6.48 22.85
C24 MLK L . -26.47 5.72 22.75
C25 MLK L . -26.68 4.24 22.98
C23 MLK L . -27.43 7.92 22.96
C30 MLK L . -31.10 6.37 21.01
C33 MLK L . -31.54 4.92 21.28
C34 MLK L . -31.34 4.17 19.97
C35 MLK L . -29.93 3.58 19.79
O35 MLK L . -29.97 2.48 18.90
C37 MLK L . -30.52 1.27 19.48
C36 MLK L . -28.89 4.56 19.20
C31 MLK L . -30.72 6.34 19.53
C38 MLK L . -31.58 5.25 18.96
O38 MLK L . -31.20 4.82 17.66
C39 MLK L . -32.11 5.18 16.64
C32 MLK L . -29.22 6.06 19.28
O32 MLK L . -28.88 6.70 18.05
C27 MLK L . -28.35 6.73 20.36
O27 MLK L . -26.96 6.66 19.97
C28 MLK L . -28.70 8.20 20.46
O28 MLK L . -29.37 8.67 19.29
C29 MLK L . -29.18 10.09 19.10
O8 MLK M . -24.29 27.73 48.17
C8 MLK M . -23.18 28.19 47.90
C9 MLK M . -22.77 28.67 46.52
C10 MLK M . -21.36 29.21 46.74
C12 MLK M . -20.33 28.59 45.82
C11 MLK M . -21.08 28.87 48.16
O11 MLK M . -20.02 29.11 48.71
N7 MLK M . -22.17 28.35 48.74
C6 MLK M . -22.19 27.98 50.08
C5 MLK M . -22.18 28.95 51.06
C4 MLK M . -22.19 28.59 52.40
C3 MLK M . -22.22 27.25 52.80
C2 MLK M . -22.23 26.24 51.85
C1 MLK M . -22.21 26.54 50.50
C13 MLK M . -22.21 25.42 49.51
O13 MLK M . -21.77 25.54 48.38
O14 MLK M . -22.76 24.16 49.92
C15 MLK M . -22.66 22.98 49.13
C16 MLK M . -23.32 21.86 49.92
C21 MLK M . -22.41 21.64 51.13
C20 MLK M . -23.17 21.72 52.44
C19 MLK M . -24.38 20.80 52.41
O19 MLK M . -23.92 19.45 52.35
C22 MLK M . -23.37 18.90 53.54
C18 MLK M . -25.33 21.13 51.23
C17 MLK M . -24.76 22.21 50.31
C26 MLK M . -25.52 20.06 50.16
N23 MLK M . -24.19 19.54 49.69
C24 MLK M . -24.30 18.39 48.77
C25 MLK M . -24.78 17.13 49.46
C23 MLK M . -23.33 20.58 49.09
C30 MLK M . -26.71 21.44 51.86
C33 MLK M . -27.27 20.29 52.72
C34 MLK M . -28.66 19.98 52.19
C35 MLK M . -28.66 18.97 51.04
O35 MLK M . -29.89 18.23 51.01
C37 MLK M . -29.94 17.15 51.95
C36 MLK M . -28.48 19.59 49.66
C31 MLK M . -27.89 21.74 50.93
C38 MLK M . -29.11 21.35 51.73
O38 MLK M . -30.36 21.28 51.03
C39 MLK M . -30.95 22.56 50.79
C32 MLK M . -27.80 20.98 49.60
O32 MLK M . -28.51 21.77 48.66
C27 MLK M . -26.34 20.85 49.13
O27 MLK M . -26.33 20.27 47.82
C28 MLK M . -25.66 22.22 49.07
O28 MLK M . -26.55 23.32 49.04
C29 MLK M . -25.96 24.57 48.66
O8 MLK N . 7.58 28.50 52.93
C8 MLK N . 7.97 28.62 51.77
C9 MLK N . 7.23 29.41 50.73
C10 MLK N . 8.06 29.23 49.47
C12 MLK N . 7.28 28.53 48.38
C11 MLK N . 9.21 28.41 49.93
O11 MLK N . 10.13 28.06 49.20
N7 MLK N . 9.07 28.10 51.21
C6 MLK N . 10.09 27.45 51.92
C5 MLK N . 11.33 28.07 52.09
C4 MLK N . 12.34 27.42 52.78
C3 MLK N . 12.15 26.14 53.32
C2 MLK N . 10.92 25.49 53.18
C1 MLK N . 9.88 26.09 52.49
C13 MLK N . 8.56 25.38 52.34
O13 MLK N . 7.74 25.68 51.50
O14 MLK N . 8.27 24.28 53.25
C15 MLK N . 7.14 23.44 53.10
C16 MLK N . 7.10 22.47 54.27
C21 MLK N . 8.31 21.56 54.11
C20 MLK N . 9.16 21.48 55.36
C19 MLK N . 8.32 21.16 56.59
O19 MLK N . 7.81 19.82 56.56
C22 MLK N . 8.79 18.79 56.46
C18 MLK N . 7.17 22.16 56.76
C17 MLK N . 7.11 23.19 55.63
C26 MLK N . 5.73 21.65 56.64
N23 MLK N . 5.56 20.85 55.38
C24 MLK N . 4.22 20.19 55.25
C25 MLK N . 4.02 19.03 56.20
C23 MLK N . 5.82 21.62 54.15
C30 MLK N . 7.37 22.77 58.19
C33 MLK N . 7.42 21.68 59.28
C34 MLK N . 6.41 22.09 60.32
C35 MLK N . 5.01 21.56 59.97
O35 MLK N . 4.26 21.28 61.15
C37 MLK N . 4.60 20.02 61.75
C36 MLK N . 4.17 22.52 59.11
C31 MLK N . 6.34 23.77 58.73
C38 MLK N . 6.45 23.59 60.25
O38 MLK N . 5.47 24.20 61.10
C39 MLK N . 5.57 25.63 61.18
C32 MLK N . 4.93 23.50 58.20
O32 MLK N . 4.23 24.75 58.19
C27 MLK N . 4.98 22.99 56.74
O27 MLK N . 3.64 22.97 56.24
C28 MLK N . 5.79 23.93 55.84
O28 MLK N . 6.02 25.23 56.38
C29 MLK N . 6.26 26.23 55.39
O8 MLK O . 21.71 15.75 27.23
C8 MLK O . 20.85 16.08 26.41
C9 MLK O . 20.00 17.33 26.57
C10 MLK O . 19.18 17.36 25.31
C12 MLK O . 17.70 17.39 25.63
C11 MLK O . 19.53 16.08 24.62
O11 MLK O . 19.02 15.74 23.56
N7 MLK O . 20.50 15.45 25.27
C6 MLK O . 21.07 14.26 24.79
C5 MLK O . 21.79 14.26 23.61
C4 MLK O . 22.34 13.07 23.12
C3 MLK O . 22.18 11.86 23.78
C2 MLK O . 21.46 11.79 24.97
C1 MLK O . 20.90 12.96 25.49
C13 MLK O . 20.12 12.87 26.75
O13 MLK O . 19.33 13.72 27.09
O14 MLK O . 20.34 11.71 27.57
C15 MLK O . 19.55 11.47 28.71
C16 MLK O . 20.15 10.27 29.41
C21 MLK O . 19.97 9.09 28.47
C20 MLK O . 21.27 8.34 28.20
C19 MLK O . 21.93 7.98 29.52
O19 MLK O . 21.12 7.07 30.25
C22 MLK O . 20.98 5.76 29.67
C18 MLK O . 22.20 9.23 30.38
C17 MLK O . 21.63 10.51 29.76
C26 MLK O . 21.50 9.32 31.72
N23 MLK O . 20.02 9.08 31.57
C24 MLK O . 19.28 9.02 32.85
C25 MLK O . 19.72 7.84 33.70
C23 MLK O . 19.34 10.04 30.68
C30 MLK O . 23.73 9.27 30.62
C33 MLK O . 24.27 7.96 31.26
C34 MLK O . 25.05 8.39 32.49
C35 MLK O . 24.16 8.50 33.74
O35 MLK O . 24.89 8.20 34.93
C37 MLK O . 25.26 6.81 35.09
C36 MLK O . 23.52 9.89 33.91
C31 MLK O . 24.30 10.36 31.54
C38 MLK O . 25.58 9.74 32.07
O38 MLK O . 26.25 10.42 33.13
C39 MLK O . 26.85 11.64 32.72
C32 MLK O . 23.34 10.76 32.65
O32 MLK O . 23.64 12.10 33.03
C27 MLK O . 21.89 10.74 32.13
O27 MLK O . 21.01 11.33 33.09
C28 MLK O . 21.76 11.55 30.84
O28 MLK O . 22.86 12.40 30.56
C29 MLK O . 22.48 13.60 29.90
O8 MLK P . -21.67 -17.13 -30.65
C8 MLK P . -20.98 -18.04 -31.06
C9 MLK P . -20.08 -18.88 -30.20
C10 MLK P . -19.48 -19.87 -31.19
C12 MLK P . -17.98 -19.77 -31.25
C11 MLK P . -20.07 -19.47 -32.50
O11 MLK P . -19.82 -20.03 -33.55
N7 MLK P . -20.89 -18.45 -32.33
C6 MLK P . -21.71 -17.97 -33.35
C5 MLK P . -22.72 -18.77 -33.89
C4 MLK P . -23.52 -18.27 -34.93
C3 MLK P . -23.32 -16.98 -35.44
C2 MLK P . -22.33 -16.15 -34.92
C1 MLK P . -21.50 -16.61 -33.89
C13 MLK P . -20.44 -15.71 -33.34
O13 MLK P . -19.38 -16.13 -32.88
O14 MLK P . -20.71 -14.30 -33.33
C15 MLK P . -19.64 -13.38 -33.26
C16 MLK P . -20.20 -12.01 -33.61
C21 MLK P . -20.39 -12.01 -35.13
C20 MLK P . -21.76 -11.52 -35.58
C19 MLK P . -22.09 -10.22 -34.87
O19 MLK P . -21.19 -9.20 -35.31
C22 MLK P . -21.47 -8.59 -36.57
C18 MLK P . -22.09 -10.38 -33.34
C17 MLK P . -21.54 -11.74 -32.90
C26 MLK P . -21.11 -9.52 -32.55
N23 MLK P . -19.73 -9.60 -33.17
C24 MLK P . -18.74 -8.67 -32.57
C25 MLK P . -19.03 -7.22 -32.91
C23 MLK P . -19.16 -10.96 -33.18
C30 MLK P . -23.53 -10.10 -32.84
C33 MLK P . -24.07 -8.73 -33.27
C34 MLK P . -24.54 -8.03 -32.00
C35 MLK P . -23.41 -7.27 -31.30
O35 MLK P . -23.90 -6.15 -30.54
C37 MLK P . -24.12 -4.97 -31.34
C36 MLK P . -22.58 -8.12 -30.31
C31 MLK P . -23.80 -10.11 -31.33
C38 MLK P . -25.00 -9.20 -31.17
O38 MLK P . -25.36 -8.80 -29.84
C39 MLK P . -26.01 -9.84 -29.12
C32 MLK P . -22.59 -9.65 -30.52
O32 MLK P . -22.71 -10.21 -29.22
C27 MLK P . -21.27 -10.15 -31.15
O27 MLK P . -20.18 -9.87 -30.28
C28 MLK P . -21.32 -11.66 -31.40
O28 MLK P . -22.34 -12.37 -30.69
C29 MLK P . -22.05 -13.75 -30.47
O8 MLK Q . -3.28 -29.73 -54.95
C8 MLK Q . -2.33 -30.00 -54.23
C9 MLK Q . -2.46 -30.67 -52.88
C10 MLK Q . -1.02 -30.75 -52.38
C12 MLK Q . -0.80 -29.94 -51.11
C11 MLK Q . -0.22 -30.18 -53.51
O11 MLK Q . 1.01 -30.09 -53.49
N7 MLK Q . -1.04 -29.77 -54.48
C6 MLK Q . -0.57 -29.28 -55.70
C5 MLK Q . 0.05 -30.13 -56.60
C4 MLK Q . 0.52 -29.65 -57.81
C3 MLK Q . 0.39 -28.30 -58.15
C2 MLK Q . -0.21 -27.40 -57.29
C1 MLK Q . -0.71 -27.85 -56.06
C13 MLK Q . -1.37 -26.88 -55.14
O13 MLK Q . -1.49 -27.09 -53.95
O14 MLK Q . -1.85 -25.64 -55.71
C15 MLK Q . -2.26 -24.54 -54.93
C16 MLK Q . -2.69 -23.45 -55.88
C21 MLK Q . -1.41 -23.03 -56.62
C20 MLK Q . -1.53 -23.13 -58.12
C19 MLK Q . -2.80 -22.42 -58.61
O19 MLK Q . -2.64 -21.00 -58.47
C22 MLK Q . -1.64 -20.37 -59.28
C18 MLK Q . -4.07 -22.95 -57.92
C17 MLK Q . -3.77 -24.00 -56.84
C26 MLK Q . -4.89 -22.00 -57.02
N23 MLK Q . -3.97 -21.31 -56.07
C24 MLK Q . -4.62 -20.19 -55.34
C25 MLK Q . -4.77 -18.96 -56.22
C23 MLK Q . -3.27 -22.24 -55.13
C30 MLK Q . -5.01 -23.46 -59.04
C33 MLK Q . -5.33 -22.38 -60.09
C34 MLK Q . -6.85 -22.34 -60.19
C35 MLK Q . -7.48 -21.38 -59.19
O35 MLK Q . -8.72 -20.89 -59.73
C37 MLK Q . -8.54 -19.72 -60.55
C36 MLK Q . -7.78 -21.99 -57.81
C31 MLK Q . -6.40 -23.99 -58.65
C38 MLK Q . -7.24 -23.76 -59.90
O38 MLK Q . -8.65 -23.93 -59.74
C39 MLK Q . -9.05 -25.30 -59.70
C32 MLK Q . -7.01 -23.27 -57.44
O32 MLK Q . -7.97 -24.15 -56.83
C27 MLK Q . -5.92 -22.99 -56.41
O27 MLK Q . -6.54 -22.53 -55.21
C28 MLK Q . -5.08 -24.23 -56.09
O28 MLK Q . -5.69 -25.49 -56.43
C29 MLK Q . -5.10 -26.64 -55.82
O8 MLK R . 27.09 -26.23 -46.55
C8 MLK R . 27.12 -26.36 -45.33
C9 MLK R . 26.23 -27.33 -44.58
C10 MLK R . 26.50 -27.03 -43.12
C12 MLK R . 25.34 -26.32 -42.41
C11 MLK R . 27.64 -26.06 -43.18
O11 MLK R . 28.15 -25.63 -42.17
N7 MLK R . 27.86 -25.68 -44.44
C6 MLK R . 28.94 -24.81 -44.74
C5 MLK R . 30.23 -25.18 -44.41
C4 MLK R . 31.31 -24.33 -44.66
C3 MLK R . 31.11 -23.08 -45.25
C2 MLK R . 29.84 -22.66 -45.60
C1 MLK R . 28.73 -23.47 -45.37
C13 MLK R . 27.38 -22.99 -45.75
O13 MLK R . 26.36 -23.60 -45.46
O14 MLK R . 27.31 -21.76 -46.52
C15 MLK R . 26.11 -21.25 -47.06
C16 MLK R . 26.45 -20.23 -48.15
C21 MLK R . 27.39 -19.19 -47.50
C20 MLK R . 28.65 -18.96 -48.32
C19 MLK R . 28.29 -18.69 -49.77
O19 MLK R . 27.60 -17.42 -49.91
C22 MLK R . 28.38 -16.26 -49.59
C18 MLK R . 27.47 -19.84 -50.41
C17 MLK R . 27.07 -20.91 -49.39
C26 MLK R . 26.05 -19.49 -50.90
N23 MLK R . 25.33 -18.73 -49.81
C24 MLK R . 24.00 -18.20 -50.23
C25 MLK R . 24.12 -17.00 -51.17
C23 MLK R . 25.17 -19.49 -48.55
C30 MLK R . 28.29 -20.38 -51.61
C33 MLK R . 28.68 -19.29 -52.64
C34 MLK R . 28.17 -19.78 -53.98
C35 MLK R . 26.71 -19.38 -54.22
O35 MLK R . 26.50 -19.14 -55.61
C37 MLK R . 26.83 -17.80 -56.00
C36 MLK R . 25.69 -20.45 -53.76
C31 MLK R . 27.66 -21.47 -52.49
C38 MLK R . 28.32 -21.28 -53.85
O38 MLK R . 27.69 -21.99 -54.93
C39 MLK R . 28.08 -23.37 -55.00
C32 MLK R . 26.13 -21.36 -52.60
O32 MLK R . 25.64 -22.68 -52.90
C27 MLK R . 25.53 -20.90 -51.25
O27 MLK R . 24.11 -21.01 -51.32
C28 MLK R . 26.02 -21.79 -50.09
O28 MLK R . 26.55 -23.07 -50.49
C29 MLK R . 26.59 -24.04 -49.45
O8 MLK S . 28.58 -12.32 -17.45
C8 MLK S . 27.61 -12.85 -16.89
C9 MLK S . 27.21 -14.30 -17.11
C10 MLK S . 25.90 -14.41 -16.34
C12 MLK S . 24.72 -14.60 -17.27
C11 MLK S . 25.82 -13.10 -15.61
O11 MLK S . 24.93 -12.83 -14.83
N7 MLK S . 26.77 -12.26 -16.04
C6 MLK S . 27.01 -11.00 -15.44
C5 MLK S . 27.26 -10.92 -14.08
C4 MLK S . 27.50 -9.69 -13.49
C3 MLK S . 27.50 -8.50 -14.22
C2 MLK S . 27.26 -8.52 -15.60
C1 MLK S . 27.01 -9.73 -16.24
C13 MLK S . 26.74 -9.73 -17.71
O13 MLK S . 26.25 -10.69 -18.28
O14 MLK S . 27.08 -8.54 -18.46
C15 MLK S . 26.83 -8.46 -19.86
C16 MLK S . 27.47 -7.19 -20.39
C21 MLK S . 26.81 -6.03 -19.63
C20 MLK S . 27.81 -5.13 -18.93
C19 MLK S . 28.86 -4.66 -19.93
O19 MLK S . 28.30 -3.76 -20.90
C22 MLK S . 27.79 -2.52 -20.41
C18 MLK S . 29.59 -5.85 -20.60
C17 MLK S . 28.99 -7.20 -20.20
C26 MLK S . 29.47 -6.04 -22.11
N23 MLK S . 28.03 -5.97 -22.52
C24 MLK S . 27.86 -5.98 -24.01
C25 MLK S . 28.20 -4.66 -24.64
C23 MLK S . 27.18 -7.03 -21.89
C30 MLK S . 31.10 -5.70 -20.23
C33 MLK S . 31.71 -4.35 -20.64
C34 MLK S . 32.92 -4.69 -21.50
C35 MLK S . 32.52 -4.88 -22.96
O35 MLK S . 33.57 -4.40 -23.82
C37 MLK S . 33.50 -2.98 -24.03
C36 MLK S . 32.22 -6.34 -23.33
C31 MLK S . 32.09 -6.73 -20.81
C38 MLK S . 33.41 -5.99 -20.88
O38 MLK S . 34.42 -6.70 -21.62
C39 MLK S . 35.18 -7.62 -20.82
C32 MLK S . 31.68 -7.25 -22.19
O32 MLK S . 32.28 -8.54 -22.34
C27 MLK S . 30.16 -7.41 -22.27
O27 MLK S . 29.85 -8.10 -23.49
C28 MLK S . 29.64 -8.25 -21.10
O28 MLK S . 30.64 -9.02 -20.41
C29 MLK S . 30.12 -10.10 -19.63
O8 MLK T . -1.30 -6.86 -7.87
C8 MLK T . -1.94 -7.77 -8.39
C9 MLK T . -1.34 -9.15 -8.61
C10 MLK T . -2.45 -9.88 -9.34
C12 MLK T . -2.05 -10.22 -10.77
C11 MLK T . -3.60 -8.92 -9.34
O11 MLK T . -4.70 -9.17 -9.82
N7 MLK T . -3.21 -7.75 -8.83
C6 MLK T . -4.13 -6.70 -8.65
C5 MLK T . -5.20 -6.82 -7.77
C4 MLK T . -6.13 -5.78 -7.60
C3 MLK T . -6.00 -4.58 -8.32
C2 MLK T . -4.95 -4.40 -9.21
C1 MLK T . -4.02 -5.42 -9.41
C13 MLK T . -2.91 -5.20 -10.36
O13 MLK T . -2.27 -6.12 -10.84
O14 MLK T . -2.58 -3.85 -10.68
C15 MLK T . -1.44 -3.56 -11.47
C16 MLK T . -1.30 -2.06 -11.56
C21 MLK T . -2.62 -1.54 -12.16
C20 MLK T . -3.28 -0.50 -11.28
C19 MLK T . -2.30 0.61 -10.94
O19 MLK T . -1.99 1.41 -12.09
C22 MLK T . -3.05 2.16 -12.67
C18 MLK T . -1.01 0.07 -10.28
C17 MLK T . -1.00 -1.46 -10.17
C26 MLK T . 0.32 0.21 -11.04
N23 MLK T . 0.17 -0.27 -12.45
C24 MLK T . 1.36 0.00 -13.30
C25 MLK T . 1.59 1.47 -13.57
C23 MLK T . -0.18 -1.70 -12.54
C30 MLK T . -0.89 0.81 -8.94
C33 MLK T . -0.82 2.34 -9.09
C34 MLK T . 0.40 2.80 -8.30
C35 MLK T . 1.65 2.82 -9.17
O35 MLK T . 2.55 3.84 -8.72
C37 MLK T . 2.24 5.14 -9.24
C36 MLK T . 2.40 1.47 -9.18
C31 MLK T . 0.32 0.50 -8.04
C38 MLK T . 0.49 1.77 -7.21
O38 MLK T . 1.71 1.86 -6.47
C39 MLK T . 1.71 1.03 -5.32
C32 MLK T . 1.58 0.20 -8.85
O32 MLK T . 2.38 -0.62 -8.02
C27 MLK T . 1.23 -0.60 -10.10
O27 MLK T . 2.43 -1.02 -10.74
C28 MLK T . 0.41 -1.84 -9.74
O28 MLK T . 0.48 -2.21 -8.37
C29 MLK T . 0.02 -3.53 -8.08
#